data_1GNY
# 
_entry.id   1GNY 
# 
_audit_conform.dict_name       mmcif_pdbx.dic 
_audit_conform.dict_version    5.398 
_audit_conform.dict_location   http://mmcif.pdb.org/dictionaries/ascii/mmcif_pdbx.dic 
# 
loop_
_database_2.database_id 
_database_2.database_code 
_database_2.pdbx_database_accession 
_database_2.pdbx_DOI 
PDB   1GNY         pdb_00001gny 10.2210/pdb1gny/pdb 
PDBE  EBI-8663     ?            ?                   
WWPDB D_1290008663 ?            ?                   
# 
loop_
_pdbx_audit_revision_history.ordinal 
_pdbx_audit_revision_history.data_content_type 
_pdbx_audit_revision_history.major_revision 
_pdbx_audit_revision_history.minor_revision 
_pdbx_audit_revision_history.revision_date 
1 'Structure model' 1 0 2001-11-29 
2 'Structure model' 1 1 2011-05-08 
3 'Structure model' 1 2 2011-07-13 
4 'Structure model' 2 0 2020-07-29 
5 'Structure model' 2 1 2024-05-01 
6 'Structure model' 2 2 2024-11-06 
# 
loop_
_pdbx_audit_revision_details.ordinal 
_pdbx_audit_revision_details.revision_ordinal 
_pdbx_audit_revision_details.data_content_type 
_pdbx_audit_revision_details.provider 
_pdbx_audit_revision_details.type 
_pdbx_audit_revision_details.description 
_pdbx_audit_revision_details.details 
1 1 'Structure model' repository 'Initial release' ?                          ? 
2 4 'Structure model' repository Remediation       'Carbohydrate remediation' ? 
# 
loop_
_pdbx_audit_revision_group.ordinal 
_pdbx_audit_revision_group.revision_ordinal 
_pdbx_audit_revision_group.data_content_type 
_pdbx_audit_revision_group.group 
1  2 'Structure model' 'Version format compliance' 
2  3 'Structure model' 'Version format compliance' 
3  4 'Structure model' 'Atomic model'              
4  4 'Structure model' 'Data collection'           
5  4 'Structure model' 'Derived calculations'      
6  4 'Structure model' Other                       
7  4 'Structure model' 'Structure summary'         
8  5 'Structure model' 'Data collection'           
9  5 'Structure model' 'Database references'       
10 5 'Structure model' 'Derived calculations'      
11 5 'Structure model' 'Refinement description'    
12 5 'Structure model' 'Structure summary'         
13 6 'Structure model' 'Structure summary'         
# 
loop_
_pdbx_audit_revision_category.ordinal 
_pdbx_audit_revision_category.revision_ordinal 
_pdbx_audit_revision_category.data_content_type 
_pdbx_audit_revision_category.category 
1  4 'Structure model' atom_site                     
2  4 'Structure model' chem_comp                     
3  4 'Structure model' entity                        
4  4 'Structure model' pdbx_branch_scheme            
5  4 'Structure model' pdbx_chem_comp_identifier     
6  4 'Structure model' pdbx_database_status          
7  4 'Structure model' pdbx_entity_branch            
8  4 'Structure model' pdbx_entity_branch_descriptor 
9  4 'Structure model' pdbx_entity_branch_link       
10 4 'Structure model' pdbx_entity_branch_list       
11 4 'Structure model' pdbx_entity_nonpoly           
12 4 'Structure model' pdbx_nonpoly_scheme           
13 4 'Structure model' pdbx_struct_assembly_gen      
14 4 'Structure model' pdbx_struct_conn_angle        
15 4 'Structure model' pdbx_struct_special_symmetry  
16 4 'Structure model' struct_asym                   
17 4 'Structure model' struct_conn                   
18 4 'Structure model' struct_conn_type              
19 4 'Structure model' struct_site                   
20 4 'Structure model' struct_site_gen               
21 5 'Structure model' chem_comp                     
22 5 'Structure model' chem_comp_atom                
23 5 'Structure model' chem_comp_bond                
24 5 'Structure model' database_2                    
25 5 'Structure model' pdbx_initial_refinement_model 
26 5 'Structure model' struct_conn                   
27 6 'Structure model' pdbx_entry_details            
28 6 'Structure model' pdbx_modification_feature     
# 
loop_
_pdbx_audit_revision_item.ordinal 
_pdbx_audit_revision_item.revision_ordinal 
_pdbx_audit_revision_item.data_content_type 
_pdbx_audit_revision_item.item 
1  4 'Structure model' '_atom_site.B_iso_or_equiv'                    
2  4 'Structure model' '_atom_site.Cartn_x'                           
3  4 'Structure model' '_atom_site.Cartn_y'                           
4  4 'Structure model' '_atom_site.Cartn_z'                           
5  4 'Structure model' '_atom_site.auth_asym_id'                      
6  4 'Structure model' '_atom_site.auth_atom_id'                      
7  4 'Structure model' '_atom_site.auth_comp_id'                      
8  4 'Structure model' '_atom_site.auth_seq_id'                       
9  4 'Structure model' '_atom_site.label_asym_id'                     
10 4 'Structure model' '_atom_site.label_atom_id'                     
11 4 'Structure model' '_atom_site.label_comp_id'                     
12 4 'Structure model' '_atom_site.label_entity_id'                   
13 4 'Structure model' '_atom_site.occupancy'                         
14 4 'Structure model' '_atom_site.type_symbol'                       
15 4 'Structure model' '_chem_comp.name'                              
16 4 'Structure model' '_chem_comp.type'                              
17 4 'Structure model' '_entity.formula_weight'                       
18 4 'Structure model' '_entity.pdbx_description'                     
19 4 'Structure model' '_entity.pdbx_number_of_molecules'             
20 4 'Structure model' '_entity.src_method'                           
21 4 'Structure model' '_entity.type'                                 
22 4 'Structure model' '_pdbx_database_status.status_code_sf'         
23 4 'Structure model' '_pdbx_struct_assembly_gen.asym_id_list'       
24 4 'Structure model' '_pdbx_struct_conn_angle.ptnr2_label_asym_id'  
25 4 'Structure model' '_pdbx_struct_conn_angle.ptnr3_label_asym_id'  
26 4 'Structure model' '_struct_conn.conn_type_id'                    
27 4 'Structure model' '_struct_conn.id'                              
28 4 'Structure model' '_struct_conn.pdbx_dist_value'                 
29 4 'Structure model' '_struct_conn.pdbx_leaving_atom_flag'          
30 4 'Structure model' '_struct_conn.ptnr1_auth_asym_id'              
31 4 'Structure model' '_struct_conn.ptnr1_auth_comp_id'              
32 4 'Structure model' '_struct_conn.ptnr1_auth_seq_id'               
33 4 'Structure model' '_struct_conn.ptnr1_label_asym_id'             
34 4 'Structure model' '_struct_conn.ptnr1_label_atom_id'             
35 4 'Structure model' '_struct_conn.ptnr1_label_comp_id'             
36 4 'Structure model' '_struct_conn.ptnr1_label_seq_id'              
37 4 'Structure model' '_struct_conn.ptnr2_auth_asym_id'              
38 4 'Structure model' '_struct_conn.ptnr2_auth_comp_id'              
39 4 'Structure model' '_struct_conn.ptnr2_auth_seq_id'               
40 4 'Structure model' '_struct_conn.ptnr2_label_asym_id'             
41 4 'Structure model' '_struct_conn.ptnr2_label_atom_id'             
42 4 'Structure model' '_struct_conn.ptnr2_label_comp_id'             
43 4 'Structure model' '_struct_conn.ptnr2_label_seq_id'              
44 4 'Structure model' '_struct_conn_type.id'                         
45 5 'Structure model' '_chem_comp.pdbx_synonyms'                     
46 5 'Structure model' '_database_2.pdbx_DOI'                         
47 5 'Structure model' '_database_2.pdbx_database_accession'          
48 5 'Structure model' '_struct_conn.pdbx_leaving_atom_flag'          
49 6 'Structure model' '_pdbx_entry_details.has_protein_modification' 
# 
_pdbx_database_status.status_code                     REL 
_pdbx_database_status.entry_id                        1GNY 
_pdbx_database_status.deposit_site                    PDBE 
_pdbx_database_status.process_site                    PDBE 
_pdbx_database_status.SG_entry                        . 
_pdbx_database_status.recvd_initial_deposition_date   2001-10-10 
_pdbx_database_status.pdb_format_compatible           Y 
_pdbx_database_status.status_code_sf                  REL 
_pdbx_database_status.status_code_mr                  ? 
_pdbx_database_status.status_code_cs                  ? 
_pdbx_database_status.methods_development_category    ? 
_pdbx_database_status.status_code_nmr_data            ? 
# 
loop_
_audit_author.name 
_audit_author.pdbx_ordinal 
'Szabo, S.'      1 
'Jamal, S.'      2 
'Xie, H.'        3 
'Charnock, S.J.' 4 
'Bolam, D.N.'    5 
'Gilbert, H.J.'  6 
'Davies, G.J.'   7 
# 
_citation.id                        primary 
_citation.title                     
;Structure of a Family 15 Carbohydrate-Binding Module in Complex with Xylopentaose: Evidence that Xylan Binds in an Approximate Three-Fold Helical Conformation
;
_citation.journal_abbrev            J.Biol.Chem. 
_citation.journal_volume            276 
_citation.page_first                49061 
_citation.page_last                 ? 
_citation.year                      2001 
_citation.journal_id_ASTM           JBCHA3 
_citation.country                   US 
_citation.journal_id_ISSN           0021-9258 
_citation.journal_id_CSD            0071 
_citation.book_publisher            ? 
_citation.pdbx_database_id_PubMed   11598143 
_citation.pdbx_database_id_DOI      10.1074/JBC.M109558200 
# 
loop_
_citation_author.citation_id 
_citation_author.name 
_citation_author.ordinal 
_citation_author.identifier_ORCID 
primary 'Szabo, L.'      1 ? 
primary 'Jamal, S.'      2 ? 
primary 'Xie, H.'        3 ? 
primary 'Charnock, S.J.' 4 ? 
primary 'Bolam, D.N.'    5 ? 
primary 'Gilbert, H.J.'  6 ? 
primary 'Davies, G.J.'   7 ? 
# 
loop_
_entity.id 
_entity.type 
_entity.src_method 
_entity.pdbx_description 
_entity.formula_weight 
_entity.pdbx_number_of_molecules 
_entity.pdbx_ec 
_entity.pdbx_mutation 
_entity.pdbx_fragment 
_entity.details 
1 polymer     man 'XYLANASE 10C' 15984.539 1   3.2.1.8 ? 'CARBOHYDRATE BINDING MODULE 15, RESIDUES (91-244)' ? 
2 branched    man 
'beta-D-xylopyranose-(1-4)-beta-D-xylopyranose-(1-4)-beta-D-xylopyranose-(1-4)-beta-D-xylopyranose-(1-4)-beta-D-xylopyranose' 
678.589   1   ?       ? ?                                                   ? 
3 non-polymer syn 'SODIUM ION' 22.990    1   ?       ? ?                                                   ? 
4 water       nat water 18.015    231 ?       ? ?                                                   ? 
# 
_entity_poly.entity_id                      1 
_entity_poly.type                           'polypeptide(L)' 
_entity_poly.nstd_linkage                   no 
_entity_poly.nstd_monomer                   no 
_entity_poly.pdbx_seq_one_letter_code       
;GNVVIEVDMANGWRGNASGSTSHSGITYSADGVTFAALGDGVGAVFDIARPTTLEDAVIAMVVNVSAEFKASEANLQIFA
QLKEDWSKGEWDCLAGSSELTADTDLTLTCTIDEDDDKFNQTARDVQVGIQAKGTPAGTITIKSVTITLAQEA
;
_entity_poly.pdbx_seq_one_letter_code_can   
;GNVVIEVDMANGWRGNASGSTSHSGITYSADGVTFAALGDGVGAVFDIARPTTLEDAVIAMVVNVSAEFKASEANLQIFA
QLKEDWSKGEWDCLAGSSELTADTDLTLTCTIDEDDDKFNQTARDVQVGIQAKGTPAGTITIKSVTITLAQEA
;
_entity_poly.pdbx_strand_id                 A 
_entity_poly.pdbx_target_identifier         ? 
# 
loop_
_pdbx_entity_nonpoly.entity_id 
_pdbx_entity_nonpoly.name 
_pdbx_entity_nonpoly.comp_id 
3 'SODIUM ION' NA  
4 water        HOH 
# 
loop_
_entity_poly_seq.entity_id 
_entity_poly_seq.num 
_entity_poly_seq.mon_id 
_entity_poly_seq.hetero 
1 1   GLY n 
1 2   ASN n 
1 3   VAL n 
1 4   VAL n 
1 5   ILE n 
1 6   GLU n 
1 7   VAL n 
1 8   ASP n 
1 9   MET n 
1 10  ALA n 
1 11  ASN n 
1 12  GLY n 
1 13  TRP n 
1 14  ARG n 
1 15  GLY n 
1 16  ASN n 
1 17  ALA n 
1 18  SER n 
1 19  GLY n 
1 20  SER n 
1 21  THR n 
1 22  SER n 
1 23  HIS n 
1 24  SER n 
1 25  GLY n 
1 26  ILE n 
1 27  THR n 
1 28  TYR n 
1 29  SER n 
1 30  ALA n 
1 31  ASP n 
1 32  GLY n 
1 33  VAL n 
1 34  THR n 
1 35  PHE n 
1 36  ALA n 
1 37  ALA n 
1 38  LEU n 
1 39  GLY n 
1 40  ASP n 
1 41  GLY n 
1 42  VAL n 
1 43  GLY n 
1 44  ALA n 
1 45  VAL n 
1 46  PHE n 
1 47  ASP n 
1 48  ILE n 
1 49  ALA n 
1 50  ARG n 
1 51  PRO n 
1 52  THR n 
1 53  THR n 
1 54  LEU n 
1 55  GLU n 
1 56  ASP n 
1 57  ALA n 
1 58  VAL n 
1 59  ILE n 
1 60  ALA n 
1 61  MET n 
1 62  VAL n 
1 63  VAL n 
1 64  ASN n 
1 65  VAL n 
1 66  SER n 
1 67  ALA n 
1 68  GLU n 
1 69  PHE n 
1 70  LYS n 
1 71  ALA n 
1 72  SER n 
1 73  GLU n 
1 74  ALA n 
1 75  ASN n 
1 76  LEU n 
1 77  GLN n 
1 78  ILE n 
1 79  PHE n 
1 80  ALA n 
1 81  GLN n 
1 82  LEU n 
1 83  LYS n 
1 84  GLU n 
1 85  ASP n 
1 86  TRP n 
1 87  SER n 
1 88  LYS n 
1 89  GLY n 
1 90  GLU n 
1 91  TRP n 
1 92  ASP n 
1 93  CYS n 
1 94  LEU n 
1 95  ALA n 
1 96  GLY n 
1 97  SER n 
1 98  SER n 
1 99  GLU n 
1 100 LEU n 
1 101 THR n 
1 102 ALA n 
1 103 ASP n 
1 104 THR n 
1 105 ASP n 
1 106 LEU n 
1 107 THR n 
1 108 LEU n 
1 109 THR n 
1 110 CYS n 
1 111 THR n 
1 112 ILE n 
1 113 ASP n 
1 114 GLU n 
1 115 ASP n 
1 116 ASP n 
1 117 ASP n 
1 118 LYS n 
1 119 PHE n 
1 120 ASN n 
1 121 GLN n 
1 122 THR n 
1 123 ALA n 
1 124 ARG n 
1 125 ASP n 
1 126 VAL n 
1 127 GLN n 
1 128 VAL n 
1 129 GLY n 
1 130 ILE n 
1 131 GLN n 
1 132 ALA n 
1 133 LYS n 
1 134 GLY n 
1 135 THR n 
1 136 PRO n 
1 137 ALA n 
1 138 GLY n 
1 139 THR n 
1 140 ILE n 
1 141 THR n 
1 142 ILE n 
1 143 LYS n 
1 144 SER n 
1 145 VAL n 
1 146 THR n 
1 147 ILE n 
1 148 THR n 
1 149 LEU n 
1 150 ALA n 
1 151 GLN n 
1 152 GLU n 
1 153 ALA n 
# 
_entity_src_gen.entity_id                          1 
_entity_src_gen.pdbx_src_id                        1 
_entity_src_gen.pdbx_alt_source_flag               sample 
_entity_src_gen.pdbx_seq_type                      ? 
_entity_src_gen.pdbx_beg_seq_num                   ? 
_entity_src_gen.pdbx_end_seq_num                   ? 
_entity_src_gen.gene_src_common_name               ? 
_entity_src_gen.gene_src_genus                     ? 
_entity_src_gen.pdbx_gene_src_gene                 ? 
_entity_src_gen.gene_src_species                   ? 
_entity_src_gen.gene_src_strain                    ? 
_entity_src_gen.gene_src_tissue                    ? 
_entity_src_gen.gene_src_tissue_fraction           ? 
_entity_src_gen.gene_src_details                   ? 
_entity_src_gen.pdbx_gene_src_fragment             ? 
_entity_src_gen.pdbx_gene_src_scientific_name      'PSEUDOMONAS CELLULOSA' 
_entity_src_gen.pdbx_gene_src_ncbi_taxonomy_id     155077 
_entity_src_gen.pdbx_gene_src_variant              ? 
_entity_src_gen.pdbx_gene_src_cell_line            ? 
_entity_src_gen.pdbx_gene_src_atcc                 ? 
_entity_src_gen.pdbx_gene_src_organ                ? 
_entity_src_gen.pdbx_gene_src_organelle            ? 
_entity_src_gen.pdbx_gene_src_cell                 ? 
_entity_src_gen.pdbx_gene_src_cellular_location    ? 
_entity_src_gen.host_org_common_name               ? 
_entity_src_gen.pdbx_host_org_scientific_name      'ESCHERICHIA COLI' 
_entity_src_gen.pdbx_host_org_ncbi_taxonomy_id     511693 
_entity_src_gen.host_org_genus                     ? 
_entity_src_gen.pdbx_host_org_gene                 ? 
_entity_src_gen.pdbx_host_org_organ                ? 
_entity_src_gen.host_org_species                   ? 
_entity_src_gen.pdbx_host_org_tissue               ? 
_entity_src_gen.pdbx_host_org_tissue_fraction      ? 
_entity_src_gen.pdbx_host_org_strain               BL21 
_entity_src_gen.pdbx_host_org_variant              DE3-PLYSS 
_entity_src_gen.pdbx_host_org_cell_line            ? 
_entity_src_gen.pdbx_host_org_atcc                 ? 
_entity_src_gen.pdbx_host_org_culture_collection   ? 
_entity_src_gen.pdbx_host_org_cell                 ? 
_entity_src_gen.pdbx_host_org_organelle            ? 
_entity_src_gen.pdbx_host_org_cellular_location    ? 
_entity_src_gen.pdbx_host_org_vector_type          ? 
_entity_src_gen.pdbx_host_org_vector               ? 
_entity_src_gen.host_org_details                   ? 
_entity_src_gen.expression_system_id               ? 
_entity_src_gen.plasmid_name                       PET22B 
_entity_src_gen.plasmid_details                    ? 
_entity_src_gen.pdbx_description                   ? 
# 
_pdbx_entity_branch.entity_id   2 
_pdbx_entity_branch.type        oligosaccharide 
# 
loop_
_pdbx_entity_branch_descriptor.ordinal 
_pdbx_entity_branch_descriptor.entity_id 
_pdbx_entity_branch_descriptor.descriptor 
_pdbx_entity_branch_descriptor.type 
_pdbx_entity_branch_descriptor.program 
_pdbx_entity_branch_descriptor.program_version 
1 2 DXylpb1-4DXylpb1-4DXylpb1-4DXylpb1-4DXylpb1-ROH                                              'Glycam Condensed Sequence' GMML 
1.0   
2 2 'WURCS=2.0/1,5,4/[a212h-1b_1-5]/1-1-1-1-1/a4-b1_b4-c1_c4-d1_d4-e1'                           WURCS                       
PDB2Glycan 1.1.0 
3 2 '[][b-D-Xylp]{[(4+1)][b-D-Xylp]{[(4+1)][b-D-Xylp]{[(4+1)][b-D-Xylp]{[(4+1)][b-D-Xylp]{}}}}}' LINUCS                      
PDB-CARE   ?     
# 
loop_
_pdbx_entity_branch_link.link_id 
_pdbx_entity_branch_link.entity_id 
_pdbx_entity_branch_link.entity_branch_list_num_1 
_pdbx_entity_branch_link.comp_id_1 
_pdbx_entity_branch_link.atom_id_1 
_pdbx_entity_branch_link.leaving_atom_id_1 
_pdbx_entity_branch_link.entity_branch_list_num_2 
_pdbx_entity_branch_link.comp_id_2 
_pdbx_entity_branch_link.atom_id_2 
_pdbx_entity_branch_link.leaving_atom_id_2 
_pdbx_entity_branch_link.value_order 
_pdbx_entity_branch_link.details 
1 2 2 XYP C1 O1 1 XYP O4 HO4 sing ? 
2 2 3 XYP C1 O1 2 XYP O4 HO4 sing ? 
3 2 4 XYP C1 O1 3 XYP O4 HO4 sing ? 
4 2 5 XYP C1 O1 4 XYP O4 HO4 sing ? 
# 
loop_
_chem_comp.id 
_chem_comp.type 
_chem_comp.mon_nstd_flag 
_chem_comp.name 
_chem_comp.pdbx_synonyms 
_chem_comp.formula 
_chem_comp.formula_weight 
ALA 'L-peptide linking'          y ALANINE             ?                                 'C3 H7 N O2'     89.093  
ARG 'L-peptide linking'          y ARGININE            ?                                 'C6 H15 N4 O2 1' 175.209 
ASN 'L-peptide linking'          y ASPARAGINE          ?                                 'C4 H8 N2 O3'    132.118 
ASP 'L-peptide linking'          y 'ASPARTIC ACID'     ?                                 'C4 H7 N O4'     133.103 
CYS 'L-peptide linking'          y CYSTEINE            ?                                 'C3 H7 N O2 S'   121.158 
GLN 'L-peptide linking'          y GLUTAMINE           ?                                 'C5 H10 N2 O3'   146.144 
GLU 'L-peptide linking'          y 'GLUTAMIC ACID'     ?                                 'C5 H9 N O4'     147.129 
GLY 'peptide linking'            y GLYCINE             ?                                 'C2 H5 N O2'     75.067  
HIS 'L-peptide linking'          y HISTIDINE           ?                                 'C6 H10 N3 O2 1' 156.162 
HOH non-polymer                  . WATER               ?                                 'H2 O'           18.015  
ILE 'L-peptide linking'          y ISOLEUCINE          ?                                 'C6 H13 N O2'    131.173 
LEU 'L-peptide linking'          y LEUCINE             ?                                 'C6 H13 N O2'    131.173 
LYS 'L-peptide linking'          y LYSINE              ?                                 'C6 H15 N2 O2 1' 147.195 
MET 'L-peptide linking'          y METHIONINE          ?                                 'C5 H11 N O2 S'  149.211 
NA  non-polymer                  . 'SODIUM ION'        ?                                 'Na 1'           22.990  
PHE 'L-peptide linking'          y PHENYLALANINE       ?                                 'C9 H11 N O2'    165.189 
PRO 'L-peptide linking'          y PROLINE             ?                                 'C5 H9 N O2'     115.130 
SER 'L-peptide linking'          y SERINE              ?                                 'C3 H7 N O3'     105.093 
THR 'L-peptide linking'          y THREONINE           ?                                 'C4 H9 N O3'     119.119 
TRP 'L-peptide linking'          y TRYPTOPHAN          ?                                 'C11 H12 N2 O2'  204.225 
TYR 'L-peptide linking'          y TYROSINE            ?                                 'C9 H11 N O3'    181.189 
VAL 'L-peptide linking'          y VALINE              ?                                 'C5 H11 N O2'    117.146 
XYP 'D-saccharide, beta linking' . beta-D-xylopyranose 'beta-D-xylose; D-xylose; xylose' 'C5 H10 O5'      150.130 
# 
loop_
_pdbx_chem_comp_identifier.comp_id 
_pdbx_chem_comp_identifier.type 
_pdbx_chem_comp_identifier.program 
_pdbx_chem_comp_identifier.program_version 
_pdbx_chem_comp_identifier.identifier 
XYP 'CONDENSED IUPAC CARBOHYDRATE SYMBOL' GMML     1.0 DXylpb           
XYP 'COMMON NAME'                         GMML     1.0 b-D-xylopyranose 
XYP 'IUPAC CARBOHYDRATE SYMBOL'           PDB-CARE 1.0 b-D-Xylp         
XYP 'SNFG CARBOHYDRATE SYMBOL'            GMML     1.0 Xyl              
# 
loop_
_pdbx_poly_seq_scheme.asym_id 
_pdbx_poly_seq_scheme.entity_id 
_pdbx_poly_seq_scheme.seq_id 
_pdbx_poly_seq_scheme.mon_id 
_pdbx_poly_seq_scheme.ndb_seq_num 
_pdbx_poly_seq_scheme.pdb_seq_num 
_pdbx_poly_seq_scheme.auth_seq_num 
_pdbx_poly_seq_scheme.pdb_mon_id 
_pdbx_poly_seq_scheme.auth_mon_id 
_pdbx_poly_seq_scheme.pdb_strand_id 
_pdbx_poly_seq_scheme.pdb_ins_code 
_pdbx_poly_seq_scheme.hetero 
A 1 1   GLY 1   91  91  GLY GLY A . n 
A 1 2   ASN 2   92  92  ASN ASN A . n 
A 1 3   VAL 3   93  93  VAL VAL A . n 
A 1 4   VAL 4   94  94  VAL VAL A . n 
A 1 5   ILE 5   95  95  ILE ILE A . n 
A 1 6   GLU 6   96  96  GLU GLU A . n 
A 1 7   VAL 7   97  97  VAL VAL A . n 
A 1 8   ASP 8   98  98  ASP ASP A . n 
A 1 9   MET 9   99  99  MET MET A . n 
A 1 10  ALA 10  100 100 ALA ALA A . n 
A 1 11  ASN 11  101 101 ASN ASN A . n 
A 1 12  GLY 12  102 102 GLY GLY A . n 
A 1 13  TRP 13  103 103 TRP TRP A . n 
A 1 14  ARG 14  104 104 ARG ARG A . n 
A 1 15  GLY 15  105 105 GLY GLY A . n 
A 1 16  ASN 16  106 106 ASN ASN A . n 
A 1 17  ALA 17  107 107 ALA ALA A . n 
A 1 18  SER 18  108 108 SER SER A . n 
A 1 19  GLY 19  109 109 GLY GLY A . n 
A 1 20  SER 20  110 110 SER SER A . n 
A 1 21  THR 21  111 111 THR THR A . n 
A 1 22  SER 22  112 112 SER SER A . n 
A 1 23  HIS 23  113 113 HIS HIS A . n 
A 1 24  SER 24  114 114 SER SER A . n 
A 1 25  GLY 25  115 115 GLY GLY A . n 
A 1 26  ILE 26  116 116 ILE ILE A . n 
A 1 27  THR 27  117 117 THR THR A . n 
A 1 28  TYR 28  118 118 TYR TYR A . n 
A 1 29  SER 29  119 119 SER SER A . n 
A 1 30  ALA 30  120 120 ALA ALA A . n 
A 1 31  ASP 31  121 121 ASP ASP A . n 
A 1 32  GLY 32  122 122 GLY GLY A . n 
A 1 33  VAL 33  123 123 VAL VAL A . n 
A 1 34  THR 34  124 124 THR THR A . n 
A 1 35  PHE 35  125 125 PHE PHE A . n 
A 1 36  ALA 36  126 126 ALA ALA A . n 
A 1 37  ALA 37  127 127 ALA ALA A . n 
A 1 38  LEU 38  128 128 LEU LEU A . n 
A 1 39  GLY 39  129 129 GLY GLY A . n 
A 1 40  ASP 40  130 130 ASP ASP A . n 
A 1 41  GLY 41  131 131 GLY GLY A . n 
A 1 42  VAL 42  132 132 VAL VAL A . n 
A 1 43  GLY 43  133 133 GLY GLY A . n 
A 1 44  ALA 44  134 134 ALA ALA A . n 
A 1 45  VAL 45  135 135 VAL VAL A . n 
A 1 46  PHE 46  136 136 PHE PHE A . n 
A 1 47  ASP 47  137 137 ASP ASP A . n 
A 1 48  ILE 48  138 138 ILE ILE A . n 
A 1 49  ALA 49  139 139 ALA ALA A . n 
A 1 50  ARG 50  140 140 ARG ARG A . n 
A 1 51  PRO 51  141 141 PRO PRO A . n 
A 1 52  THR 52  142 142 THR THR A . n 
A 1 53  THR 53  143 143 THR THR A . n 
A 1 54  LEU 54  144 144 LEU LEU A . n 
A 1 55  GLU 55  145 145 GLU GLU A . n 
A 1 56  ASP 56  146 146 ASP ASP A . n 
A 1 57  ALA 57  147 147 ALA ALA A . n 
A 1 58  VAL 58  148 148 VAL VAL A . n 
A 1 59  ILE 59  149 149 ILE ILE A . n 
A 1 60  ALA 60  150 150 ALA ALA A . n 
A 1 61  MET 61  151 151 MET MET A . n 
A 1 62  VAL 62  152 152 VAL VAL A . n 
A 1 63  VAL 63  153 153 VAL VAL A . n 
A 1 64  ASN 64  154 154 ASN ASN A . n 
A 1 65  VAL 65  155 155 VAL VAL A . n 
A 1 66  SER 66  156 156 SER SER A . n 
A 1 67  ALA 67  157 157 ALA ALA A . n 
A 1 68  GLU 68  158 158 GLU GLU A . n 
A 1 69  PHE 69  159 159 PHE PHE A . n 
A 1 70  LYS 70  160 160 LYS LYS A . n 
A 1 71  ALA 71  161 161 ALA ALA A . n 
A 1 72  SER 72  162 162 SER SER A . n 
A 1 73  GLU 73  163 163 GLU GLU A . n 
A 1 74  ALA 74  164 164 ALA ALA A . n 
A 1 75  ASN 75  165 165 ASN ASN A . n 
A 1 76  LEU 76  166 166 LEU LEU A . n 
A 1 77  GLN 77  167 167 GLN GLN A . n 
A 1 78  ILE 78  168 168 ILE ILE A . n 
A 1 79  PHE 79  169 169 PHE PHE A . n 
A 1 80  ALA 80  170 170 ALA ALA A . n 
A 1 81  GLN 81  171 171 GLN GLN A . n 
A 1 82  LEU 82  172 172 LEU LEU A . n 
A 1 83  LYS 83  173 173 LYS LYS A . n 
A 1 84  GLU 84  174 174 GLU GLU A . n 
A 1 85  ASP 85  175 175 ASP ASP A . n 
A 1 86  TRP 86  176 176 TRP TRP A . n 
A 1 87  SER 87  177 177 SER SER A . n 
A 1 88  LYS 88  178 178 LYS LYS A . n 
A 1 89  GLY 89  179 179 GLY GLY A . n 
A 1 90  GLU 90  180 180 GLU GLU A . n 
A 1 91  TRP 91  181 181 TRP TRP A . n 
A 1 92  ASP 92  182 182 ASP ASP A . n 
A 1 93  CYS 93  183 183 CYS CYS A . n 
A 1 94  LEU 94  184 184 LEU LEU A . n 
A 1 95  ALA 95  185 185 ALA ALA A . n 
A 1 96  GLY 96  186 186 GLY GLY A . n 
A 1 97  SER 97  187 187 SER SER A . n 
A 1 98  SER 98  188 188 SER SER A . n 
A 1 99  GLU 99  189 189 GLU GLU A . n 
A 1 100 LEU 100 190 190 LEU LEU A . n 
A 1 101 THR 101 191 191 THR THR A . n 
A 1 102 ALA 102 192 192 ALA ALA A . n 
A 1 103 ASP 103 193 193 ASP ASP A . n 
A 1 104 THR 104 194 194 THR THR A . n 
A 1 105 ASP 105 195 195 ASP ASP A . n 
A 1 106 LEU 106 196 196 LEU LEU A . n 
A 1 107 THR 107 197 197 THR THR A . n 
A 1 108 LEU 108 198 198 LEU LEU A . n 
A 1 109 THR 109 199 199 THR THR A . n 
A 1 110 CYS 110 200 200 CYS CYS A . n 
A 1 111 THR 111 201 201 THR THR A . n 
A 1 112 ILE 112 202 202 ILE ILE A . n 
A 1 113 ASP 113 203 203 ASP ASP A . n 
A 1 114 GLU 114 204 204 GLU GLU A . n 
A 1 115 ASP 115 205 205 ASP ASP A . n 
A 1 116 ASP 116 206 206 ASP ASP A . n 
A 1 117 ASP 117 207 207 ASP ASP A . n 
A 1 118 LYS 118 208 208 LYS LYS A . n 
A 1 119 PHE 119 209 209 PHE PHE A . n 
A 1 120 ASN 120 210 210 ASN ASN A . n 
A 1 121 GLN 121 211 211 GLN GLN A . n 
A 1 122 THR 122 212 212 THR THR A . n 
A 1 123 ALA 123 213 213 ALA ALA A . n 
A 1 124 ARG 124 214 214 ARG ARG A . n 
A 1 125 ASP 125 215 215 ASP ASP A . n 
A 1 126 VAL 126 216 216 VAL VAL A . n 
A 1 127 GLN 127 217 217 GLN GLN A . n 
A 1 128 VAL 128 218 218 VAL VAL A . n 
A 1 129 GLY 129 219 219 GLY GLY A . n 
A 1 130 ILE 130 220 220 ILE ILE A . n 
A 1 131 GLN 131 221 221 GLN GLN A . n 
A 1 132 ALA 132 222 222 ALA ALA A . n 
A 1 133 LYS 133 223 223 LYS LYS A . n 
A 1 134 GLY 134 224 224 GLY GLY A . n 
A 1 135 THR 135 225 225 THR THR A . n 
A 1 136 PRO 136 226 226 PRO PRO A . n 
A 1 137 ALA 137 227 227 ALA ALA A . n 
A 1 138 GLY 138 228 228 GLY GLY A . n 
A 1 139 THR 139 229 229 THR THR A . n 
A 1 140 ILE 140 230 230 ILE ILE A . n 
A 1 141 THR 141 231 231 THR THR A . n 
A 1 142 ILE 142 232 232 ILE ILE A . n 
A 1 143 LYS 143 233 233 LYS LYS A . n 
A 1 144 SER 144 234 234 SER SER A . n 
A 1 145 VAL 145 235 235 VAL VAL A . n 
A 1 146 THR 146 236 236 THR THR A . n 
A 1 147 ILE 147 237 237 ILE ILE A . n 
A 1 148 THR 148 238 238 THR THR A . n 
A 1 149 LEU 149 239 239 LEU LEU A . n 
A 1 150 ALA 150 240 240 ALA ALA A . n 
A 1 151 GLN 151 241 241 GLN GLN A . n 
A 1 152 GLU 152 242 242 GLU GLU A . n 
A 1 153 ALA 153 243 243 ALA ALA A . n 
# 
loop_
_pdbx_branch_scheme.asym_id 
_pdbx_branch_scheme.entity_id 
_pdbx_branch_scheme.mon_id 
_pdbx_branch_scheme.num 
_pdbx_branch_scheme.pdb_asym_id 
_pdbx_branch_scheme.pdb_mon_id 
_pdbx_branch_scheme.pdb_seq_num 
_pdbx_branch_scheme.auth_asym_id 
_pdbx_branch_scheme.auth_mon_id 
_pdbx_branch_scheme.auth_seq_num 
_pdbx_branch_scheme.hetero 
B 2 XYP 1 B XYP 1 A XYP 1245 n 
B 2 XYP 2 B XYP 2 A XYP 1246 n 
B 2 XYP 3 B XYP 3 A XYP 1247 n 
B 2 XYP 4 B XYP 4 A XYP 1248 n 
B 2 XYP 5 B XYP 5 A XYP 1249 n 
# 
loop_
_pdbx_nonpoly_scheme.asym_id 
_pdbx_nonpoly_scheme.entity_id 
_pdbx_nonpoly_scheme.mon_id 
_pdbx_nonpoly_scheme.ndb_seq_num 
_pdbx_nonpoly_scheme.pdb_seq_num 
_pdbx_nonpoly_scheme.auth_seq_num 
_pdbx_nonpoly_scheme.pdb_mon_id 
_pdbx_nonpoly_scheme.auth_mon_id 
_pdbx_nonpoly_scheme.pdb_strand_id 
_pdbx_nonpoly_scheme.pdb_ins_code 
C 3 NA  1   1244 1244 NA  NA  A . 
D 4 HOH 1   2001 2001 HOH HOH A . 
D 4 HOH 2   2002 2002 HOH HOH A . 
D 4 HOH 3   2003 2003 HOH HOH A . 
D 4 HOH 4   2004 2004 HOH HOH A . 
D 4 HOH 5   2005 2005 HOH HOH A . 
D 4 HOH 6   2006 2006 HOH HOH A . 
D 4 HOH 7   2007 2007 HOH HOH A . 
D 4 HOH 8   2008 2008 HOH HOH A . 
D 4 HOH 9   2009 2009 HOH HOH A . 
D 4 HOH 10  2010 2010 HOH HOH A . 
D 4 HOH 11  2011 2011 HOH HOH A . 
D 4 HOH 12  2012 2012 HOH HOH A . 
D 4 HOH 13  2013 2013 HOH HOH A . 
D 4 HOH 14  2014 2014 HOH HOH A . 
D 4 HOH 15  2015 2015 HOH HOH A . 
D 4 HOH 16  2016 2016 HOH HOH A . 
D 4 HOH 17  2017 2017 HOH HOH A . 
D 4 HOH 18  2018 2018 HOH HOH A . 
D 4 HOH 19  2019 2019 HOH HOH A . 
D 4 HOH 20  2020 2020 HOH HOH A . 
D 4 HOH 21  2021 2021 HOH HOH A . 
D 4 HOH 22  2022 2022 HOH HOH A . 
D 4 HOH 23  2023 2023 HOH HOH A . 
D 4 HOH 24  2024 2024 HOH HOH A . 
D 4 HOH 25  2025 2025 HOH HOH A . 
D 4 HOH 26  2026 2026 HOH HOH A . 
D 4 HOH 27  2027 2027 HOH HOH A . 
D 4 HOH 28  2028 2028 HOH HOH A . 
D 4 HOH 29  2029 2029 HOH HOH A . 
D 4 HOH 30  2030 2030 HOH HOH A . 
D 4 HOH 31  2031 2031 HOH HOH A . 
D 4 HOH 32  2032 2032 HOH HOH A . 
D 4 HOH 33  2033 2033 HOH HOH A . 
D 4 HOH 34  2034 2034 HOH HOH A . 
D 4 HOH 35  2035 2035 HOH HOH A . 
D 4 HOH 36  2036 2036 HOH HOH A . 
D 4 HOH 37  2037 2037 HOH HOH A . 
D 4 HOH 38  2038 2038 HOH HOH A . 
D 4 HOH 39  2039 2039 HOH HOH A . 
D 4 HOH 40  2040 2040 HOH HOH A . 
D 4 HOH 41  2041 2041 HOH HOH A . 
D 4 HOH 42  2042 2042 HOH HOH A . 
D 4 HOH 43  2043 2043 HOH HOH A . 
D 4 HOH 44  2044 2044 HOH HOH A . 
D 4 HOH 45  2045 2045 HOH HOH A . 
D 4 HOH 46  2046 2046 HOH HOH A . 
D 4 HOH 47  2047 2047 HOH HOH A . 
D 4 HOH 48  2048 2048 HOH HOH A . 
D 4 HOH 49  2049 2049 HOH HOH A . 
D 4 HOH 50  2050 2050 HOH HOH A . 
D 4 HOH 51  2051 2051 HOH HOH A . 
D 4 HOH 52  2052 2052 HOH HOH A . 
D 4 HOH 53  2053 2053 HOH HOH A . 
D 4 HOH 54  2054 2054 HOH HOH A . 
D 4 HOH 55  2055 2055 HOH HOH A . 
D 4 HOH 56  2056 2056 HOH HOH A . 
D 4 HOH 57  2057 2057 HOH HOH A . 
D 4 HOH 58  2058 2058 HOH HOH A . 
D 4 HOH 59  2059 2059 HOH HOH A . 
D 4 HOH 60  2060 2060 HOH HOH A . 
D 4 HOH 61  2061 2061 HOH HOH A . 
D 4 HOH 62  2062 2062 HOH HOH A . 
D 4 HOH 63  2063 2063 HOH HOH A . 
D 4 HOH 64  2064 2064 HOH HOH A . 
D 4 HOH 65  2065 2065 HOH HOH A . 
D 4 HOH 66  2066 2066 HOH HOH A . 
D 4 HOH 67  2067 2067 HOH HOH A . 
D 4 HOH 68  2068 2068 HOH HOH A . 
D 4 HOH 69  2069 2069 HOH HOH A . 
D 4 HOH 70  2070 2070 HOH HOH A . 
D 4 HOH 71  2071 2071 HOH HOH A . 
D 4 HOH 72  2072 2072 HOH HOH A . 
D 4 HOH 73  2073 2073 HOH HOH A . 
D 4 HOH 74  2074 2074 HOH HOH A . 
D 4 HOH 75  2075 2075 HOH HOH A . 
D 4 HOH 76  2076 2076 HOH HOH A . 
D 4 HOH 77  2077 2077 HOH HOH A . 
D 4 HOH 78  2078 2078 HOH HOH A . 
D 4 HOH 79  2079 2079 HOH HOH A . 
D 4 HOH 80  2080 2080 HOH HOH A . 
D 4 HOH 81  2081 2081 HOH HOH A . 
D 4 HOH 82  2082 2082 HOH HOH A . 
D 4 HOH 83  2083 2083 HOH HOH A . 
D 4 HOH 84  2084 2084 HOH HOH A . 
D 4 HOH 85  2085 2085 HOH HOH A . 
D 4 HOH 86  2086 2086 HOH HOH A . 
D 4 HOH 87  2087 2087 HOH HOH A . 
D 4 HOH 88  2088 2088 HOH HOH A . 
D 4 HOH 89  2089 2089 HOH HOH A . 
D 4 HOH 90  2090 2090 HOH HOH A . 
D 4 HOH 91  2091 2091 HOH HOH A . 
D 4 HOH 92  2092 2092 HOH HOH A . 
D 4 HOH 93  2093 2093 HOH HOH A . 
D 4 HOH 94  2094 2094 HOH HOH A . 
D 4 HOH 95  2095 2095 HOH HOH A . 
D 4 HOH 96  2096 2096 HOH HOH A . 
D 4 HOH 97  2097 2097 HOH HOH A . 
D 4 HOH 98  2098 2098 HOH HOH A . 
D 4 HOH 99  2099 2099 HOH HOH A . 
D 4 HOH 100 2100 2100 HOH HOH A . 
D 4 HOH 101 2101 2101 HOH HOH A . 
D 4 HOH 102 2102 2102 HOH HOH A . 
D 4 HOH 103 2103 2103 HOH HOH A . 
D 4 HOH 104 2104 2104 HOH HOH A . 
D 4 HOH 105 2105 2105 HOH HOH A . 
D 4 HOH 106 2106 2106 HOH HOH A . 
D 4 HOH 107 2107 2107 HOH HOH A . 
D 4 HOH 108 2108 2108 HOH HOH A . 
D 4 HOH 109 2109 2109 HOH HOH A . 
D 4 HOH 110 2110 2110 HOH HOH A . 
D 4 HOH 111 2111 2111 HOH HOH A . 
D 4 HOH 112 2112 2112 HOH HOH A . 
D 4 HOH 113 2113 2113 HOH HOH A . 
D 4 HOH 114 2114 2114 HOH HOH A . 
D 4 HOH 115 2115 2115 HOH HOH A . 
D 4 HOH 116 2116 2116 HOH HOH A . 
D 4 HOH 117 2117 2117 HOH HOH A . 
D 4 HOH 118 2118 2118 HOH HOH A . 
D 4 HOH 119 2119 2119 HOH HOH A . 
D 4 HOH 120 2120 2120 HOH HOH A . 
D 4 HOH 121 2121 2121 HOH HOH A . 
D 4 HOH 122 2122 2122 HOH HOH A . 
D 4 HOH 123 2123 2123 HOH HOH A . 
D 4 HOH 124 2124 2124 HOH HOH A . 
D 4 HOH 125 2125 2125 HOH HOH A . 
D 4 HOH 126 2126 2126 HOH HOH A . 
D 4 HOH 127 2127 2127 HOH HOH A . 
D 4 HOH 128 2128 2128 HOH HOH A . 
D 4 HOH 129 2129 2129 HOH HOH A . 
D 4 HOH 130 2130 2130 HOH HOH A . 
D 4 HOH 131 2131 2131 HOH HOH A . 
D 4 HOH 132 2132 2132 HOH HOH A . 
D 4 HOH 133 2133 2133 HOH HOH A . 
D 4 HOH 134 2134 2134 HOH HOH A . 
D 4 HOH 135 2135 2135 HOH HOH A . 
D 4 HOH 136 2136 2136 HOH HOH A . 
D 4 HOH 137 2137 2137 HOH HOH A . 
D 4 HOH 138 2138 2138 HOH HOH A . 
D 4 HOH 139 2139 2139 HOH HOH A . 
D 4 HOH 140 2140 2140 HOH HOH A . 
D 4 HOH 141 2141 2141 HOH HOH A . 
D 4 HOH 142 2142 2142 HOH HOH A . 
D 4 HOH 143 2143 2143 HOH HOH A . 
D 4 HOH 144 2144 2144 HOH HOH A . 
D 4 HOH 145 2145 2145 HOH HOH A . 
D 4 HOH 146 2146 2146 HOH HOH A . 
D 4 HOH 147 2147 2147 HOH HOH A . 
D 4 HOH 148 2148 2148 HOH HOH A . 
D 4 HOH 149 2149 2149 HOH HOH A . 
D 4 HOH 150 2150 2150 HOH HOH A . 
D 4 HOH 151 2151 2151 HOH HOH A . 
D 4 HOH 152 2152 2152 HOH HOH A . 
D 4 HOH 153 2153 2153 HOH HOH A . 
D 4 HOH 154 2154 2154 HOH HOH A . 
D 4 HOH 155 2155 2155 HOH HOH A . 
D 4 HOH 156 2156 2156 HOH HOH A . 
D 4 HOH 157 2157 2157 HOH HOH A . 
D 4 HOH 158 2158 2158 HOH HOH A . 
D 4 HOH 159 2159 2159 HOH HOH A . 
D 4 HOH 160 2160 2160 HOH HOH A . 
D 4 HOH 161 2161 2161 HOH HOH A . 
D 4 HOH 162 2162 2162 HOH HOH A . 
D 4 HOH 163 2163 2163 HOH HOH A . 
D 4 HOH 164 2164 2164 HOH HOH A . 
D 4 HOH 165 2165 2165 HOH HOH A . 
D 4 HOH 166 2166 2166 HOH HOH A . 
D 4 HOH 167 2167 2167 HOH HOH A . 
D 4 HOH 168 2168 2168 HOH HOH A . 
D 4 HOH 169 2169 2169 HOH HOH A . 
D 4 HOH 170 2170 2170 HOH HOH A . 
D 4 HOH 171 2171 2171 HOH HOH A . 
D 4 HOH 172 2172 2172 HOH HOH A . 
D 4 HOH 173 2173 2173 HOH HOH A . 
D 4 HOH 174 2174 2174 HOH HOH A . 
D 4 HOH 175 2175 2175 HOH HOH A . 
D 4 HOH 176 2176 2176 HOH HOH A . 
D 4 HOH 177 2177 2177 HOH HOH A . 
D 4 HOH 178 2178 2178 HOH HOH A . 
D 4 HOH 179 2179 2179 HOH HOH A . 
D 4 HOH 180 2180 2180 HOH HOH A . 
D 4 HOH 181 2181 2181 HOH HOH A . 
D 4 HOH 182 2182 2182 HOH HOH A . 
D 4 HOH 183 2183 2183 HOH HOH A . 
D 4 HOH 184 2184 2184 HOH HOH A . 
D 4 HOH 185 2185 2185 HOH HOH A . 
D 4 HOH 186 2186 2186 HOH HOH A . 
D 4 HOH 187 2187 2187 HOH HOH A . 
D 4 HOH 188 2188 2188 HOH HOH A . 
D 4 HOH 189 2189 2189 HOH HOH A . 
D 4 HOH 190 2190 2190 HOH HOH A . 
D 4 HOH 191 2191 2191 HOH HOH A . 
D 4 HOH 192 2192 2192 HOH HOH A . 
D 4 HOH 193 2193 2193 HOH HOH A . 
D 4 HOH 194 2194 2194 HOH HOH A . 
D 4 HOH 195 2195 2195 HOH HOH A . 
D 4 HOH 196 2196 2196 HOH HOH A . 
D 4 HOH 197 2197 2197 HOH HOH A . 
D 4 HOH 198 2198 2198 HOH HOH A . 
D 4 HOH 199 2199 2199 HOH HOH A . 
D 4 HOH 200 2200 2200 HOH HOH A . 
D 4 HOH 201 2201 2201 HOH HOH A . 
D 4 HOH 202 2202 2202 HOH HOH A . 
D 4 HOH 203 2203 2203 HOH HOH A . 
D 4 HOH 204 2204 2204 HOH HOH A . 
D 4 HOH 205 2205 2205 HOH HOH A . 
D 4 HOH 206 2206 2206 HOH HOH A . 
D 4 HOH 207 2207 2207 HOH HOH A . 
D 4 HOH 208 2208 2208 HOH HOH A . 
D 4 HOH 209 2209 2209 HOH HOH A . 
D 4 HOH 210 2210 2210 HOH HOH A . 
D 4 HOH 211 2211 2211 HOH HOH A . 
D 4 HOH 212 2212 2212 HOH HOH A . 
D 4 HOH 213 2213 2213 HOH HOH A . 
D 4 HOH 214 2214 2214 HOH HOH A . 
D 4 HOH 215 2215 2215 HOH HOH A . 
D 4 HOH 216 2216 2216 HOH HOH A . 
D 4 HOH 217 2217 2217 HOH HOH A . 
D 4 HOH 218 2218 2218 HOH HOH A . 
D 4 HOH 219 2219 2219 HOH HOH A . 
D 4 HOH 220 2220 2220 HOH HOH A . 
D 4 HOH 221 2221 2221 HOH HOH A . 
D 4 HOH 222 2222 2222 HOH HOH A . 
D 4 HOH 223 2223 2223 HOH HOH A . 
D 4 HOH 224 2224 2224 HOH HOH A . 
D 4 HOH 225 2225 2225 HOH HOH A . 
D 4 HOH 226 2226 2226 HOH HOH A . 
D 4 HOH 227 2227 2227 HOH HOH A . 
D 4 HOH 228 2228 2228 HOH HOH A . 
D 4 HOH 229 2229 2229 HOH HOH A . 
D 4 HOH 230 2230 2230 HOH HOH A . 
D 4 HOH 231 2231 2231 HOH HOH A . 
# 
loop_
_software.name 
_software.classification 
_software.version 
_software.citation_id 
_software.pdbx_ordinal 
REFMAC    refinement       5.0 ? 1 
DENZO     'data reduction' .   ? 2 
SCALEPACK 'data scaling'   .   ? 3 
AMoRE     phasing          .   ? 4 
# 
_cell.entry_id           1GNY 
_cell.length_a           92.150 
_cell.length_b           60.122 
_cell.length_c           33.107 
_cell.angle_alpha        90.00 
_cell.angle_beta         102.78 
_cell.angle_gamma        90.00 
_cell.Z_PDB              4 
_cell.pdbx_unique_axis   ? 
# 
_symmetry.entry_id                         1GNY 
_symmetry.space_group_name_H-M             'C 1 2 1' 
_symmetry.pdbx_full_space_group_name_H-M   ? 
_symmetry.cell_setting                     ? 
_symmetry.Int_Tables_number                5 
# 
_exptl.entry_id          1GNY 
_exptl.method            'X-RAY DIFFRACTION' 
_exptl.crystals_number   1 
# 
_exptl_crystal.id                    1 
_exptl_crystal.density_meas          ? 
_exptl_crystal.density_Matthews      2.80 
_exptl_crystal.density_percent_sol   56.03 
_exptl_crystal.description           ? 
# 
_exptl_crystal_grow.crystal_id      1 
_exptl_crystal_grow.method          ? 
_exptl_crystal_grow.temp            ? 
_exptl_crystal_grow.temp_details    ? 
_exptl_crystal_grow.pH              5.60 
_exptl_crystal_grow.pdbx_pH_range   ? 
_exptl_crystal_grow.pdbx_details    '0.2M NH4OAC,0.1M NA CITRATE PH 5.6, 30% POLYETHYLENE GLYCOL 4000' 
# 
_diffrn.id                     1 
_diffrn.ambient_temp           100.0 
_diffrn.ambient_temp_details   ? 
_diffrn.crystal_id             1 
# 
_diffrn_detector.diffrn_id              1 
_diffrn_detector.detector               CCD 
_diffrn_detector.type                   ? 
_diffrn_detector.pdbx_collection_date   2001-03-15 
_diffrn_detector.details                ? 
# 
_diffrn_radiation.diffrn_id                        1 
_diffrn_radiation.wavelength_id                    1 
_diffrn_radiation.pdbx_monochromatic_or_laue_m_l   M 
_diffrn_radiation.monochromator                    ? 
_diffrn_radiation.pdbx_diffrn_protocol             'SINGLE WAVELENGTH' 
_diffrn_radiation.pdbx_scattering_type             x-ray 
# 
_diffrn_radiation_wavelength.id           1 
_diffrn_radiation_wavelength.wavelength   0.87000 
_diffrn_radiation_wavelength.wt           1.0 
# 
_diffrn_source.diffrn_id                   1 
_diffrn_source.source                      SYNCHROTRON 
_diffrn_source.type                        'SRS BEAMLINE PX9.6' 
_diffrn_source.pdbx_synchrotron_site       SRS 
_diffrn_source.pdbx_synchrotron_beamline   PX9.6 
_diffrn_source.pdbx_wavelength             0.87000 
_diffrn_source.pdbx_wavelength_list        ? 
# 
_reflns.pdbx_diffrn_id               1 
_reflns.pdbx_ordinal                 1 
_reflns.entry_id                     1GNY 
_reflns.observed_criterion_sigma_I   -3.000 
_reflns.observed_criterion_sigma_F   ? 
_reflns.d_resolution_low             50.000 
_reflns.d_resolution_high            1.630 
_reflns.number_obs                   21535 
_reflns.number_all                   ? 
_reflns.percent_possible_obs         98.0 
_reflns.pdbx_Rmerge_I_obs            0.04300 
_reflns.pdbx_Rsym_value              ? 
_reflns.pdbx_netI_over_sigmaI        29.0000 
_reflns.B_iso_Wilson_estimate        ? 
_reflns.pdbx_redundancy              3.600 
# 
_reflns_shell.pdbx_diffrn_id         1 
_reflns_shell.pdbx_ordinal           1 
_reflns_shell.d_res_high             1.63 
_reflns_shell.d_res_low              1.69 
_reflns_shell.percent_possible_all   80.0 
_reflns_shell.Rmerge_I_obs           0.33000 
_reflns_shell.pdbx_Rsym_value        ? 
_reflns_shell.meanI_over_sigI_obs    3.000 
_reflns_shell.pdbx_redundancy        2.80 
# 
_refine.pdbx_refine_id                           'X-RAY DIFFRACTION' 
_refine.entry_id                                 1GNY 
_refine.pdbx_diffrn_id                           1 
_refine.pdbx_TLS_residual_ADP_flag               ? 
_refine.ls_number_reflns_obs                     20424 
_refine.ls_number_reflns_all                     ? 
_refine.pdbx_ls_sigma_I                          ? 
_refine.pdbx_ls_sigma_F                          ? 
_refine.pdbx_data_cutoff_high_absF               ? 
_refine.pdbx_data_cutoff_low_absF                ? 
_refine.pdbx_data_cutoff_high_rms_absF           ? 
_refine.ls_d_res_low                             50.00 
_refine.ls_d_res_high                            1.63 
_refine.ls_percent_reflns_obs                    97.6 
_refine.ls_R_factor_obs                          0.152 
_refine.ls_R_factor_all                          ? 
_refine.ls_R_factor_R_work                       0.150 
_refine.ls_R_factor_R_free                       0.177 
_refine.ls_R_factor_R_free_error                 ? 
_refine.ls_R_factor_R_free_error_details         ? 
_refine.ls_percent_reflns_R_free                 5.200 
_refine.ls_number_reflns_R_free                  1109 
_refine.ls_number_parameters                     ? 
_refine.ls_number_restraints                     ? 
_refine.occupancy_min                            ? 
_refine.occupancy_max                            ? 
_refine.correlation_coeff_Fo_to_Fc               0.973 
_refine.correlation_coeff_Fo_to_Fc_free          0.962 
_refine.B_iso_mean                               ? 
_refine.aniso_B[1][1]                            ? 
_refine.aniso_B[2][2]                            ? 
_refine.aniso_B[3][3]                            ? 
_refine.aniso_B[1][2]                            ? 
_refine.aniso_B[1][3]                            ? 
_refine.aniso_B[2][3]                            ? 
_refine.solvent_model_details                    'BABINET MODEL WITH MASK' 
_refine.solvent_model_param_ksol                 ? 
_refine.solvent_model_param_bsol                 ? 
_refine.pdbx_solvent_vdw_probe_radii             1.40 
_refine.pdbx_solvent_ion_probe_radii             0.80 
_refine.pdbx_solvent_shrinkage_radii             0.80 
_refine.pdbx_ls_cross_valid_method               THROUGHOUT 
_refine.details                                  'HYDROGENS HAVE BEEN ADDED IN THE RIDING POSITIONS' 
_refine.pdbx_starting_model                      'PARTIAL MODEL (UNPUBLISHED)' 
_refine.pdbx_method_to_determine_struct          'MOLECULAR REPLACEMENT' 
_refine.pdbx_isotropic_thermal_model             ? 
_refine.pdbx_stereochemistry_target_values       'MAXIMUM LIKELIHOOD' 
_refine.pdbx_stereochem_target_val_spec_case     ? 
_refine.pdbx_R_Free_selection_details            RANDOM 
_refine.pdbx_overall_ESU_R                       0.077 
_refine.pdbx_overall_ESU_R_Free                  0.077 
_refine.overall_SU_ML                            0.051 
_refine.pdbx_overall_phase_error                 ? 
_refine.overall_SU_B                             1.535 
_refine.overall_SU_R_Cruickshank_DPI             ? 
_refine.pdbx_overall_SU_R_free_Cruickshank_DPI   ? 
_refine.pdbx_overall_SU_R_Blow_DPI               ? 
_refine.pdbx_overall_SU_R_free_Blow_DPI          ? 
# 
_refine_hist.pdbx_refine_id                   'X-RAY DIFFRACTION' 
_refine_hist.cycle_id                         LAST 
_refine_hist.pdbx_number_atoms_protein        1121 
_refine_hist.pdbx_number_atoms_nucleic_acid   0 
_refine_hist.pdbx_number_atoms_ligand         47 
_refine_hist.number_atoms_solvent             231 
_refine_hist.number_atoms_total               1399 
_refine_hist.d_res_high                       1.63 
_refine_hist.d_res_low                        50.00 
# 
loop_
_refine_ls_restr.type 
_refine_ls_restr.dev_ideal 
_refine_ls_restr.dev_ideal_target 
_refine_ls_restr.weight 
_refine_ls_restr.number 
_refine_ls_restr.pdbx_refine_id 
_refine_ls_restr.pdbx_restraint_function 
r_bond_refined_d             0.015 0.021 ? 1185 'X-RAY DIFFRACTION' ? 
r_bond_other_d               0.003 0.020 ? 1030 'X-RAY DIFFRACTION' ? 
r_angle_refined_deg          ?     ?     ? ?    'X-RAY DIFFRACTION' ? 
r_angle_other_deg            1.726 1.980 ? 1620 'X-RAY DIFFRACTION' ? 
r_dihedral_angle_1_deg       ?     ?     ? ?    'X-RAY DIFFRACTION' ? 
r_dihedral_angle_2_deg       ?     ?     ? ?    'X-RAY DIFFRACTION' ? 
r_dihedral_angle_3_deg       1.182 3.000 ? 2390 'X-RAY DIFFRACTION' ? 
r_dihedral_angle_4_deg       ?     ?     ? ?    'X-RAY DIFFRACTION' ? 
r_chiral_restr               0.106 0.200 ? 207  'X-RAY DIFFRACTION' ? 
r_gen_planes_refined         0.006 0.020 ? 1300 'X-RAY DIFFRACTION' ? 
r_gen_planes_other           0.002 0.020 ? 208  'X-RAY DIFFRACTION' ? 
r_nbd_refined                0.186 0.100 ? 135  'X-RAY DIFFRACTION' ? 
r_nbd_other                  0.163 0.100 ? 879  'X-RAY DIFFRACTION' ? 
r_nbtor_refined              ?     ?     ? ?    'X-RAY DIFFRACTION' ? 
r_nbtor_other                0.085 0.200 ? 550  'X-RAY DIFFRACTION' ? 
r_xyhbond_nbd_refined        0.087 0.100 ? 136  'X-RAY DIFFRACTION' ? 
r_xyhbond_nbd_other          ?     ?     ? ?    'X-RAY DIFFRACTION' ? 
r_metal_ion_refined          0.447 0.000 ? 1    'X-RAY DIFFRACTION' ? 
r_metal_ion_other            ?     ?     ? ?    'X-RAY DIFFRACTION' ? 
r_symmetry_vdw_refined       0.037 0.100 ? 2    'X-RAY DIFFRACTION' ? 
r_symmetry_vdw_other         0.150 0.100 ? 21   'X-RAY DIFFRACTION' ? 
r_symmetry_hbond_refined     0.116 0.100 ? 16   'X-RAY DIFFRACTION' ? 
r_symmetry_hbond_other       ?     ?     ? ?    'X-RAY DIFFRACTION' ? 
r_symmetry_metal_ion_refined ?     ?     ? ?    'X-RAY DIFFRACTION' ? 
r_symmetry_metal_ion_other   ?     ?     ? ?    'X-RAY DIFFRACTION' ? 
r_mcbond_it                  0.871 1.500 ? 752  'X-RAY DIFFRACTION' ? 
r_mcbond_other               ?     ?     ? ?    'X-RAY DIFFRACTION' ? 
r_mcangle_it                 1.587 2.000 ? 1204 'X-RAY DIFFRACTION' ? 
r_mcangle_other              ?     ?     ? ?    'X-RAY DIFFRACTION' ? 
r_scbond_it                  2.512 3.000 ? 433  'X-RAY DIFFRACTION' ? 
r_scbond_other               ?     ?     ? ?    'X-RAY DIFFRACTION' ? 
r_scangle_it                 4.243 4.500 ? 416  'X-RAY DIFFRACTION' ? 
r_scangle_other              ?     ?     ? ?    'X-RAY DIFFRACTION' ? 
r_long_range_B_refined       ?     ?     ? ?    'X-RAY DIFFRACTION' ? 
r_long_range_B_other         ?     ?     ? ?    'X-RAY DIFFRACTION' ? 
r_rigid_bond_restr           ?     ?     ? ?    'X-RAY DIFFRACTION' ? 
r_sphericity_free            ?     ?     ? ?    'X-RAY DIFFRACTION' ? 
r_sphericity_bonded          ?     ?     ? ?    'X-RAY DIFFRACTION' ? 
# 
_refine_ls_shell.pdbx_refine_id                   'X-RAY DIFFRACTION' 
_refine_ls_shell.pdbx_total_number_of_bins_used   20 
_refine_ls_shell.d_res_high                       1.63 
_refine_ls_shell.d_res_low                        1.67 
_refine_ls_shell.number_reflns_R_work             1187 
_refine_ls_shell.R_factor_R_work                  0.2180 
_refine_ls_shell.percent_reflns_obs               ? 
_refine_ls_shell.R_factor_R_free                  0.2680 
_refine_ls_shell.R_factor_R_free_error            ? 
_refine_ls_shell.percent_reflns_R_free            ? 
_refine_ls_shell.number_reflns_R_free             65 
_refine_ls_shell.number_reflns_all                ? 
_refine_ls_shell.R_factor_all                     ? 
# 
_struct.entry_id                  1GNY 
_struct.title                     'xylan-binding module CBM15' 
_struct.pdbx_model_details        ? 
_struct.pdbx_CASP_flag            ? 
_struct.pdbx_model_type_details   ? 
# 
_struct_keywords.entry_id        1GNY 
_struct_keywords.pdbx_keywords   'CARBOHYDRATE-BINDING MODULE' 
_struct_keywords.text            'CARBOHYDRATE-BINDING MODULE, XYLAN, XYLOOLIGOSACCHARIDE, XYLANASE, CATALYSIS' 
# 
loop_
_struct_asym.id 
_struct_asym.pdbx_blank_PDB_chainid_flag 
_struct_asym.pdbx_modified 
_struct_asym.entity_id 
_struct_asym.details 
A N N 1 ? 
B N N 2 ? 
C N N 3 ? 
D N N 4 ? 
# 
_struct_ref.id                         1 
_struct_ref.db_name                    UNP 
_struct_ref.db_code                    Q59675 
_struct_ref.entity_id                  1 
_struct_ref.pdbx_seq_one_letter_code   ? 
_struct_ref.pdbx_align_begin           ? 
_struct_ref.pdbx_db_accession          Q59675 
_struct_ref.pdbx_db_isoform            ? 
# 
_struct_ref_seq.align_id                      1 
_struct_ref_seq.ref_id                        1 
_struct_ref_seq.pdbx_PDB_id_code              1GNY 
_struct_ref_seq.pdbx_strand_id                A 
_struct_ref_seq.seq_align_beg                 1 
_struct_ref_seq.pdbx_seq_align_beg_ins_code   ? 
_struct_ref_seq.seq_align_end                 153 
_struct_ref_seq.pdbx_seq_align_end_ins_code   ? 
_struct_ref_seq.pdbx_db_accession             Q59675 
_struct_ref_seq.db_align_beg                  91 
_struct_ref_seq.pdbx_db_align_beg_ins_code    ? 
_struct_ref_seq.db_align_end                  243 
_struct_ref_seq.pdbx_db_align_end_ins_code    ? 
_struct_ref_seq.pdbx_auth_seq_align_beg       91 
_struct_ref_seq.pdbx_auth_seq_align_end       243 
# 
_pdbx_struct_assembly.id                   1 
_pdbx_struct_assembly.details              author_and_software_defined_assembly 
_pdbx_struct_assembly.method_details       PQS 
_pdbx_struct_assembly.oligomeric_details   monomeric 
_pdbx_struct_assembly.oligomeric_count     1 
# 
_pdbx_struct_assembly_gen.assembly_id       1 
_pdbx_struct_assembly_gen.oper_expression   1 
_pdbx_struct_assembly_gen.asym_id_list      A,B,C,D 
# 
_pdbx_struct_oper_list.id                   1 
_pdbx_struct_oper_list.type                 'identity operation' 
_pdbx_struct_oper_list.name                 1_555 
_pdbx_struct_oper_list.symmetry_operation   x,y,z 
_pdbx_struct_oper_list.matrix[1][1]         1.0000000000 
_pdbx_struct_oper_list.matrix[1][2]         0.0000000000 
_pdbx_struct_oper_list.matrix[1][3]         0.0000000000 
_pdbx_struct_oper_list.vector[1]            0.0000000000 
_pdbx_struct_oper_list.matrix[2][1]         0.0000000000 
_pdbx_struct_oper_list.matrix[2][2]         1.0000000000 
_pdbx_struct_oper_list.matrix[2][3]         0.0000000000 
_pdbx_struct_oper_list.vector[2]            0.0000000000 
_pdbx_struct_oper_list.matrix[3][1]         0.0000000000 
_pdbx_struct_oper_list.matrix[3][2]         0.0000000000 
_pdbx_struct_oper_list.matrix[3][3]         1.0000000000 
_pdbx_struct_oper_list.vector[3]            0.0000000000 
# 
_struct_biol.id   1 
# 
loop_
_struct_conf.conf_type_id 
_struct_conf.id 
_struct_conf.pdbx_PDB_helix_id 
_struct_conf.beg_label_comp_id 
_struct_conf.beg_label_asym_id 
_struct_conf.beg_label_seq_id 
_struct_conf.pdbx_beg_PDB_ins_code 
_struct_conf.end_label_comp_id 
_struct_conf.end_label_asym_id 
_struct_conf.end_label_seq_id 
_struct_conf.pdbx_end_PDB_ins_code 
_struct_conf.beg_auth_comp_id 
_struct_conf.beg_auth_asym_id 
_struct_conf.beg_auth_seq_id 
_struct_conf.end_auth_comp_id 
_struct_conf.end_auth_asym_id 
_struct_conf.end_auth_seq_id 
_struct_conf.pdbx_PDB_helix_class 
_struct_conf.details 
_struct_conf.pdbx_PDB_helix_length 
HELX_P HELX_P1 1 SER A 66 ? GLU A 73  ? SER A 156 GLU A 163 1 ? 8 
HELX_P HELX_P2 2 GLY A 96 ? LEU A 100 ? GLY A 186 LEU A 190 5 ? 5 
# 
_struct_conf_type.id          HELX_P 
_struct_conf_type.criteria    ? 
_struct_conf_type.reference   ? 
# 
loop_
_struct_conn.id 
_struct_conn.conn_type_id 
_struct_conn.pdbx_leaving_atom_flag 
_struct_conn.pdbx_PDB_id 
_struct_conn.ptnr1_label_asym_id 
_struct_conn.ptnr1_label_comp_id 
_struct_conn.ptnr1_label_seq_id 
_struct_conn.ptnr1_label_atom_id 
_struct_conn.pdbx_ptnr1_label_alt_id 
_struct_conn.pdbx_ptnr1_PDB_ins_code 
_struct_conn.pdbx_ptnr1_standard_comp_id 
_struct_conn.ptnr1_symmetry 
_struct_conn.ptnr2_label_asym_id 
_struct_conn.ptnr2_label_comp_id 
_struct_conn.ptnr2_label_seq_id 
_struct_conn.ptnr2_label_atom_id 
_struct_conn.pdbx_ptnr2_label_alt_id 
_struct_conn.pdbx_ptnr2_PDB_ins_code 
_struct_conn.ptnr1_auth_asym_id 
_struct_conn.ptnr1_auth_comp_id 
_struct_conn.ptnr1_auth_seq_id 
_struct_conn.ptnr2_auth_asym_id 
_struct_conn.ptnr2_auth_comp_id 
_struct_conn.ptnr2_auth_seq_id 
_struct_conn.ptnr2_symmetry 
_struct_conn.pdbx_ptnr3_label_atom_id 
_struct_conn.pdbx_ptnr3_label_seq_id 
_struct_conn.pdbx_ptnr3_label_comp_id 
_struct_conn.pdbx_ptnr3_label_asym_id 
_struct_conn.pdbx_ptnr3_label_alt_id 
_struct_conn.pdbx_ptnr3_PDB_ins_code 
_struct_conn.details 
_struct_conn.pdbx_dist_value 
_struct_conn.pdbx_value_order 
_struct_conn.pdbx_role 
disulf1 disulf ?    ? A CYS 93  SG  ? ? ? 1_555 A CYS 110 SG ? ? A CYS 183  A CYS 200  1_555 ? ? ? ? ? ? ? 2.026 ? ? 
covale1 covale both ? B XYP .   O4  ? ? ? 1_555 B XYP .   C1 ? ? B XYP 1    B XYP 2    1_555 ? ? ? ? ? ? ? 1.426 ? ? 
covale2 covale both ? B XYP .   O4  ? ? ? 1_555 B XYP .   C1 ? ? B XYP 2    B XYP 3    1_555 ? ? ? ? ? ? ? 1.432 ? ? 
covale3 covale both ? B XYP .   O4  ? ? ? 1_555 B XYP .   C1 ? ? B XYP 3    B XYP 4    1_555 ? ? ? ? ? ? ? 1.403 ? ? 
covale4 covale both ? B XYP .   O4  ? ? ? 1_555 B XYP .   C1 ? ? B XYP 4    B XYP 5    1_555 ? ? ? ? ? ? ? 1.446 ? ? 
metalc1 metalc ?    ? A ASN 64  OD1 ? ? ? 1_555 C NA  .   NA ? ? A ASN 154  A NA  1244 1_555 ? ? ? ? ? ? ? 2.433 ? ? 
metalc2 metalc ?    ? A ALA 102 O   ? ? ? 1_555 C NA  .   NA ? ? A ALA 192  A NA  1244 1_555 ? ? ? ? ? ? ? 2.407 ? ? 
metalc3 metalc ?    ? C NA  .   NA  ? ? ? 1_555 D HOH .   O  ? ? A NA  1244 A HOH 2163 1_555 ? ? ? ? ? ? ? 1.950 ? ? 
# 
loop_
_struct_conn_type.id 
_struct_conn_type.criteria 
_struct_conn_type.reference 
disulf ? ? 
covale ? ? 
metalc ? ? 
# 
loop_
_pdbx_struct_conn_angle.id 
_pdbx_struct_conn_angle.ptnr1_label_atom_id 
_pdbx_struct_conn_angle.ptnr1_label_alt_id 
_pdbx_struct_conn_angle.ptnr1_label_asym_id 
_pdbx_struct_conn_angle.ptnr1_label_comp_id 
_pdbx_struct_conn_angle.ptnr1_label_seq_id 
_pdbx_struct_conn_angle.ptnr1_auth_atom_id 
_pdbx_struct_conn_angle.ptnr1_auth_asym_id 
_pdbx_struct_conn_angle.ptnr1_auth_comp_id 
_pdbx_struct_conn_angle.ptnr1_auth_seq_id 
_pdbx_struct_conn_angle.ptnr1_PDB_ins_code 
_pdbx_struct_conn_angle.ptnr1_symmetry 
_pdbx_struct_conn_angle.ptnr2_label_atom_id 
_pdbx_struct_conn_angle.ptnr2_label_alt_id 
_pdbx_struct_conn_angle.ptnr2_label_asym_id 
_pdbx_struct_conn_angle.ptnr2_label_comp_id 
_pdbx_struct_conn_angle.ptnr2_label_seq_id 
_pdbx_struct_conn_angle.ptnr2_auth_atom_id 
_pdbx_struct_conn_angle.ptnr2_auth_asym_id 
_pdbx_struct_conn_angle.ptnr2_auth_comp_id 
_pdbx_struct_conn_angle.ptnr2_auth_seq_id 
_pdbx_struct_conn_angle.ptnr2_PDB_ins_code 
_pdbx_struct_conn_angle.ptnr2_symmetry 
_pdbx_struct_conn_angle.ptnr3_label_atom_id 
_pdbx_struct_conn_angle.ptnr3_label_alt_id 
_pdbx_struct_conn_angle.ptnr3_label_asym_id 
_pdbx_struct_conn_angle.ptnr3_label_comp_id 
_pdbx_struct_conn_angle.ptnr3_label_seq_id 
_pdbx_struct_conn_angle.ptnr3_auth_atom_id 
_pdbx_struct_conn_angle.ptnr3_auth_asym_id 
_pdbx_struct_conn_angle.ptnr3_auth_comp_id 
_pdbx_struct_conn_angle.ptnr3_auth_seq_id 
_pdbx_struct_conn_angle.ptnr3_PDB_ins_code 
_pdbx_struct_conn_angle.ptnr3_symmetry 
_pdbx_struct_conn_angle.value 
_pdbx_struct_conn_angle.value_esd 
1 OD1 ? A ASN 64  ? A ASN 154 ? 1_555 NA ? C NA . ? A NA 1244 ? 1_555 O ? A ALA 102 ? A ALA 192  ? 1_555 146.0 ? 
2 OD1 ? A ASN 64  ? A ASN 154 ? 1_555 NA ? C NA . ? A NA 1244 ? 1_555 O ? D HOH .   ? A HOH 2163 ? 1_555 107.7 ? 
3 O   ? A ALA 102 ? A ALA 192 ? 1_555 NA ? C NA . ? A NA 1244 ? 1_555 O ? D HOH .   ? A HOH 2163 ? 1_555 101.0 ? 
# 
_pdbx_modification_feature.ordinal                            1 
_pdbx_modification_feature.label_comp_id                      CYS 
_pdbx_modification_feature.label_asym_id                      A 
_pdbx_modification_feature.label_seq_id                       93 
_pdbx_modification_feature.label_alt_id                       ? 
_pdbx_modification_feature.modified_residue_label_comp_id     CYS 
_pdbx_modification_feature.modified_residue_label_asym_id     A 
_pdbx_modification_feature.modified_residue_label_seq_id      110 
_pdbx_modification_feature.modified_residue_label_alt_id      ? 
_pdbx_modification_feature.auth_comp_id                       CYS 
_pdbx_modification_feature.auth_asym_id                       A 
_pdbx_modification_feature.auth_seq_id                        183 
_pdbx_modification_feature.PDB_ins_code                       ? 
_pdbx_modification_feature.symmetry                           1_555 
_pdbx_modification_feature.modified_residue_auth_comp_id      CYS 
_pdbx_modification_feature.modified_residue_auth_asym_id      A 
_pdbx_modification_feature.modified_residue_auth_seq_id       200 
_pdbx_modification_feature.modified_residue_PDB_ins_code      ? 
_pdbx_modification_feature.modified_residue_symmetry          1_555 
_pdbx_modification_feature.comp_id_linking_atom               SG 
_pdbx_modification_feature.modified_residue_id_linking_atom   SG 
_pdbx_modification_feature.modified_residue_id                . 
_pdbx_modification_feature.ref_pcm_id                         . 
_pdbx_modification_feature.ref_comp_id                        . 
_pdbx_modification_feature.type                               None 
_pdbx_modification_feature.category                           'Disulfide bridge' 
# 
_struct_mon_prot_cis.pdbx_id                1 
_struct_mon_prot_cis.label_comp_id          ARG 
_struct_mon_prot_cis.label_seq_id           50 
_struct_mon_prot_cis.label_asym_id          A 
_struct_mon_prot_cis.label_alt_id           . 
_struct_mon_prot_cis.pdbx_PDB_ins_code      ? 
_struct_mon_prot_cis.auth_comp_id           ARG 
_struct_mon_prot_cis.auth_seq_id            140 
_struct_mon_prot_cis.auth_asym_id           A 
_struct_mon_prot_cis.pdbx_label_comp_id_2   PRO 
_struct_mon_prot_cis.pdbx_label_seq_id_2    51 
_struct_mon_prot_cis.pdbx_label_asym_id_2   A 
_struct_mon_prot_cis.pdbx_PDB_ins_code_2    ? 
_struct_mon_prot_cis.pdbx_auth_comp_id_2    PRO 
_struct_mon_prot_cis.pdbx_auth_seq_id_2     141 
_struct_mon_prot_cis.pdbx_auth_asym_id_2    A 
_struct_mon_prot_cis.pdbx_PDB_model_num     1 
_struct_mon_prot_cis.pdbx_omega_angle       -0.02 
# 
loop_
_struct_sheet.id 
_struct_sheet.type 
_struct_sheet.number_strands 
_struct_sheet.details 
AA ? 4 ? 
AB ? 4 ? 
AC ? 5 ? 
AD ? 2 ? 
# 
loop_
_struct_sheet_order.sheet_id 
_struct_sheet_order.range_id_1 
_struct_sheet_order.range_id_2 
_struct_sheet_order.offset 
_struct_sheet_order.sense 
AA 1 2 ? anti-parallel 
AA 2 3 ? anti-parallel 
AA 3 4 ? anti-parallel 
AB 1 2 ? anti-parallel 
AB 2 3 ? anti-parallel 
AB 3 4 ? anti-parallel 
AC 1 2 ? anti-parallel 
AC 2 3 ? anti-parallel 
AC 3 4 ? anti-parallel 
AC 4 5 ? anti-parallel 
AD 1 2 ? anti-parallel 
# 
loop_
_struct_sheet_range.sheet_id 
_struct_sheet_range.id 
_struct_sheet_range.beg_label_comp_id 
_struct_sheet_range.beg_label_asym_id 
_struct_sheet_range.beg_label_seq_id 
_struct_sheet_range.pdbx_beg_PDB_ins_code 
_struct_sheet_range.end_label_comp_id 
_struct_sheet_range.end_label_asym_id 
_struct_sheet_range.end_label_seq_id 
_struct_sheet_range.pdbx_end_PDB_ins_code 
_struct_sheet_range.beg_auth_comp_id 
_struct_sheet_range.beg_auth_asym_id 
_struct_sheet_range.beg_auth_seq_id 
_struct_sheet_range.end_auth_comp_id 
_struct_sheet_range.end_auth_asym_id 
_struct_sheet_range.end_auth_seq_id 
AA 1 ASN A 2   ? GLU A 6   ? ASN A 92  GLU A 96  
AA 2 THR A 139 ? GLU A 152 ? THR A 229 GLU A 242 
AA 3 GLY A 32  ? ALA A 36  ? GLY A 122 ALA A 126 
AA 4 THR A 27  ? SER A 29  ? THR A 117 SER A 119 
AB 1 ASN A 2   ? GLU A 6   ? ASN A 92  GLU A 96  
AB 2 THR A 139 ? GLU A 152 ? THR A 229 GLU A 242 
AB 3 VAL A 58  ? VAL A 65  ? VAL A 148 VAL A 155 
AB 4 LEU A 106 ? THR A 111 ? LEU A 196 THR A 201 
AC 1 ARG A 14  ? ALA A 17  ? ARG A 104 ALA A 107 
AC 2 VAL A 42  ? ILE A 48  ? VAL A 132 ILE A 138 
AC 3 VAL A 126 ? LYS A 133 ? VAL A 216 LYS A 223 
AC 4 ASN A 75  ? LEU A 82  ? ASN A 165 LEU A 172 
AC 5 ASP A 85  ? GLU A 90  ? ASP A 175 GLU A 180 
AD 1 THR A 52  ? THR A 53  ? THR A 142 THR A 143 
AD 2 ASN A 120 ? GLN A 121 ? ASN A 210 GLN A 211 
# 
loop_
_pdbx_struct_sheet_hbond.sheet_id 
_pdbx_struct_sheet_hbond.range_id_1 
_pdbx_struct_sheet_hbond.range_id_2 
_pdbx_struct_sheet_hbond.range_1_label_atom_id 
_pdbx_struct_sheet_hbond.range_1_label_comp_id 
_pdbx_struct_sheet_hbond.range_1_label_asym_id 
_pdbx_struct_sheet_hbond.range_1_label_seq_id 
_pdbx_struct_sheet_hbond.range_1_PDB_ins_code 
_pdbx_struct_sheet_hbond.range_1_auth_atom_id 
_pdbx_struct_sheet_hbond.range_1_auth_comp_id 
_pdbx_struct_sheet_hbond.range_1_auth_asym_id 
_pdbx_struct_sheet_hbond.range_1_auth_seq_id 
_pdbx_struct_sheet_hbond.range_2_label_atom_id 
_pdbx_struct_sheet_hbond.range_2_label_comp_id 
_pdbx_struct_sheet_hbond.range_2_label_asym_id 
_pdbx_struct_sheet_hbond.range_2_label_seq_id 
_pdbx_struct_sheet_hbond.range_2_PDB_ins_code 
_pdbx_struct_sheet_hbond.range_2_auth_atom_id 
_pdbx_struct_sheet_hbond.range_2_auth_comp_id 
_pdbx_struct_sheet_hbond.range_2_auth_asym_id 
_pdbx_struct_sheet_hbond.range_2_auth_seq_id 
AA 1 2 N ILE A 5   ? N ILE A 95  O ILE A 147 ? O ILE A 237 
AA 2 3 N ILE A 142 ? N ILE A 232 O VAL A 33  ? O VAL A 123 
AA 3 4 N THR A 34  ? N THR A 124 O THR A 27  ? O THR A 117 
AB 1 2 N ILE A 5   ? N ILE A 95  O ILE A 147 ? O ILE A 237 
AB 2 3 N THR A 148 ? N THR A 238 O VAL A 58  ? O VAL A 148 
AB 3 4 N VAL A 63  ? N VAL A 153 O LEU A 106 ? O LEU A 196 
AC 1 2 N ASN A 16  ? N ASN A 106 O GLY A 43  ? O GLY A 133 
AC 2 3 N ILE A 48  ? N ILE A 138 O VAL A 126 ? O VAL A 216 
AC 3 4 N LYS A 133 ? N LYS A 223 O ASN A 75  ? O ASN A 165 
AC 4 5 O LEU A 82  ? O LEU A 172 N ASP A 85  ? N ASP A 175 
AD 1 2 N THR A 52  ? N THR A 142 O GLN A 121 ? O GLN A 211 
# 
_pdbx_entry_details.entry_id                   1GNY 
_pdbx_entry_details.compound_details           ? 
_pdbx_entry_details.source_details             ? 
_pdbx_entry_details.nonpolymer_details         ? 
_pdbx_entry_details.sequence_details           
;CBM15 IS A SMALL PORTION OF THIS
ORF CORRESPONDING TO THE XYLAN-BINDING DOMAIN ONLY
;
_pdbx_entry_details.has_ligand_of_interest     ? 
_pdbx_entry_details.has_protein_modification   Y 
# 
loop_
_pdbx_validate_rmsd_angle.id 
_pdbx_validate_rmsd_angle.PDB_model_num 
_pdbx_validate_rmsd_angle.auth_atom_id_1 
_pdbx_validate_rmsd_angle.auth_asym_id_1 
_pdbx_validate_rmsd_angle.auth_comp_id_1 
_pdbx_validate_rmsd_angle.auth_seq_id_1 
_pdbx_validate_rmsd_angle.PDB_ins_code_1 
_pdbx_validate_rmsd_angle.label_alt_id_1 
_pdbx_validate_rmsd_angle.auth_atom_id_2 
_pdbx_validate_rmsd_angle.auth_asym_id_2 
_pdbx_validate_rmsd_angle.auth_comp_id_2 
_pdbx_validate_rmsd_angle.auth_seq_id_2 
_pdbx_validate_rmsd_angle.PDB_ins_code_2 
_pdbx_validate_rmsd_angle.label_alt_id_2 
_pdbx_validate_rmsd_angle.auth_atom_id_3 
_pdbx_validate_rmsd_angle.auth_asym_id_3 
_pdbx_validate_rmsd_angle.auth_comp_id_3 
_pdbx_validate_rmsd_angle.auth_seq_id_3 
_pdbx_validate_rmsd_angle.PDB_ins_code_3 
_pdbx_validate_rmsd_angle.label_alt_id_3 
_pdbx_validate_rmsd_angle.angle_value 
_pdbx_validate_rmsd_angle.angle_target_value 
_pdbx_validate_rmsd_angle.angle_deviation 
_pdbx_validate_rmsd_angle.angle_standard_deviation 
_pdbx_validate_rmsd_angle.linker_flag 
1 1 NE A ARG 140 ? ? CZ A ARG 140 ? ? NH1 A ARG 140 ? ? 129.68 120.30 9.38   0.50 N 
2 1 NE A ARG 140 ? ? CZ A ARG 140 ? ? NH2 A ARG 140 ? ? 109.98 120.30 -10.32 0.50 N 
# 
_pdbx_validate_planes.id              1 
_pdbx_validate_planes.PDB_model_num   1 
_pdbx_validate_planes.auth_comp_id    ARG 
_pdbx_validate_planes.auth_asym_id    A 
_pdbx_validate_planes.auth_seq_id     140 
_pdbx_validate_planes.PDB_ins_code    ? 
_pdbx_validate_planes.label_alt_id    ? 
_pdbx_validate_planes.rmsd            0.098 
_pdbx_validate_planes.type            'SIDE CHAIN' 
# 
loop_
_pdbx_struct_special_symmetry.id 
_pdbx_struct_special_symmetry.PDB_model_num 
_pdbx_struct_special_symmetry.auth_asym_id 
_pdbx_struct_special_symmetry.auth_comp_id 
_pdbx_struct_special_symmetry.auth_seq_id 
_pdbx_struct_special_symmetry.PDB_ins_code 
_pdbx_struct_special_symmetry.label_asym_id 
_pdbx_struct_special_symmetry.label_comp_id 
_pdbx_struct_special_symmetry.label_seq_id 
1 1 A HOH 2107 ? D HOH . 
2 1 A HOH 2120 ? D HOH . 
# 
_pdbx_database_remark.id     700 
_pdbx_database_remark.text   
;
SHEET
THE SHEET STRUCTURE OF THIS MOLECULE IS BIFURCATED. IN
ORDER TO REPRESENT THIS FEATURE IN THE SHEET RECORDS BELOW,
TWO SHEETS ARE DEFINED.
;
# 
loop_
_pdbx_distant_solvent_atoms.id 
_pdbx_distant_solvent_atoms.PDB_model_num 
_pdbx_distant_solvent_atoms.auth_atom_id 
_pdbx_distant_solvent_atoms.label_alt_id 
_pdbx_distant_solvent_atoms.auth_asym_id 
_pdbx_distant_solvent_atoms.auth_comp_id 
_pdbx_distant_solvent_atoms.auth_seq_id 
_pdbx_distant_solvent_atoms.PDB_ins_code 
_pdbx_distant_solvent_atoms.neighbor_macromolecule_distance 
_pdbx_distant_solvent_atoms.neighbor_ligand_distance 
1 1 O ? A HOH 2061 ? 6.12 . 
2 1 O ? A HOH 2079 ? 6.81 . 
3 1 O ? A HOH 2080 ? 6.99 . 
4 1 O A A HOH 2107 ? 6.43 . 
# 
loop_
_chem_comp_atom.comp_id 
_chem_comp_atom.atom_id 
_chem_comp_atom.type_symbol 
_chem_comp_atom.pdbx_aromatic_flag 
_chem_comp_atom.pdbx_stereo_config 
_chem_comp_atom.pdbx_ordinal 
ALA N    N  N N 1   
ALA CA   C  N S 2   
ALA C    C  N N 3   
ALA O    O  N N 4   
ALA CB   C  N N 5   
ALA OXT  O  N N 6   
ALA H    H  N N 7   
ALA H2   H  N N 8   
ALA HA   H  N N 9   
ALA HB1  H  N N 10  
ALA HB2  H  N N 11  
ALA HB3  H  N N 12  
ALA HXT  H  N N 13  
ARG N    N  N N 14  
ARG CA   C  N S 15  
ARG C    C  N N 16  
ARG O    O  N N 17  
ARG CB   C  N N 18  
ARG CG   C  N N 19  
ARG CD   C  N N 20  
ARG NE   N  N N 21  
ARG CZ   C  N N 22  
ARG NH1  N  N N 23  
ARG NH2  N  N N 24  
ARG OXT  O  N N 25  
ARG H    H  N N 26  
ARG H2   H  N N 27  
ARG HA   H  N N 28  
ARG HB2  H  N N 29  
ARG HB3  H  N N 30  
ARG HG2  H  N N 31  
ARG HG3  H  N N 32  
ARG HD2  H  N N 33  
ARG HD3  H  N N 34  
ARG HE   H  N N 35  
ARG HH11 H  N N 36  
ARG HH12 H  N N 37  
ARG HH21 H  N N 38  
ARG HH22 H  N N 39  
ARG HXT  H  N N 40  
ASN N    N  N N 41  
ASN CA   C  N S 42  
ASN C    C  N N 43  
ASN O    O  N N 44  
ASN CB   C  N N 45  
ASN CG   C  N N 46  
ASN OD1  O  N N 47  
ASN ND2  N  N N 48  
ASN OXT  O  N N 49  
ASN H    H  N N 50  
ASN H2   H  N N 51  
ASN HA   H  N N 52  
ASN HB2  H  N N 53  
ASN HB3  H  N N 54  
ASN HD21 H  N N 55  
ASN HD22 H  N N 56  
ASN HXT  H  N N 57  
ASP N    N  N N 58  
ASP CA   C  N S 59  
ASP C    C  N N 60  
ASP O    O  N N 61  
ASP CB   C  N N 62  
ASP CG   C  N N 63  
ASP OD1  O  N N 64  
ASP OD2  O  N N 65  
ASP OXT  O  N N 66  
ASP H    H  N N 67  
ASP H2   H  N N 68  
ASP HA   H  N N 69  
ASP HB2  H  N N 70  
ASP HB3  H  N N 71  
ASP HD2  H  N N 72  
ASP HXT  H  N N 73  
CYS N    N  N N 74  
CYS CA   C  N R 75  
CYS C    C  N N 76  
CYS O    O  N N 77  
CYS CB   C  N N 78  
CYS SG   S  N N 79  
CYS OXT  O  N N 80  
CYS H    H  N N 81  
CYS H2   H  N N 82  
CYS HA   H  N N 83  
CYS HB2  H  N N 84  
CYS HB3  H  N N 85  
CYS HG   H  N N 86  
CYS HXT  H  N N 87  
GLN N    N  N N 88  
GLN CA   C  N S 89  
GLN C    C  N N 90  
GLN O    O  N N 91  
GLN CB   C  N N 92  
GLN CG   C  N N 93  
GLN CD   C  N N 94  
GLN OE1  O  N N 95  
GLN NE2  N  N N 96  
GLN OXT  O  N N 97  
GLN H    H  N N 98  
GLN H2   H  N N 99  
GLN HA   H  N N 100 
GLN HB2  H  N N 101 
GLN HB3  H  N N 102 
GLN HG2  H  N N 103 
GLN HG3  H  N N 104 
GLN HE21 H  N N 105 
GLN HE22 H  N N 106 
GLN HXT  H  N N 107 
GLU N    N  N N 108 
GLU CA   C  N S 109 
GLU C    C  N N 110 
GLU O    O  N N 111 
GLU CB   C  N N 112 
GLU CG   C  N N 113 
GLU CD   C  N N 114 
GLU OE1  O  N N 115 
GLU OE2  O  N N 116 
GLU OXT  O  N N 117 
GLU H    H  N N 118 
GLU H2   H  N N 119 
GLU HA   H  N N 120 
GLU HB2  H  N N 121 
GLU HB3  H  N N 122 
GLU HG2  H  N N 123 
GLU HG3  H  N N 124 
GLU HE2  H  N N 125 
GLU HXT  H  N N 126 
GLY N    N  N N 127 
GLY CA   C  N N 128 
GLY C    C  N N 129 
GLY O    O  N N 130 
GLY OXT  O  N N 131 
GLY H    H  N N 132 
GLY H2   H  N N 133 
GLY HA2  H  N N 134 
GLY HA3  H  N N 135 
GLY HXT  H  N N 136 
HIS N    N  N N 137 
HIS CA   C  N S 138 
HIS C    C  N N 139 
HIS O    O  N N 140 
HIS CB   C  N N 141 
HIS CG   C  Y N 142 
HIS ND1  N  Y N 143 
HIS CD2  C  Y N 144 
HIS CE1  C  Y N 145 
HIS NE2  N  Y N 146 
HIS OXT  O  N N 147 
HIS H    H  N N 148 
HIS H2   H  N N 149 
HIS HA   H  N N 150 
HIS HB2  H  N N 151 
HIS HB3  H  N N 152 
HIS HD1  H  N N 153 
HIS HD2  H  N N 154 
HIS HE1  H  N N 155 
HIS HE2  H  N N 156 
HIS HXT  H  N N 157 
HOH O    O  N N 158 
HOH H1   H  N N 159 
HOH H2   H  N N 160 
ILE N    N  N N 161 
ILE CA   C  N S 162 
ILE C    C  N N 163 
ILE O    O  N N 164 
ILE CB   C  N S 165 
ILE CG1  C  N N 166 
ILE CG2  C  N N 167 
ILE CD1  C  N N 168 
ILE OXT  O  N N 169 
ILE H    H  N N 170 
ILE H2   H  N N 171 
ILE HA   H  N N 172 
ILE HB   H  N N 173 
ILE HG12 H  N N 174 
ILE HG13 H  N N 175 
ILE HG21 H  N N 176 
ILE HG22 H  N N 177 
ILE HG23 H  N N 178 
ILE HD11 H  N N 179 
ILE HD12 H  N N 180 
ILE HD13 H  N N 181 
ILE HXT  H  N N 182 
LEU N    N  N N 183 
LEU CA   C  N S 184 
LEU C    C  N N 185 
LEU O    O  N N 186 
LEU CB   C  N N 187 
LEU CG   C  N N 188 
LEU CD1  C  N N 189 
LEU CD2  C  N N 190 
LEU OXT  O  N N 191 
LEU H    H  N N 192 
LEU H2   H  N N 193 
LEU HA   H  N N 194 
LEU HB2  H  N N 195 
LEU HB3  H  N N 196 
LEU HG   H  N N 197 
LEU HD11 H  N N 198 
LEU HD12 H  N N 199 
LEU HD13 H  N N 200 
LEU HD21 H  N N 201 
LEU HD22 H  N N 202 
LEU HD23 H  N N 203 
LEU HXT  H  N N 204 
LYS N    N  N N 205 
LYS CA   C  N S 206 
LYS C    C  N N 207 
LYS O    O  N N 208 
LYS CB   C  N N 209 
LYS CG   C  N N 210 
LYS CD   C  N N 211 
LYS CE   C  N N 212 
LYS NZ   N  N N 213 
LYS OXT  O  N N 214 
LYS H    H  N N 215 
LYS H2   H  N N 216 
LYS HA   H  N N 217 
LYS HB2  H  N N 218 
LYS HB3  H  N N 219 
LYS HG2  H  N N 220 
LYS HG3  H  N N 221 
LYS HD2  H  N N 222 
LYS HD3  H  N N 223 
LYS HE2  H  N N 224 
LYS HE3  H  N N 225 
LYS HZ1  H  N N 226 
LYS HZ2  H  N N 227 
LYS HZ3  H  N N 228 
LYS HXT  H  N N 229 
MET N    N  N N 230 
MET CA   C  N S 231 
MET C    C  N N 232 
MET O    O  N N 233 
MET CB   C  N N 234 
MET CG   C  N N 235 
MET SD   S  N N 236 
MET CE   C  N N 237 
MET OXT  O  N N 238 
MET H    H  N N 239 
MET H2   H  N N 240 
MET HA   H  N N 241 
MET HB2  H  N N 242 
MET HB3  H  N N 243 
MET HG2  H  N N 244 
MET HG3  H  N N 245 
MET HE1  H  N N 246 
MET HE2  H  N N 247 
MET HE3  H  N N 248 
MET HXT  H  N N 249 
NA  NA   NA N N 250 
PHE N    N  N N 251 
PHE CA   C  N S 252 
PHE C    C  N N 253 
PHE O    O  N N 254 
PHE CB   C  N N 255 
PHE CG   C  Y N 256 
PHE CD1  C  Y N 257 
PHE CD2  C  Y N 258 
PHE CE1  C  Y N 259 
PHE CE2  C  Y N 260 
PHE CZ   C  Y N 261 
PHE OXT  O  N N 262 
PHE H    H  N N 263 
PHE H2   H  N N 264 
PHE HA   H  N N 265 
PHE HB2  H  N N 266 
PHE HB3  H  N N 267 
PHE HD1  H  N N 268 
PHE HD2  H  N N 269 
PHE HE1  H  N N 270 
PHE HE2  H  N N 271 
PHE HZ   H  N N 272 
PHE HXT  H  N N 273 
PRO N    N  N N 274 
PRO CA   C  N S 275 
PRO C    C  N N 276 
PRO O    O  N N 277 
PRO CB   C  N N 278 
PRO CG   C  N N 279 
PRO CD   C  N N 280 
PRO OXT  O  N N 281 
PRO H    H  N N 282 
PRO HA   H  N N 283 
PRO HB2  H  N N 284 
PRO HB3  H  N N 285 
PRO HG2  H  N N 286 
PRO HG3  H  N N 287 
PRO HD2  H  N N 288 
PRO HD3  H  N N 289 
PRO HXT  H  N N 290 
SER N    N  N N 291 
SER CA   C  N S 292 
SER C    C  N N 293 
SER O    O  N N 294 
SER CB   C  N N 295 
SER OG   O  N N 296 
SER OXT  O  N N 297 
SER H    H  N N 298 
SER H2   H  N N 299 
SER HA   H  N N 300 
SER HB2  H  N N 301 
SER HB3  H  N N 302 
SER HG   H  N N 303 
SER HXT  H  N N 304 
THR N    N  N N 305 
THR CA   C  N S 306 
THR C    C  N N 307 
THR O    O  N N 308 
THR CB   C  N R 309 
THR OG1  O  N N 310 
THR CG2  C  N N 311 
THR OXT  O  N N 312 
THR H    H  N N 313 
THR H2   H  N N 314 
THR HA   H  N N 315 
THR HB   H  N N 316 
THR HG1  H  N N 317 
THR HG21 H  N N 318 
THR HG22 H  N N 319 
THR HG23 H  N N 320 
THR HXT  H  N N 321 
TRP N    N  N N 322 
TRP CA   C  N S 323 
TRP C    C  N N 324 
TRP O    O  N N 325 
TRP CB   C  N N 326 
TRP CG   C  Y N 327 
TRP CD1  C  Y N 328 
TRP CD2  C  Y N 329 
TRP NE1  N  Y N 330 
TRP CE2  C  Y N 331 
TRP CE3  C  Y N 332 
TRP CZ2  C  Y N 333 
TRP CZ3  C  Y N 334 
TRP CH2  C  Y N 335 
TRP OXT  O  N N 336 
TRP H    H  N N 337 
TRP H2   H  N N 338 
TRP HA   H  N N 339 
TRP HB2  H  N N 340 
TRP HB3  H  N N 341 
TRP HD1  H  N N 342 
TRP HE1  H  N N 343 
TRP HE3  H  N N 344 
TRP HZ2  H  N N 345 
TRP HZ3  H  N N 346 
TRP HH2  H  N N 347 
TRP HXT  H  N N 348 
TYR N    N  N N 349 
TYR CA   C  N S 350 
TYR C    C  N N 351 
TYR O    O  N N 352 
TYR CB   C  N N 353 
TYR CG   C  Y N 354 
TYR CD1  C  Y N 355 
TYR CD2  C  Y N 356 
TYR CE1  C  Y N 357 
TYR CE2  C  Y N 358 
TYR CZ   C  Y N 359 
TYR OH   O  N N 360 
TYR OXT  O  N N 361 
TYR H    H  N N 362 
TYR H2   H  N N 363 
TYR HA   H  N N 364 
TYR HB2  H  N N 365 
TYR HB3  H  N N 366 
TYR HD1  H  N N 367 
TYR HD2  H  N N 368 
TYR HE1  H  N N 369 
TYR HE2  H  N N 370 
TYR HH   H  N N 371 
TYR HXT  H  N N 372 
VAL N    N  N N 373 
VAL CA   C  N S 374 
VAL C    C  N N 375 
VAL O    O  N N 376 
VAL CB   C  N N 377 
VAL CG1  C  N N 378 
VAL CG2  C  N N 379 
VAL OXT  O  N N 380 
VAL H    H  N N 381 
VAL H2   H  N N 382 
VAL HA   H  N N 383 
VAL HB   H  N N 384 
VAL HG11 H  N N 385 
VAL HG12 H  N N 386 
VAL HG13 H  N N 387 
VAL HG21 H  N N 388 
VAL HG22 H  N N 389 
VAL HG23 H  N N 390 
VAL HXT  H  N N 391 
XYP O1   O  N N 392 
XYP C1   C  N R 393 
XYP C2   C  N R 394 
XYP C3   C  N S 395 
XYP C4   C  N R 396 
XYP C5   C  N N 397 
XYP O2   O  N N 398 
XYP O3   O  N N 399 
XYP O4   O  N N 400 
XYP O5   O  N N 401 
XYP HO1  H  N N 402 
XYP H1   H  N N 403 
XYP H2   H  N N 404 
XYP H3   H  N N 405 
XYP H4   H  N N 406 
XYP H51  H  N N 407 
XYP H52  H  N N 408 
XYP HO2  H  N N 409 
XYP HO3  H  N N 410 
XYP HO4  H  N N 411 
# 
loop_
_chem_comp_bond.comp_id 
_chem_comp_bond.atom_id_1 
_chem_comp_bond.atom_id_2 
_chem_comp_bond.value_order 
_chem_comp_bond.pdbx_aromatic_flag 
_chem_comp_bond.pdbx_stereo_config 
_chem_comp_bond.pdbx_ordinal 
ALA N   CA   sing N N 1   
ALA N   H    sing N N 2   
ALA N   H2   sing N N 3   
ALA CA  C    sing N N 4   
ALA CA  CB   sing N N 5   
ALA CA  HA   sing N N 6   
ALA C   O    doub N N 7   
ALA C   OXT  sing N N 8   
ALA CB  HB1  sing N N 9   
ALA CB  HB2  sing N N 10  
ALA CB  HB3  sing N N 11  
ALA OXT HXT  sing N N 12  
ARG N   CA   sing N N 13  
ARG N   H    sing N N 14  
ARG N   H2   sing N N 15  
ARG CA  C    sing N N 16  
ARG CA  CB   sing N N 17  
ARG CA  HA   sing N N 18  
ARG C   O    doub N N 19  
ARG C   OXT  sing N N 20  
ARG CB  CG   sing N N 21  
ARG CB  HB2  sing N N 22  
ARG CB  HB3  sing N N 23  
ARG CG  CD   sing N N 24  
ARG CG  HG2  sing N N 25  
ARG CG  HG3  sing N N 26  
ARG CD  NE   sing N N 27  
ARG CD  HD2  sing N N 28  
ARG CD  HD3  sing N N 29  
ARG NE  CZ   sing N N 30  
ARG NE  HE   sing N N 31  
ARG CZ  NH1  sing N N 32  
ARG CZ  NH2  doub N N 33  
ARG NH1 HH11 sing N N 34  
ARG NH1 HH12 sing N N 35  
ARG NH2 HH21 sing N N 36  
ARG NH2 HH22 sing N N 37  
ARG OXT HXT  sing N N 38  
ASN N   CA   sing N N 39  
ASN N   H    sing N N 40  
ASN N   H2   sing N N 41  
ASN CA  C    sing N N 42  
ASN CA  CB   sing N N 43  
ASN CA  HA   sing N N 44  
ASN C   O    doub N N 45  
ASN C   OXT  sing N N 46  
ASN CB  CG   sing N N 47  
ASN CB  HB2  sing N N 48  
ASN CB  HB3  sing N N 49  
ASN CG  OD1  doub N N 50  
ASN CG  ND2  sing N N 51  
ASN ND2 HD21 sing N N 52  
ASN ND2 HD22 sing N N 53  
ASN OXT HXT  sing N N 54  
ASP N   CA   sing N N 55  
ASP N   H    sing N N 56  
ASP N   H2   sing N N 57  
ASP CA  C    sing N N 58  
ASP CA  CB   sing N N 59  
ASP CA  HA   sing N N 60  
ASP C   O    doub N N 61  
ASP C   OXT  sing N N 62  
ASP CB  CG   sing N N 63  
ASP CB  HB2  sing N N 64  
ASP CB  HB3  sing N N 65  
ASP CG  OD1  doub N N 66  
ASP CG  OD2  sing N N 67  
ASP OD2 HD2  sing N N 68  
ASP OXT HXT  sing N N 69  
CYS N   CA   sing N N 70  
CYS N   H    sing N N 71  
CYS N   H2   sing N N 72  
CYS CA  C    sing N N 73  
CYS CA  CB   sing N N 74  
CYS CA  HA   sing N N 75  
CYS C   O    doub N N 76  
CYS C   OXT  sing N N 77  
CYS CB  SG   sing N N 78  
CYS CB  HB2  sing N N 79  
CYS CB  HB3  sing N N 80  
CYS SG  HG   sing N N 81  
CYS OXT HXT  sing N N 82  
GLN N   CA   sing N N 83  
GLN N   H    sing N N 84  
GLN N   H2   sing N N 85  
GLN CA  C    sing N N 86  
GLN CA  CB   sing N N 87  
GLN CA  HA   sing N N 88  
GLN C   O    doub N N 89  
GLN C   OXT  sing N N 90  
GLN CB  CG   sing N N 91  
GLN CB  HB2  sing N N 92  
GLN CB  HB3  sing N N 93  
GLN CG  CD   sing N N 94  
GLN CG  HG2  sing N N 95  
GLN CG  HG3  sing N N 96  
GLN CD  OE1  doub N N 97  
GLN CD  NE2  sing N N 98  
GLN NE2 HE21 sing N N 99  
GLN NE2 HE22 sing N N 100 
GLN OXT HXT  sing N N 101 
GLU N   CA   sing N N 102 
GLU N   H    sing N N 103 
GLU N   H2   sing N N 104 
GLU CA  C    sing N N 105 
GLU CA  CB   sing N N 106 
GLU CA  HA   sing N N 107 
GLU C   O    doub N N 108 
GLU C   OXT  sing N N 109 
GLU CB  CG   sing N N 110 
GLU CB  HB2  sing N N 111 
GLU CB  HB3  sing N N 112 
GLU CG  CD   sing N N 113 
GLU CG  HG2  sing N N 114 
GLU CG  HG3  sing N N 115 
GLU CD  OE1  doub N N 116 
GLU CD  OE2  sing N N 117 
GLU OE2 HE2  sing N N 118 
GLU OXT HXT  sing N N 119 
GLY N   CA   sing N N 120 
GLY N   H    sing N N 121 
GLY N   H2   sing N N 122 
GLY CA  C    sing N N 123 
GLY CA  HA2  sing N N 124 
GLY CA  HA3  sing N N 125 
GLY C   O    doub N N 126 
GLY C   OXT  sing N N 127 
GLY OXT HXT  sing N N 128 
HIS N   CA   sing N N 129 
HIS N   H    sing N N 130 
HIS N   H2   sing N N 131 
HIS CA  C    sing N N 132 
HIS CA  CB   sing N N 133 
HIS CA  HA   sing N N 134 
HIS C   O    doub N N 135 
HIS C   OXT  sing N N 136 
HIS CB  CG   sing N N 137 
HIS CB  HB2  sing N N 138 
HIS CB  HB3  sing N N 139 
HIS CG  ND1  sing Y N 140 
HIS CG  CD2  doub Y N 141 
HIS ND1 CE1  doub Y N 142 
HIS ND1 HD1  sing N N 143 
HIS CD2 NE2  sing Y N 144 
HIS CD2 HD2  sing N N 145 
HIS CE1 NE2  sing Y N 146 
HIS CE1 HE1  sing N N 147 
HIS NE2 HE2  sing N N 148 
HIS OXT HXT  sing N N 149 
HOH O   H1   sing N N 150 
HOH O   H2   sing N N 151 
ILE N   CA   sing N N 152 
ILE N   H    sing N N 153 
ILE N   H2   sing N N 154 
ILE CA  C    sing N N 155 
ILE CA  CB   sing N N 156 
ILE CA  HA   sing N N 157 
ILE C   O    doub N N 158 
ILE C   OXT  sing N N 159 
ILE CB  CG1  sing N N 160 
ILE CB  CG2  sing N N 161 
ILE CB  HB   sing N N 162 
ILE CG1 CD1  sing N N 163 
ILE CG1 HG12 sing N N 164 
ILE CG1 HG13 sing N N 165 
ILE CG2 HG21 sing N N 166 
ILE CG2 HG22 sing N N 167 
ILE CG2 HG23 sing N N 168 
ILE CD1 HD11 sing N N 169 
ILE CD1 HD12 sing N N 170 
ILE CD1 HD13 sing N N 171 
ILE OXT HXT  sing N N 172 
LEU N   CA   sing N N 173 
LEU N   H    sing N N 174 
LEU N   H2   sing N N 175 
LEU CA  C    sing N N 176 
LEU CA  CB   sing N N 177 
LEU CA  HA   sing N N 178 
LEU C   O    doub N N 179 
LEU C   OXT  sing N N 180 
LEU CB  CG   sing N N 181 
LEU CB  HB2  sing N N 182 
LEU CB  HB3  sing N N 183 
LEU CG  CD1  sing N N 184 
LEU CG  CD2  sing N N 185 
LEU CG  HG   sing N N 186 
LEU CD1 HD11 sing N N 187 
LEU CD1 HD12 sing N N 188 
LEU CD1 HD13 sing N N 189 
LEU CD2 HD21 sing N N 190 
LEU CD2 HD22 sing N N 191 
LEU CD2 HD23 sing N N 192 
LEU OXT HXT  sing N N 193 
LYS N   CA   sing N N 194 
LYS N   H    sing N N 195 
LYS N   H2   sing N N 196 
LYS CA  C    sing N N 197 
LYS CA  CB   sing N N 198 
LYS CA  HA   sing N N 199 
LYS C   O    doub N N 200 
LYS C   OXT  sing N N 201 
LYS CB  CG   sing N N 202 
LYS CB  HB2  sing N N 203 
LYS CB  HB3  sing N N 204 
LYS CG  CD   sing N N 205 
LYS CG  HG2  sing N N 206 
LYS CG  HG3  sing N N 207 
LYS CD  CE   sing N N 208 
LYS CD  HD2  sing N N 209 
LYS CD  HD3  sing N N 210 
LYS CE  NZ   sing N N 211 
LYS CE  HE2  sing N N 212 
LYS CE  HE3  sing N N 213 
LYS NZ  HZ1  sing N N 214 
LYS NZ  HZ2  sing N N 215 
LYS NZ  HZ3  sing N N 216 
LYS OXT HXT  sing N N 217 
MET N   CA   sing N N 218 
MET N   H    sing N N 219 
MET N   H2   sing N N 220 
MET CA  C    sing N N 221 
MET CA  CB   sing N N 222 
MET CA  HA   sing N N 223 
MET C   O    doub N N 224 
MET C   OXT  sing N N 225 
MET CB  CG   sing N N 226 
MET CB  HB2  sing N N 227 
MET CB  HB3  sing N N 228 
MET CG  SD   sing N N 229 
MET CG  HG2  sing N N 230 
MET CG  HG3  sing N N 231 
MET SD  CE   sing N N 232 
MET CE  HE1  sing N N 233 
MET CE  HE2  sing N N 234 
MET CE  HE3  sing N N 235 
MET OXT HXT  sing N N 236 
PHE N   CA   sing N N 237 
PHE N   H    sing N N 238 
PHE N   H2   sing N N 239 
PHE CA  C    sing N N 240 
PHE CA  CB   sing N N 241 
PHE CA  HA   sing N N 242 
PHE C   O    doub N N 243 
PHE C   OXT  sing N N 244 
PHE CB  CG   sing N N 245 
PHE CB  HB2  sing N N 246 
PHE CB  HB3  sing N N 247 
PHE CG  CD1  doub Y N 248 
PHE CG  CD2  sing Y N 249 
PHE CD1 CE1  sing Y N 250 
PHE CD1 HD1  sing N N 251 
PHE CD2 CE2  doub Y N 252 
PHE CD2 HD2  sing N N 253 
PHE CE1 CZ   doub Y N 254 
PHE CE1 HE1  sing N N 255 
PHE CE2 CZ   sing Y N 256 
PHE CE2 HE2  sing N N 257 
PHE CZ  HZ   sing N N 258 
PHE OXT HXT  sing N N 259 
PRO N   CA   sing N N 260 
PRO N   CD   sing N N 261 
PRO N   H    sing N N 262 
PRO CA  C    sing N N 263 
PRO CA  CB   sing N N 264 
PRO CA  HA   sing N N 265 
PRO C   O    doub N N 266 
PRO C   OXT  sing N N 267 
PRO CB  CG   sing N N 268 
PRO CB  HB2  sing N N 269 
PRO CB  HB3  sing N N 270 
PRO CG  CD   sing N N 271 
PRO CG  HG2  sing N N 272 
PRO CG  HG3  sing N N 273 
PRO CD  HD2  sing N N 274 
PRO CD  HD3  sing N N 275 
PRO OXT HXT  sing N N 276 
SER N   CA   sing N N 277 
SER N   H    sing N N 278 
SER N   H2   sing N N 279 
SER CA  C    sing N N 280 
SER CA  CB   sing N N 281 
SER CA  HA   sing N N 282 
SER C   O    doub N N 283 
SER C   OXT  sing N N 284 
SER CB  OG   sing N N 285 
SER CB  HB2  sing N N 286 
SER CB  HB3  sing N N 287 
SER OG  HG   sing N N 288 
SER OXT HXT  sing N N 289 
THR N   CA   sing N N 290 
THR N   H    sing N N 291 
THR N   H2   sing N N 292 
THR CA  C    sing N N 293 
THR CA  CB   sing N N 294 
THR CA  HA   sing N N 295 
THR C   O    doub N N 296 
THR C   OXT  sing N N 297 
THR CB  OG1  sing N N 298 
THR CB  CG2  sing N N 299 
THR CB  HB   sing N N 300 
THR OG1 HG1  sing N N 301 
THR CG2 HG21 sing N N 302 
THR CG2 HG22 sing N N 303 
THR CG2 HG23 sing N N 304 
THR OXT HXT  sing N N 305 
TRP N   CA   sing N N 306 
TRP N   H    sing N N 307 
TRP N   H2   sing N N 308 
TRP CA  C    sing N N 309 
TRP CA  CB   sing N N 310 
TRP CA  HA   sing N N 311 
TRP C   O    doub N N 312 
TRP C   OXT  sing N N 313 
TRP CB  CG   sing N N 314 
TRP CB  HB2  sing N N 315 
TRP CB  HB3  sing N N 316 
TRP CG  CD1  doub Y N 317 
TRP CG  CD2  sing Y N 318 
TRP CD1 NE1  sing Y N 319 
TRP CD1 HD1  sing N N 320 
TRP CD2 CE2  doub Y N 321 
TRP CD2 CE3  sing Y N 322 
TRP NE1 CE2  sing Y N 323 
TRP NE1 HE1  sing N N 324 
TRP CE2 CZ2  sing Y N 325 
TRP CE3 CZ3  doub Y N 326 
TRP CE3 HE3  sing N N 327 
TRP CZ2 CH2  doub Y N 328 
TRP CZ2 HZ2  sing N N 329 
TRP CZ3 CH2  sing Y N 330 
TRP CZ3 HZ3  sing N N 331 
TRP CH2 HH2  sing N N 332 
TRP OXT HXT  sing N N 333 
TYR N   CA   sing N N 334 
TYR N   H    sing N N 335 
TYR N   H2   sing N N 336 
TYR CA  C    sing N N 337 
TYR CA  CB   sing N N 338 
TYR CA  HA   sing N N 339 
TYR C   O    doub N N 340 
TYR C   OXT  sing N N 341 
TYR CB  CG   sing N N 342 
TYR CB  HB2  sing N N 343 
TYR CB  HB3  sing N N 344 
TYR CG  CD1  doub Y N 345 
TYR CG  CD2  sing Y N 346 
TYR CD1 CE1  sing Y N 347 
TYR CD1 HD1  sing N N 348 
TYR CD2 CE2  doub Y N 349 
TYR CD2 HD2  sing N N 350 
TYR CE1 CZ   doub Y N 351 
TYR CE1 HE1  sing N N 352 
TYR CE2 CZ   sing Y N 353 
TYR CE2 HE2  sing N N 354 
TYR CZ  OH   sing N N 355 
TYR OH  HH   sing N N 356 
TYR OXT HXT  sing N N 357 
VAL N   CA   sing N N 358 
VAL N   H    sing N N 359 
VAL N   H2   sing N N 360 
VAL CA  C    sing N N 361 
VAL CA  CB   sing N N 362 
VAL CA  HA   sing N N 363 
VAL C   O    doub N N 364 
VAL C   OXT  sing N N 365 
VAL CB  CG1  sing N N 366 
VAL CB  CG2  sing N N 367 
VAL CB  HB   sing N N 368 
VAL CG1 HG11 sing N N 369 
VAL CG1 HG12 sing N N 370 
VAL CG1 HG13 sing N N 371 
VAL CG2 HG21 sing N N 372 
VAL CG2 HG22 sing N N 373 
VAL CG2 HG23 sing N N 374 
VAL OXT HXT  sing N N 375 
XYP O1  C1   sing N N 376 
XYP O1  HO1  sing N N 377 
XYP C1  C2   sing N N 378 
XYP C1  O5   sing N N 379 
XYP C1  H1   sing N N 380 
XYP C2  C3   sing N N 381 
XYP C2  O2   sing N N 382 
XYP C2  H2   sing N N 383 
XYP C3  C4   sing N N 384 
XYP C3  O3   sing N N 385 
XYP C3  H3   sing N N 386 
XYP C4  C5   sing N N 387 
XYP C4  O4   sing N N 388 
XYP C4  H4   sing N N 389 
XYP C5  O5   sing N N 390 
XYP C5  H51  sing N N 391 
XYP C5  H52  sing N N 392 
XYP O2  HO2  sing N N 393 
XYP O3  HO3  sing N N 394 
XYP O4  HO4  sing N N 395 
# 
loop_
_pdbx_entity_branch_list.entity_id 
_pdbx_entity_branch_list.comp_id 
_pdbx_entity_branch_list.num 
_pdbx_entity_branch_list.hetero 
2 XYP 1 n 
2 XYP 2 n 
2 XYP 3 n 
2 XYP 4 n 
2 XYP 5 n 
# 
_pdbx_initial_refinement_model.accession_code   ? 
_pdbx_initial_refinement_model.id               1 
_pdbx_initial_refinement_model.entity_id_list   ? 
_pdbx_initial_refinement_model.type             other 
_pdbx_initial_refinement_model.source_name      ? 
_pdbx_initial_refinement_model.details          'PARTIAL MODEL (UNPUBLISHED)' 
# 
_atom_sites.entry_id                    1GNY 
_atom_sites.fract_transf_matrix[1][1]   0.00145723 
_atom_sites.fract_transf_matrix[1][2]   0.00859704 
_atom_sites.fract_transf_matrix[1][3]   -0.00691302 
_atom_sites.fract_transf_matrix[2][1]   0.01428452 
_atom_sites.fract_transf_matrix[2][2]   -0.00667765 
_atom_sites.fract_transf_matrix[2][3]   -0.00529322 
_atom_sites.fract_transf_matrix[3][1]   -0.01406292 
_atom_sites.fract_transf_matrix[3][2]   -0.00956451 
_atom_sites.fract_transf_matrix[3][3]   -0.02588473 
_atom_sites.fract_transf_vector[1]      0.342763 
_atom_sites.fract_transf_vector[2]      0.122349 
_atom_sites.fract_transf_vector[3]      0.524897 
# 
loop_
_atom_type.symbol 
C  
N  
NA 
O  
S  
# 
loop_
_atom_site.group_PDB 
_atom_site.id 
_atom_site.type_symbol 
_atom_site.label_atom_id 
_atom_site.label_alt_id 
_atom_site.label_comp_id 
_atom_site.label_asym_id 
_atom_site.label_entity_id 
_atom_site.label_seq_id 
_atom_site.pdbx_PDB_ins_code 
_atom_site.Cartn_x 
_atom_site.Cartn_y 
_atom_site.Cartn_z 
_atom_site.occupancy 
_atom_site.B_iso_or_equiv 
_atom_site.pdbx_formal_charge 
_atom_site.auth_seq_id 
_atom_site.auth_comp_id 
_atom_site.auth_asym_id 
_atom_site.auth_atom_id 
_atom_site.pdbx_PDB_model_num 
ATOM   1    N  N   . GLY A 1 1   ? 15.457  -12.358 -15.634 1.00 29.82 ? 91   GLY A N   1 
ATOM   2    C  CA  . GLY A 1 1   ? 15.087  -11.060 -15.011 1.00 28.06 ? 91   GLY A CA  1 
ATOM   3    C  C   . GLY A 1 1   ? 15.204  -11.035 -13.474 1.00 26.89 ? 91   GLY A C   1 
ATOM   4    O  O   . GLY A 1 1   ? 15.813  -11.900 -12.771 1.00 27.59 ? 91   GLY A O   1 
ATOM   5    N  N   . ASN A 1 2   ? 14.609  -9.984  -12.957 1.00 24.17 ? 92   ASN A N   1 
ATOM   6    C  CA  . ASN A 1 2   ? 14.604  -9.739  -11.511 1.00 22.86 ? 92   ASN A CA  1 
ATOM   7    C  C   . ASN A 1 2   ? 13.556  -10.558 -10.744 1.00 20.25 ? 92   ASN A C   1 
ATOM   8    O  O   . ASN A 1 2   ? 12.603  -11.058 -11.318 1.00 19.09 ? 92   ASN A O   1 
ATOM   9    C  CB  . ASN A 1 2   ? 14.459  -8.264  -11.222 1.00 23.47 ? 92   ASN A CB  1 
ATOM   10   C  CG  . ASN A 1 2   ? 15.747  -7.458  -11.529 1.00 27.46 ? 92   ASN A CG  1 
ATOM   11   O  OD1 . ASN A 1 2   ? 15.749  -6.232  -11.487 1.00 31.83 ? 92   ASN A OD1 1 
ATOM   12   N  ND2 . ASN A 1 2   ? 16.841  -8.166  -11.788 1.00 29.85 ? 92   ASN A ND2 1 
ATOM   13   N  N   . VAL A 1 3   ? 13.768  -10.661 -9.434  1.00 17.77 ? 93   VAL A N   1 
ATOM   14   C  CA  . VAL A 1 3   ? 12.848  -11.376 -8.536  1.00 17.20 ? 93   VAL A CA  1 
ATOM   15   C  C   . VAL A 1 3   ? 11.499  -10.634 -8.500  1.00 16.32 ? 93   VAL A C   1 
ATOM   16   O  O   . VAL A 1 3   ? 11.480  -9.426  -8.273  1.00 15.30 ? 93   VAL A O   1 
ATOM   17   C  CB  . VAL A 1 3   ? 13.355  -11.453 -7.078  1.00 17.50 ? 93   VAL A CB  1 
ATOM   18   C  CG1 . VAL A 1 3   ? 12.333  -12.115 -6.153  1.00 17.72 ? 93   VAL A CG1 1 
ATOM   19   C  CG2 . VAL A 1 3   ? 14.686  -12.200 -6.987  1.00 18.44 ? 93   VAL A CG2 1 
ATOM   20   N  N   . VAL A 1 4   ? 10.418  -11.365 -8.750  1.00 16.73 ? 94   VAL A N   1 
ATOM   21   C  CA  . VAL A 1 4   ? 9.053   -10.824 -8.676  1.00 16.96 ? 94   VAL A CA  1 
ATOM   22   C  C   . VAL A 1 4   ? 8.259   -11.539 -7.600  1.00 16.43 ? 94   VAL A C   1 
ATOM   23   O  O   . VAL A 1 4   ? 8.125   -12.780 -7.621  1.00 18.40 ? 94   VAL A O   1 
ATOM   24   C  CB  . VAL A 1 4   ? 8.301   -10.952 -10.020 1.00 17.81 ? 94   VAL A CB  1 
ATOM   25   C  CG1 . VAL A 1 4   ? 6.864   -10.415 -9.895  1.00 19.72 ? 94   VAL A CG1 1 
ATOM   26   C  CG2 . VAL A 1 4   ? 9.090   -10.216 -11.105 1.00 19.13 ? 94   VAL A CG2 1 
ATOM   27   N  N   . ILE A 1 5   ? 7.738   -10.759 -6.662  1.00 16.08 ? 95   ILE A N   1 
ATOM   28   C  CA  . ILE A 1 5   ? 6.894   -11.272 -5.562  1.00 16.29 ? 95   ILE A CA  1 
ATOM   29   C  C   . ILE A 1 5   ? 5.449   -10.909 -5.902  1.00 16.94 ? 95   ILE A C   1 
ATOM   30   O  O   . ILE A 1 5   ? 5.138   -9.704  -6.066  1.00 17.12 ? 95   ILE A O   1 
ATOM   31   C  CB  . ILE A 1 5   ? 7.269   -10.611 -4.222  1.00 15.93 ? 95   ILE A CB  1 
ATOM   32   C  CG1 . ILE A 1 5   ? 8.695   -10.994 -3.830  1.00 17.80 ? 95   ILE A CG1 1 
ATOM   33   C  CG2 . ILE A 1 5   ? 6.259   -10.983 -3.076  1.00 17.25 ? 95   ILE A CG2 1 
ATOM   34   C  CD1 . ILE A 1 5   ? 9.265   -10.176 -2.759  1.00 18.90 ? 95   ILE A CD1 1 
ATOM   35   N  N   . GLU A 1 6   ? 4.592   -11.921 -5.981  1.00 16.55 ? 96   GLU A N   1 
ATOM   36   C  CA  . GLU A 1 6   ? 3.134   -11.731 -6.175  1.00 17.47 ? 96   GLU A CA  1 
ATOM   37   C  C   . GLU A 1 6   ? 2.483   -11.921 -4.820  1.00 16.61 ? 96   GLU A C   1 
ATOM   38   O  O   . GLU A 1 6   ? 2.538   -13.004 -4.256  1.00 17.68 ? 96   GLU A O   1 
ATOM   39   C  CB  . GLU A 1 6   ? 2.561   -12.719 -7.189  1.00 18.00 ? 96   GLU A CB  1 
ATOM   40   C  CG  . GLU A 1 6   ? 3.188   -12.510 -8.554  1.00 21.54 ? 96   GLU A CG  1 
ATOM   41   C  CD  . GLU A 1 6   ? 2.566   -13.358 -9.638  1.00 29.40 ? 96   GLU A CD  1 
ATOM   42   O  OE1 . GLU A 1 6   ? 1.753   -14.255 -9.308  1.00 35.04 ? 96   GLU A OE1 1 
ATOM   43   O  OE2 . GLU A 1 6   ? 2.906   -13.113 -10.813 1.00 33.86 ? 96   GLU A OE2 1 
ATOM   44   N  N   . VAL A 1 7   ? 1.863   -10.872 -4.298  1.00 14.22 ? 97   VAL A N   1 
ATOM   45   C  CA  . VAL A 1 7   ? 1.280   -10.897 -2.954  1.00 14.22 ? 97   VAL A CA  1 
ATOM   46   C  C   . VAL A 1 7   ? -0.074  -11.625 -2.909  1.00 13.87 ? 97   VAL A C   1 
ATOM   47   O  O   . VAL A 1 7   ? -0.965  -11.416 -3.762  1.00 14.03 ? 97   VAL A O   1 
ATOM   48   C  CB  . VAL A 1 7   ? 1.125   -9.441  -2.404  1.00 13.56 ? 97   VAL A CB  1 
ATOM   49   C  CG1 . VAL A 1 7   ? 0.404   -9.371  -1.033  1.00 14.52 ? 97   VAL A CG1 1 
ATOM   50   C  CG2 . VAL A 1 7   ? 2.481   -8.740  -2.325  1.00 14.29 ? 97   VAL A CG2 1 
ATOM   51   N  N   . ASP A 1 8   ? -0.226  -12.476 -1.898  1.00 13.63 ? 98   ASP A N   1 
ATOM   52   C  CA  . ASP A 1 8   ? -1.487  -13.197 -1.653  1.00 14.64 ? 98   ASP A CA  1 
ATOM   53   C  C   . ASP A 1 8   ? -2.598  -12.193 -1.317  1.00 14.08 ? 98   ASP A C   1 
ATOM   54   O  O   . ASP A 1 8   ? -2.439  -11.375 -0.415  1.00 13.90 ? 98   ASP A O   1 
ATOM   55   C  CB  . ASP A 1 8   ? -1.283  -14.180 -0.485  1.00 14.64 ? 98   ASP A CB  1 
ATOM   56   C  CG  . ASP A 1 8   ? -2.418  -15.144 -0.299  1.00 18.12 ? 98   ASP A CG  1 
ATOM   57   O  OD1 . ASP A 1 8   ? -3.461  -15.048 -0.962  1.00 17.62 ? 98   ASP A OD1 1 
ATOM   58   O  OD2 . ASP A 1 8   ? -2.281  -16.076 0.514   1.00 20.06 ? 98   ASP A OD2 1 
ATOM   59   N  N   . MET A 1 9   ? -3.680  -12.264 -2.081  1.00 13.88 ? 99   MET A N   1 
ATOM   60   C  CA  . MET A 1 9   ? -4.834  -11.367 -1.934  1.00 13.92 ? 99   MET A CA  1 
ATOM   61   C  C   . MET A 1 9   ? -6.001  -11.998 -1.184  1.00 14.42 ? 99   MET A C   1 
ATOM   62   O  O   . MET A 1 9   ? -7.055  -11.370 -1.048  1.00 15.11 ? 99   MET A O   1 
ATOM   63   C  CB  . MET A 1 9   ? -5.296  -10.827 -3.283  1.00 14.75 ? 99   MET A CB  1 
ATOM   64   C  CG  . MET A 1 9   ? -4.202  -10.089 -4.070  1.00 14.28 ? 99   MET A CG  1 
ATOM   65   S  SD  . MET A 1 9   ? -3.435  -8.714  -3.186  1.00 13.67 ? 99   MET A SD  1 
ATOM   66   C  CE  . MET A 1 9   ? -4.848  -7.671  -2.848  1.00 15.69 ? 99   MET A CE  1 
ATOM   67   N  N   . ALA A 1 10  ? -5.822  -13.237 -0.732  1.00 14.57 ? 100  ALA A N   1 
ATOM   68   C  CA  . ALA A 1 10  ? -6.870  -13.961 0.040   1.00 15.79 ? 100  ALA A CA  1 
ATOM   69   C  C   . ALA A 1 10  ? -6.542  -14.225 1.512   1.00 16.10 ? 100  ALA A C   1 
ATOM   70   O  O   . ALA A 1 10  ? -7.411  -14.724 2.260   1.00 16.93 ? 100  ALA A O   1 
ATOM   71   C  CB  . ALA A 1 10  ? -7.181  -15.299 -0.636  1.00 16.22 ? 100  ALA A CB  1 
ATOM   72   N  N   . ASN A 1 11  ? -5.305  -13.933 1.912   1.00 16.88 ? 101  ASN A N   1 
ATOM   73   C  CA  . ASN A 1 11  ? -4.819  -14.111 3.285   1.00 17.21 ? 101  ASN A CA  1 
ATOM   74   C  C   . ASN A 1 11  ? -3.763  -13.079 3.608   1.00 15.51 ? 101  ASN A C   1 
ATOM   75   O  O   . ASN A 1 11  ? -3.129  -12.524 2.712   1.00 15.96 ? 101  ASN A O   1 
ATOM   76   C  CB  . ASN A 1 11  ? -4.117  -15.467 3.439   1.00 17.75 ? 101  ASN A CB  1 
ATOM   77   C  CG  . ASN A 1 11  ? -4.962  -16.632 2.973   1.00 21.89 ? 101  ASN A CG  1 
ATOM   78   O  OD1 . ASN A 1 11  ? -5.792  -17.153 3.730   1.00 22.69 ? 101  ASN A OD1 1 
ATOM   79   N  ND2 . ASN A 1 11  ? -4.740  -17.064 1.722   1.00 24.53 ? 101  ASN A ND2 1 
ATOM   80   N  N   . GLY A 1 12  ? -3.574  -12.841 4.895   1.00 15.73 ? 102  GLY A N   1 
ATOM   81   C  CA  . GLY A 1 12  ? -2.480  -12.021 5.355   1.00 15.05 ? 102  GLY A CA  1 
ATOM   82   C  C   . GLY A 1 12  ? -2.669  -10.516 5.377   1.00 14.60 ? 102  GLY A C   1 
ATOM   83   O  O   . GLY A 1 12  ? -1.753  -9.807  5.792   1.00 15.12 ? 102  GLY A O   1 
ATOM   84   N  N   . TRP A 1 13  ? -3.833  -10.031 4.976   1.00 13.50 ? 103  TRP A N   1 
ATOM   85   C  CA  . TRP A 1 13  ? -4.084  -8.594  5.029   1.00 12.88 ? 103  TRP A CA  1 
ATOM   86   C  C   . TRP A 1 13  ? -4.783  -8.167  6.323   1.00 14.30 ? 103  TRP A C   1 
ATOM   87   O  O   . TRP A 1 13  ? -5.493  -8.946  6.961   1.00 15.10 ? 103  TRP A O   1 
ATOM   88   C  CB  . TRP A 1 13  ? -4.904  -8.131  3.840   1.00 13.69 ? 103  TRP A CB  1 
ATOM   89   C  CG  . TRP A 1 13  ? -4.172  -8.105  2.499   1.00 12.30 ? 103  TRP A CG  1 
ATOM   90   C  CD1 . TRP A 1 13  ? -3.863  -9.169  1.692   1.00 12.63 ? 103  TRP A CD1 1 
ATOM   91   C  CD2 . TRP A 1 13  ? -3.738  -6.939  1.804   1.00 12.66 ? 103  TRP A CD2 1 
ATOM   92   N  NE1 . TRP A 1 13  ? -3.257  -8.731  0.538   1.00 13.64 ? 103  TRP A NE1 1 
ATOM   93   C  CE2 . TRP A 1 13  ? -3.164  -7.360  0.583   1.00 13.18 ? 103  TRP A CE2 1 
ATOM   94   C  CE3 . TRP A 1 13  ? -3.772  -5.555  2.094   1.00 13.50 ? 103  TRP A CE3 1 
ATOM   95   C  CZ2 . TRP A 1 13  ? -2.640  -6.467  -0.331  1.00 15.05 ? 103  TRP A CZ2 1 
ATOM   96   C  CZ3 . TRP A 1 13  ? -3.288  -4.680  1.188   1.00 12.49 ? 103  TRP A CZ3 1 
ATOM   97   C  CH2 . TRP A 1 13  ? -2.710  -5.128  -0.022  1.00 13.78 ? 103  TRP A CH2 1 
ATOM   98   N  N   . ARG A 1 14  ? -4.616  -6.891  6.658   1.00 12.41 ? 104  ARG A N   1 
ATOM   99   C  CA  . ARG A 1 14  ? -5.237  -6.252  7.838   1.00 13.58 ? 104  ARG A CA  1 
ATOM   100  C  C   . ARG A 1 14  ? -5.612  -4.826  7.515   1.00 13.04 ? 104  ARG A C   1 
ATOM   101  O  O   . ARG A 1 14  ? -5.005  -4.203  6.647   1.00 13.90 ? 104  ARG A O   1 
ATOM   102  C  CB  . ARG A 1 14  ? -4.234  -6.130  9.008   1.00 14.32 ? 104  ARG A CB  1 
ATOM   103  C  CG  . ARG A 1 14  ? -3.489  -7.357  9.434   1.00 18.81 ? 104  ARG A CG  1 
ATOM   104  C  CD  . ARG A 1 14  ? -2.474  -7.071  10.562  1.00 18.14 ? 104  ARG A CD  1 
ATOM   105  N  NE  . ARG A 1 14  ? -1.289  -6.244  10.229  1.00 19.29 ? 104  ARG A NE  1 
ATOM   106  C  CZ  . ARG A 1 14  ? -0.183  -6.713  9.649   1.00 17.13 ? 104  ARG A CZ  1 
ATOM   107  N  NH1 . ARG A 1 14  ? -0.075  -7.985  9.311   1.00 17.45 ? 104  ARG A NH1 1 
ATOM   108  N  NH2 . ARG A 1 14  ? 0.855   -5.919  9.428   1.00 16.71 ? 104  ARG A NH2 1 
ATOM   109  N  N   . GLY A 1 15  ? -6.604  -4.303  8.237   1.00 13.06 ? 105  GLY A N   1 
ATOM   110  C  CA  . GLY A 1 15  ? -6.832  -2.871  8.242   1.00 13.13 ? 105  GLY A CA  1 
ATOM   111  C  C   . GLY A 1 15  ? -5.670  -2.214  8.989   1.00 13.74 ? 105  GLY A C   1 
ATOM   112  O  O   . GLY A 1 15  ? -4.921  -2.852  9.755   1.00 14.04 ? 105  GLY A O   1 
ATOM   113  N  N   . ASN A 1 16  ? -5.505  -0.919  8.710   1.00 12.85 ? 106  ASN A N   1 
ATOM   114  C  CA  . ASN A 1 16  ? -4.436  -0.075  9.327   1.00 13.30 ? 106  ASN A CA  1 
ATOM   115  C  C   . ASN A 1 16  ? -4.868  1.375   9.543   1.00 13.91 ? 106  ASN A C   1 
ATOM   116  O  O   . ASN A 1 16  ? -5.646  1.935   8.751   1.00 12.48 ? 106  ASN A O   1 
ATOM   117  C  CB  . ASN A 1 16  ? -3.201  -0.048  8.447   1.00 13.60 ? 106  ASN A CB  1 
ATOM   118  C  CG  . ASN A 1 16  ? -1.944  0.329   9.191   1.00 13.67 ? 106  ASN A CG  1 
ATOM   119  O  OD1 . ASN A 1 16  ? -1.295  1.369   8.907   1.00 15.79 ? 106  ASN A OD1 1 
ATOM   120  N  ND2 . ASN A 1 16  ? -1.549  -0.516  10.083  1.00 10.93 ? 106  ASN A ND2 1 
ATOM   121  N  N   . ALA A 1 17  ? -4.386  1.939   10.654  1.00 13.40 ? 107  ALA A N   1 
ATOM   122  C  CA  . ALA A 1 17  ? -4.576  3.368   10.959  1.00 14.39 ? 107  ALA A CA  1 
ATOM   123  C  C   . ALA A 1 17  ? -3.223  3.960   11.334  1.00 15.33 ? 107  ALA A C   1 
ATOM   124  O  O   . ALA A 1 17  ? -2.584  3.520   12.263  1.00 14.69 ? 107  ALA A O   1 
ATOM   125  C  CB  . ALA A 1 17  ? -5.544  3.577   12.066  1.00 14.65 ? 107  ALA A CB  1 
ATOM   126  N  N   . SER A 1 18  ? -2.779  4.948   10.572  1.00 16.02 ? 108  SER A N   1 
ATOM   127  C  CA  . SER A 1 18  ? -1.514  5.663   10.869  1.00 18.48 ? 108  SER A CA  1 
ATOM   128  C  C   . SER A 1 18  ? -1.707  7.106   11.375  1.00 19.46 ? 108  SER A C   1 
ATOM   129  O  O   . SER A 1 18  ? -0.717  7.796   11.677  1.00 21.40 ? 108  SER A O   1 
ATOM   130  C  CB  . SER A 1 18  ? -0.638  5.690   9.599   1.00 17.82 ? 108  SER A CB  1 
ATOM   131  O  OG  . SER A 1 18  ? -1.245  6.539   8.595   1.00 16.11 ? 108  SER A OG  1 
ATOM   132  N  N   . GLY A 1 19  ? -2.946  7.557   11.412  1.00 20.74 ? 109  GLY A N   1 
ATOM   133  C  CA  . GLY A 1 19  ? -3.343  8.917   11.787  1.00 21.67 ? 109  GLY A CA  1 
ATOM   134  C  C   . GLY A 1 19  ? -4.343  8.910   12.939  1.00 22.79 ? 109  GLY A C   1 
ATOM   135  O  O   . GLY A 1 19  ? -4.338  7.991   13.752  1.00 23.28 ? 109  GLY A O   1 
ATOM   136  N  N   . SER A 1 20  ? -5.228  9.894   12.938  1.00 23.82 ? 110  SER A N   1 
ATOM   137  C  CA  . SER A 1 20  ? -6.168  10.123  14.044  1.00 25.03 ? 110  SER A CA  1 
ATOM   138  C  C   . SER A 1 20  ? -7.582  9.518   13.875  1.00 23.70 ? 110  SER A C   1 
ATOM   139  O  O   . SER A 1 20  ? -8.483  9.838   14.649  1.00 25.00 ? 110  SER A O   1 
ATOM   140  C  CB  . SER A 1 20  ? -6.293  11.628  14.282  1.00 25.22 ? 110  SER A CB  1 
ATOM   141  O  OG  . SER A 1 20  ? -6.849  12.244  13.126  1.00 29.58 ? 110  SER A OG  1 
ATOM   142  N  N   . THR A 1 21  ? -7.761  8.682   12.861  1.00 20.71 ? 111  THR A N   1 
ATOM   143  C  CA  . THR A 1 21  ? -9.021  8.000   12.620  1.00 18.96 ? 111  THR A CA  1 
ATOM   144  C  C   . THR A 1 21  ? -8.814  6.491   12.661  1.00 17.17 ? 111  THR A C   1 
ATOM   145  O  O   . THR A 1 21  ? -7.952  5.952   11.979  1.00 16.46 ? 111  THR A O   1 
ATOM   146  C  CB  . THR A 1 21  ? -9.568  8.365   11.257  1.00 18.82 ? 111  THR A CB  1 
ATOM   147  O  OG1 . THR A 1 21  ? -9.832  9.780   11.188  1.00 21.71 ? 111  THR A OG1 1 
ATOM   148  C  CG2 . THR A 1 21  ? -10.884 7.717   11.012  1.00 18.83 ? 111  THR A CG2 1 
ATOM   149  N  N   . SER A 1 22  ? -9.652  5.825   13.436  1.00 16.19 ? 112  SER A N   1 
ATOM   150  C  CA  . SER A 1 22  ? -9.589  4.361   13.561  1.00 16.80 ? 112  SER A CA  1 
ATOM   151  C  C   . SER A 1 22  ? -10.103 3.667   12.310  1.00 14.85 ? 112  SER A C   1 
ATOM   152  O  O   . SER A 1 22  ? -10.991 4.159   11.617  1.00 15.21 ? 112  SER A O   1 
ATOM   153  C  CB  . SER A 1 22  ? -10.414 3.925   14.759  1.00 18.45 ? 112  SER A CB  1 
ATOM   154  O  OG  . SER A 1 22  ? -9.858  4.495   15.940  1.00 20.62 ? 112  SER A OG  1 
ATOM   155  N  N   . HIS A 1 23  ? -9.564  2.486   12.036  1.00 15.21 ? 113  HIS A N   1 
ATOM   156  C  CA  . HIS A 1 23  ? -9.988  1.732   10.866  1.00 14.36 ? 113  HIS A CA  1 
ATOM   157  C  C   . HIS A 1 23  ? -11.064 0.683   11.205  1.00 14.47 ? 113  HIS A C   1 
ATOM   158  O  O   . HIS A 1 23  ? -11.232 0.307   12.366  1.00 14.55 ? 113  HIS A O   1 
ATOM   159  C  CB  . HIS A 1 23  ? -8.764  1.032   10.205  1.00 14.18 ? 113  HIS A CB  1 
ATOM   160  C  CG  . HIS A 1 23  ? -8.145  -0.072  11.015  1.00 13.27 ? 113  HIS A CG  1 
ATOM   161  N  ND1 . HIS A 1 23  ? -8.625  -1.373  11.011  1.00 14.57 ? 113  HIS A ND1 1 
ATOM   162  C  CD2 . HIS A 1 23  ? -7.083  -0.074  11.856  1.00 15.30 ? 113  HIS A CD2 1 
ATOM   163  C  CE1 . HIS A 1 23  ? -7.880  -2.118  11.804  1.00 15.95 ? 113  HIS A CE1 1 
ATOM   164  N  NE2 . HIS A 1 23  ? -6.935  -1.358  12.336  1.00 16.07 ? 113  HIS A NE2 1 
ATOM   165  N  N   . SER A 1 24  ? -11.749 0.195   10.189  1.00 13.25 ? 114  SER A N   1 
ATOM   166  C  CA  . SER A 1 24  ? -12.757 -0.879  10.330  1.00 13.09 ? 114  SER A CA  1 
ATOM   167  C  C   . SER A 1 24  ? -12.345 -2.226  9.692   1.00 12.73 ? 114  SER A C   1 
ATOM   168  O  O   . SER A 1 24  ? -13.192 -2.981  9.242   1.00 13.93 ? 114  SER A O   1 
ATOM   169  C  CB  . SER A 1 24  ? -14.139 -0.426  9.812   1.00 14.73 ? 114  SER A CB  1 
ATOM   170  O  OG  . SER A 1 24  ? -14.190 -0.092  8.435   1.00 14.19 ? 114  SER A OG  1 
ATOM   171  N  N   . GLY A 1 25  ? -11.046 -2.526  9.670   1.00 12.22 ? 115  GLY A N   1 
ATOM   172  C  CA  . GLY A 1 25  ? -10.530 -3.767  9.112   1.00 11.28 ? 115  GLY A CA  1 
ATOM   173  C  C   . GLY A 1 25  ? -10.592 -3.786  7.599   1.00 11.74 ? 115  GLY A C   1 
ATOM   174  O  O   . GLY A 1 25  ? -10.578 -2.728  6.938   1.00 11.11 ? 115  GLY A O   1 
ATOM   175  N  N   . ILE A 1 26  ? -10.598 -4.992  7.044   1.00 11.64 ? 116  ILE A N   1 
ATOM   176  C  CA  . ILE A 1 26  ? -10.707 -5.235  5.588   1.00 11.60 ? 116  ILE A CA  1 
ATOM   177  C  C   . ILE A 1 26  ? -11.766 -6.289  5.310   1.00 12.21 ? 116  ILE A C   1 
ATOM   178  O  O   . ILE A 1 26  ? -12.202 -7.012  6.212   1.00 13.39 ? 116  ILE A O   1 
ATOM   179  C  CB  . ILE A 1 26  ? -9.338  -5.631  4.929   1.00 11.76 ? 116  ILE A CB  1 
ATOM   180  C  CG1 . ILE A 1 26  ? -8.665  -6.843  5.583   1.00 15.20 ? 116  ILE A CG1 1 
ATOM   181  C  CG2 . ILE A 1 26  ? -8.373  -4.452  5.039   1.00 11.74 ? 116  ILE A CG2 1 
ATOM   182  C  CD1 . ILE A 1 26  ? -8.993  -8.130  5.031   1.00 19.26 ? 116  ILE A CD1 1 
ATOM   183  N  N   . THR A 1 27  ? -12.170 -6.363  4.059   1.00 12.18 ? 117  THR A N   1 
ATOM   184  C  CA  . THR A 1 27  ? -13.102 -7.421  3.593   1.00 12.39 ? 117  THR A CA  1 
ATOM   185  C  C   . THR A 1 27  ? -12.534 -8.079  2.340   1.00 12.75 ? 117  THR A C   1 
ATOM   186  O  O   . THR A 1 27  ? -12.180 -7.390  1.374   1.00 12.23 ? 117  THR A O   1 
ATOM   187  C  CB  . THR A 1 27  ? -14.475 -6.876  3.327   1.00 12.91 ? 117  THR A CB  1 
ATOM   188  O  OG1 . THR A 1 27  ? -15.054 -6.393  4.552   1.00 13.59 ? 117  THR A OG1 1 
ATOM   189  C  CG2 . THR A 1 27  ? -15.462 -7.994  2.831   1.00 13.84 ? 117  THR A CG2 1 
ATOM   190  N  N   . TYR A 1 28  ? -12.455 -9.410  2.387   1.00 13.45 ? 118  TYR A N   1 
ATOM   191  C  CA  . TYR A 1 28  ? -12.004 -10.176 1.239   1.00 12.82 ? 118  TYR A CA  1 
ATOM   192  C  C   . TYR A 1 28  ? -13.164 -10.488 0.302   1.00 14.08 ? 118  TYR A C   1 
ATOM   193  O  O   . TYR A 1 28  ? -14.316 -10.724 0.743   1.00 15.44 ? 118  TYR A O   1 
ATOM   194  C  CB  . TYR A 1 28  ? -11.382 -11.505 1.681   1.00 12.93 ? 118  TYR A CB  1 
ATOM   195  C  CG  . TYR A 1 28  ? -10.092 -11.444 2.443   1.00 11.80 ? 118  TYR A CG  1 
ATOM   196  C  CD1 . TYR A 1 28  ? -8.882  -11.133 1.793   1.00 13.72 ? 118  TYR A CD1 1 
ATOM   197  C  CD2 . TYR A 1 28  ? -10.049 -11.726 3.793   1.00 14.68 ? 118  TYR A CD2 1 
ATOM   198  C  CE1 . TYR A 1 28  ? -7.683  -11.082 2.491   1.00 13.15 ? 118  TYR A CE1 1 
ATOM   199  C  CE2 . TYR A 1 28  ? -8.847  -11.734 4.481   1.00 14.70 ? 118  TYR A CE2 1 
ATOM   200  C  CZ  . TYR A 1 28  ? -7.657  -11.409 3.819   1.00 14.55 ? 118  TYR A CZ  1 
ATOM   201  O  OH  . TYR A 1 28  ? -6.468  -11.401 4.511   1.00 16.41 ? 118  TYR A OH  1 
ATOM   202  N  N   . SER A 1 29  ? -12.895 -10.469 -0.982  1.00 14.00 ? 119  SER A N   1 
ATOM   203  C  CA  . SER A 1 29  ? -13.908 -10.915 -2.000  1.00 15.13 ? 119  SER A CA  1 
ATOM   204  C  C   . SER A 1 29  ? -13.156 -11.564 -3.161  1.00 15.01 ? 119  SER A C   1 
ATOM   205  O  O   . SER A 1 29  ? -11.917 -11.502 -3.192  1.00 15.28 ? 119  SER A O   1 
ATOM   206  C  CB  . SER A 1 29  ? -14.777 -9.785  -2.477  1.00 15.82 ? 119  SER A CB  1 
ATOM   207  O  OG  . SER A 1 29  ? -14.060 -8.922  -3.323  1.00 15.45 ? 119  SER A OG  1 
ATOM   208  N  N   . ALA A 1 30  ? -13.890 -12.108 -4.136  1.00 16.04 ? 120  ALA A N   1 
ATOM   209  C  CA  . ALA A 1 30  ? -13.238 -12.658 -5.326  1.00 16.32 ? 120  ALA A CA  1 
ATOM   210  C  C   . ALA A 1 30  ? -12.379 -11.603 -6.057  1.00 16.66 ? 120  ALA A C   1 
ATOM   211  O  O   . ALA A 1 30  ? -11.379 -11.943 -6.701  1.00 18.45 ? 120  ALA A O   1 
ATOM   212  C  CB  . ALA A 1 30  ? -14.262 -13.230 -6.288  1.00 17.61 ? 120  ALA A CB  1 
ATOM   213  N  N   . ASP A 1 31  ? -12.766 -10.336 -5.949  1.00 17.06 ? 121  ASP A N   1 
ATOM   214  C  CA  . ASP A 1 31  ? -11.980 -9.241  -6.581  1.00 17.62 ? 121  ASP A CA  1 
ATOM   215  C  C   . ASP A 1 31  ? -10.704 -8.814  -5.824  1.00 16.80 ? 121  ASP A C   1 
ATOM   216  O  O   . ASP A 1 31  ? -9.879  -8.097  -6.383  1.00 18.19 ? 121  ASP A O   1 
ATOM   217  C  CB  . ASP A 1 31  ? -12.815 -8.010  -6.790  1.00 18.15 ? 121  ASP A CB  1 
ATOM   218  C  CG  . ASP A 1 31  ? -13.770 -8.118  -7.984  1.00 21.23 ? 121  ASP A CG  1 
ATOM   219  O  OD1 . ASP A 1 31  ? -13.819 -9.161  -8.661  1.00 23.10 ? 121  ASP A OD1 1 
ATOM   220  O  OD2 . ASP A 1 31  ? -14.551 -7.183  -8.288  1.00 27.44 ? 121  ASP A OD2 1 
ATOM   221  N  N   . GLY A 1 32  ? -10.512 -9.287  -4.606  1.00 14.57 ? 122  GLY A N   1 
ATOM   222  C  CA  . GLY A 1 32  ? -9.319  -8.940  -3.819  1.00 12.90 ? 122  GLY A CA  1 
ATOM   223  C  C   . GLY A 1 32  ? -9.616  -8.469  -2.402  1.00 13.15 ? 122  GLY A C   1 
ATOM   224  O  O   . GLY A 1 32  ? -10.312 -9.178  -1.673  1.00 12.07 ? 122  GLY A O   1 
ATOM   225  N  N   . VAL A 1 33  ? -9.063  -7.301  -2.035  1.00 12.04 ? 123  VAL A N   1 
ATOM   226  C  CA  . VAL A 1 33  ? -9.157  -6.700  -0.677  1.00 11.58 ? 123  VAL A CA  1 
ATOM   227  C  C   . VAL A 1 33  ? -9.791  -5.317  -0.739  1.00 11.79 ? 123  VAL A C   1 
ATOM   228  O  O   . VAL A 1 33  ? -9.323  -4.483  -1.510  1.00 12.76 ? 123  VAL A O   1 
ATOM   229  C  CB  . VAL A 1 33  ? -7.753  -6.611  -0.025  1.00 11.46 ? 123  VAL A CB  1 
ATOM   230  C  CG1 . VAL A 1 33  ? -7.767  -5.817  1.269   1.00 13.63 ? 123  VAL A CG1 1 
ATOM   231  C  CG2 . VAL A 1 33  ? -7.169  -8.033  0.224   1.00 11.14 ? 123  VAL A CG2 1 
ATOM   232  N  N   . THR A 1 34  ? -10.798 -5.074  0.095   1.00 12.53 ? 124  THR A N   1 
ATOM   233  C  CA  . THR A 1 34  ? -11.526 -3.776  0.105   1.00 12.57 ? 124  THR A CA  1 
ATOM   234  C  C   . THR A 1 34  ? -11.543 -3.234  1.521   1.00 12.91 ? 124  THR A C   1 
ATOM   235  O  O   . THR A 1 34  ? -11.715 -3.988  2.494   1.00 12.60 ? 124  THR A O   1 
ATOM   236  C  CB  . THR A 1 34  ? -12.984 -3.889  -0.450  1.00 12.51 ? 124  THR A CB  1 
ATOM   237  O  OG1 . THR A 1 34  ? -12.946 -4.493  -1.747  1.00 12.81 ? 124  THR A OG1 1 
ATOM   238  C  CG2 . THR A 1 34  ? -13.669 -2.517  -0.621  1.00 15.46 ? 124  THR A CG2 1 
ATOM   239  N  N   . PHE A 1 35  ? -11.359 -1.924  1.622   1.00 12.45 ? 125  PHE A N   1 
ATOM   240  C  CA  . PHE A 1 35  ? -11.535 -1.224  2.894   1.00 12.54 ? 125  PHE A CA  1 
ATOM   241  C  C   . PHE A 1 35  ? -12.398 0.039   2.742   1.00 12.68 ? 125  PHE A C   1 
ATOM   242  O  O   . PHE A 1 35  ? -12.465 0.658   1.654   1.00 13.34 ? 125  PHE A O   1 
ATOM   243  C  CB  . PHE A 1 35  ? -10.199 -0.916  3.585   1.00 12.18 ? 125  PHE A CB  1 
ATOM   244  C  CG  . PHE A 1 35  ? -9.354  0.150   2.929   1.00 11.85 ? 125  PHE A CG  1 
ATOM   245  C  CD1 . PHE A 1 35  ? -8.442  -0.192  1.911   1.00 12.20 ? 125  PHE A CD1 1 
ATOM   246  C  CD2 . PHE A 1 35  ? -9.380  1.463   3.373   1.00 13.28 ? 125  PHE A CD2 1 
ATOM   247  C  CE1 . PHE A 1 35  ? -7.659  0.756   1.325   1.00 13.97 ? 125  PHE A CE1 1 
ATOM   248  C  CE2 . PHE A 1 35  ? -8.578  2.425   2.784   1.00 14.44 ? 125  PHE A CE2 1 
ATOM   249  C  CZ  . PHE A 1 35  ? -7.695  2.061   1.764   1.00 13.89 ? 125  PHE A CZ  1 
ATOM   250  N  N   . ALA A 1 36  ? -13.043 0.397   3.854   1.00 12.80 ? 126  ALA A N   1 
ATOM   251  C  CA  . ALA A 1 36  ? -13.785 1.649   4.003   1.00 13.24 ? 126  ALA A CA  1 
ATOM   252  C  C   . ALA A 1 36  ? -12.782 2.772   4.350   1.00 13.29 ? 126  ALA A C   1 
ATOM   253  O  O   . ALA A 1 36  ? -12.050 2.716   5.359   1.00 13.87 ? 126  ALA A O   1 
ATOM   254  C  CB  . ALA A 1 36  ? -14.837 1.532   5.093   1.00 13.50 ? 126  ALA A CB  1 
ATOM   255  N  N   . ALA A 1 37  ? -12.688 3.760   3.470   1.00 14.29 ? 127  ALA A N   1 
ATOM   256  C  CA  . ALA A 1 37  ? -11.753 4.881   3.630   1.00 14.07 ? 127  ALA A CA  1 
ATOM   257  C  C   . ALA A 1 37  ? -12.351 5.938   4.585   1.00 15.48 ? 127  ALA A C   1 
ATOM   258  O  O   . ALA A 1 37  ? -12.840 7.005   4.181   1.00 15.24 ? 127  ALA A O   1 
ATOM   259  C  CB  . ALA A 1 37  ? -11.414 5.489   2.270   1.00 14.67 ? 127  ALA A CB  1 
ATOM   260  N  N   . LEU A 1 38  ? -12.323 5.595   5.859   1.00 14.52 ? 128  LEU A N   1 
ATOM   261  C  CA  . LEU A 1 38  ? -13.014 6.386   6.909   1.00 14.85 ? 128  LEU A CA  1 
ATOM   262  C  C   . LEU A 1 38  ? -12.404 7.735   7.245   1.00 15.15 ? 128  LEU A C   1 
ATOM   263  O  O   . LEU A 1 38  ? -13.129 8.651   7.665   1.00 16.68 ? 128  LEU A O   1 
ATOM   264  C  CB  . LEU A 1 38  ? -13.146 5.576   8.199   1.00 15.75 ? 128  LEU A CB  1 
ATOM   265  C  CG  . LEU A 1 38  ? -13.978 4.295   8.058   1.00 16.10 ? 128  LEU A CG  1 
ATOM   266  C  CD1 . LEU A 1 38  ? -13.796 3.414   9.296   1.00 17.70 ? 128  LEU A CD1 1 
ATOM   267  C  CD2 . LEU A 1 38  ? -15.436 4.557   7.719   1.00 18.89 ? 128  LEU A CD2 1 
ATOM   268  N  N   . GLY A 1 39  ? -11.110 7.855   7.098   1.00 14.82 ? 129  GLY A N   1 
ATOM   269  C  CA  . GLY A 1 39  ? -10.396 9.109   7.386   1.00 15.82 ? 129  GLY A CA  1 
ATOM   270  C  C   . GLY A 1 39  ? -8.947  9.104   6.967   1.00 15.76 ? 129  GLY A C   1 
ATOM   271  O  O   . GLY A 1 39  ? -8.429  8.120   6.451   1.00 15.32 ? 129  GLY A O   1 
ATOM   272  N  N   . ASP A 1 40  ? -8.267  10.239  7.161   1.00 16.08 ? 130  ASP A N   1 
ATOM   273  C  CA  . ASP A 1 40  ? -6.838  10.356  6.856   1.00 16.12 ? 130  ASP A CA  1 
ATOM   274  C  C   . ASP A 1 40  ? -6.046  9.283   7.631   1.00 15.59 ? 130  ASP A C   1 
ATOM   275  O  O   . ASP A 1 40  ? -6.287  9.062   8.826   1.00 15.69 ? 130  ASP A O   1 
ATOM   276  C  CB  . ASP A 1 40  ? -6.329  11.769  7.221   1.00 16.85 ? 130  ASP A CB  1 
ATOM   277  C  CG  . ASP A 1 40  ? -4.876  11.965  6.912   1.00 18.53 ? 130  ASP A CG  1 
ATOM   278  O  OD1 . ASP A 1 40  ? -4.513  12.293  5.749   1.00 18.50 ? 130  ASP A OD1 1 
ATOM   279  O  OD2 . ASP A 1 40  ? -3.998  11.806  7.796   1.00 22.41 ? 130  ASP A OD2 1 
ATOM   280  N  N   . GLY A 1 41  ? -5.176  8.583   6.919   1.00 14.11 ? 131  GLY A N   1 
ATOM   281  C  CA  . GLY A 1 41  ? -4.353  7.523   7.490   1.00 13.53 ? 131  GLY A CA  1 
ATOM   282  C  C   . GLY A 1 41  ? -4.986  6.149   7.602   1.00 13.58 ? 131  GLY A C   1 
ATOM   283  O  O   . GLY A 1 41  ? -4.324  5.256   8.085   1.00 12.37 ? 131  GLY A O   1 
ATOM   284  N  N   . VAL A 1 42  ? -6.217  5.979   7.124   1.00 12.59 ? 132  VAL A N   1 
ATOM   285  C  CA  . VAL A 1 42  ? -6.890  4.669   7.160   1.00 12.91 ? 132  VAL A CA  1 
ATOM   286  C  C   . VAL A 1 42  ? -6.458  3.945   5.880   1.00 11.84 ? 132  VAL A C   1 
ATOM   287  O  O   . VAL A 1 42  ? -6.504  4.522   4.789   1.00 11.88 ? 132  VAL A O   1 
ATOM   288  C  CB  . VAL A 1 42  ? -8.431  4.783   7.306   1.00 13.13 ? 132  VAL A CB  1 
ATOM   289  C  CG1 . VAL A 1 42  ? -9.116  3.423   7.194   1.00 14.04 ? 132  VAL A CG1 1 
ATOM   290  C  CG2 . VAL A 1 42  ? -8.765  5.466   8.650   1.00 14.39 ? 132  VAL A CG2 1 
ATOM   291  N  N   . GLY A 1 43  ? -6.062  2.691   6.021   1.00 11.43 ? 133  GLY A N   1 
ATOM   292  C  CA  . GLY A 1 43  ? -5.610  1.895   4.897   1.00 10.59 ? 133  GLY A CA  1 
ATOM   293  C  C   . GLY A 1 43  ? -5.709  0.399   5.093   1.00 11.48 ? 133  GLY A C   1 
ATOM   294  O  O   . GLY A 1 43  ? -6.398  -0.093  5.984   1.00 11.40 ? 133  GLY A O   1 
ATOM   295  N  N   . ALA A 1 44  ? -4.946  -0.305  4.245   1.00 11.44 ? 134  ALA A N   1 
ATOM   296  C  CA  . ALA A 1 44  ? -4.850  -1.773  4.236   1.00 11.94 ? 134  ALA A CA  1 
ATOM   297  C  C   . ALA A 1 44  ? -3.400  -2.164  4.041   1.00 11.57 ? 134  ALA A C   1 
ATOM   298  O  O   . ALA A 1 44  ? -2.735  -1.563  3.215   1.00 12.20 ? 134  ALA A O   1 
ATOM   299  C  CB  . ALA A 1 44  ? -5.672  -2.327  3.154   1.00 12.74 ? 134  ALA A CB  1 
ATOM   300  N  N   . VAL A 1 45  ? -2.952  -3.152  4.813   1.00 11.35 ? 135  VAL A N   1 
ATOM   301  C  CA  . VAL A 1 45  ? -1.553  -3.587  4.833   1.00 11.29 ? 135  VAL A CA  1 
ATOM   302  C  C   . VAL A 1 45  ? -1.367  -5.103  4.886   1.00 12.16 ? 135  VAL A C   1 
ATOM   303  O  O   . VAL A 1 45  ? -2.300  -5.826  5.257   1.00 12.46 ? 135  VAL A O   1 
ATOM   304  C  CB  . VAL A 1 45  ? -0.784  -2.988  6.063   1.00 11.03 ? 135  VAL A CB  1 
ATOM   305  C  CG1 . VAL A 1 45  ? -0.691  -1.433  6.007   1.00 11.65 ? 135  VAL A CG1 1 
ATOM   306  C  CG2 . VAL A 1 45  ? -1.344  -3.452  7.362   1.00 10.09 ? 135  VAL A CG2 1 
ATOM   307  N  N   . PHE A 1 46  ? -0.149  -5.531  4.541   1.00 12.01 ? 136  PHE A N   1 
ATOM   308  C  CA  . PHE A 1 46  ? 0.291   -6.916  4.649   1.00 11.82 ? 136  PHE A CA  1 
ATOM   309  C  C   . PHE A 1 46  ? 1.771   -6.856  5.004   1.00 13.21 ? 136  PHE A C   1 
ATOM   310  O  O   . PHE A 1 46  ? 2.414   -5.798  4.926   1.00 13.53 ? 136  PHE A O   1 
ATOM   311  C  CB  . PHE A 1 46  ? 0.069   -7.689  3.338   1.00 12.75 ? 136  PHE A CB  1 
ATOM   312  C  CG  . PHE A 1 46  ? 0.847   -7.129  2.177   1.00 12.77 ? 136  PHE A CG  1 
ATOM   313  C  CD1 . PHE A 1 46  ? 0.328   -6.077  1.434   1.00 15.11 ? 136  PHE A CD1 1 
ATOM   314  C  CD2 . PHE A 1 46  ? 2.129   -7.606  1.875   1.00 14.22 ? 136  PHE A CD2 1 
ATOM   315  C  CE1 . PHE A 1 46  ? 1.063   -5.516  0.394   1.00 14.41 ? 136  PHE A CE1 1 
ATOM   316  C  CE2 . PHE A 1 46  ? 2.857   -7.039  0.832   1.00 14.19 ? 136  PHE A CE2 1 
ATOM   317  C  CZ  . PHE A 1 46  ? 2.334   -5.992  0.114   1.00 14.59 ? 136  PHE A CZ  1 
ATOM   318  N  N   . ASP A 1 47  ? 2.332   -8.010  5.336   1.00 15.09 ? 137  ASP A N   1 
ATOM   319  C  CA  . ASP A 1 47  ? 3.745   -8.065  5.675   1.00 15.72 ? 137  ASP A CA  1 
ATOM   320  C  C   . ASP A 1 47  ? 4.578   -8.823  4.655   1.00 15.64 ? 137  ASP A C   1 
ATOM   321  O  O   . ASP A 1 47  ? 4.167   -9.866  4.144   1.00 16.66 ? 137  ASP A O   1 
ATOM   322  C  CB  . ASP A 1 47  ? 3.970   -8.773  7.006   1.00 15.67 ? 137  ASP A CB  1 
ATOM   323  C  CG  . ASP A 1 47  ? 3.314   -8.094  8.141   1.00 17.14 ? 137  ASP A CG  1 
ATOM   324  O  OD1 . ASP A 1 47  ? 3.254   -6.835  8.171   1.00 16.37 ? 137  ASP A OD1 1 
ATOM   325  O  OD2 . ASP A 1 47  ? 2.852   -8.756  9.082   1.00 20.01 ? 137  ASP A OD2 1 
ATOM   326  N  N   . ILE A 1 48  ? 5.744   -8.286  4.359   1.00 14.89 ? 138  ILE A N   1 
ATOM   327  C  CA  . ILE A 1 48  ? 6.781   -9.002  3.644   1.00 15.77 ? 138  ILE A CA  1 
ATOM   328  C  C   . ILE A 1 48  ? 7.643   -9.612  4.751   1.00 16.02 ? 138  ILE A C   1 
ATOM   329  O  O   . ILE A 1 48  ? 8.232   -8.916  5.594   1.00 16.16 ? 138  ILE A O   1 
ATOM   330  C  CB  . ILE A 1 48  ? 7.602   -8.103  2.714   1.00 15.62 ? 138  ILE A CB  1 
ATOM   331  C  CG1 . ILE A 1 48  ? 6.757   -7.622  1.524   1.00 16.81 ? 138  ILE A CG1 1 
ATOM   332  C  CG2 . ILE A 1 48  ? 8.882   -8.842  2.179   1.00 16.05 ? 138  ILE A CG2 1 
ATOM   333  C  CD1 . ILE A 1 48  ? 6.201   -8.714  0.575   1.00 19.44 ? 138  ILE A CD1 1 
ATOM   334  N  N   . ALA A 1 49  ? 7.754   -10.939 4.713   1.00 16.65 ? 139  ALA A N   1 
ATOM   335  C  CA  . ALA A 1 49  ? 8.568   -11.641 5.704   1.00 16.78 ? 139  ALA A CA  1 
ATOM   336  C  C   . ALA A 1 49  ? 10.072  -11.376 5.593   1.00 16.99 ? 139  ALA A C   1 
ATOM   337  O  O   . ALA A 1 49  ? 10.675  -11.462 4.500   1.00 17.20 ? 139  ALA A O   1 
ATOM   338  C  CB  . ALA A 1 49  ? 8.313   -13.162 5.592   1.00 17.58 ? 139  ALA A CB  1 
ATOM   339  N  N   . ARG A 1 50  ? 10.675  -11.105 6.745   1.00 17.33 ? 140  ARG A N   1 
ATOM   340  C  CA  . ARG A 1 50  ? 12.110  -10.931 6.807   1.00 17.98 ? 140  ARG A CA  1 
ATOM   341  C  C   . ARG A 1 50  ? 12.875  -12.190 6.368   1.00 17.93 ? 140  ARG A C   1 
ATOM   342  O  O   . ARG A 1 50  ? 12.343  -13.334 6.424   1.00 17.45 ? 140  ARG A O   1 
ATOM   343  C  CB  . ARG A 1 50  ? 12.537  -10.564 8.220   1.00 18.78 ? 140  ARG A CB  1 
ATOM   344  C  CG  . ARG A 1 50  ? 11.996  -11.537 9.270   1.00 22.79 ? 140  ARG A CG  1 
ATOM   345  C  CD  . ARG A 1 50  ? 12.668  -11.352 10.592  1.00 29.62 ? 140  ARG A CD  1 
ATOM   346  N  NE  . ARG A 1 50  ? 12.103  -11.873 11.805  1.00 34.38 ? 140  ARG A NE  1 
ATOM   347  C  CZ  . ARG A 1 50  ? 10.832  -12.057 12.155  1.00 39.75 ? 140  ARG A CZ  1 
ATOM   348  N  NH1 . ARG A 1 50  ? 9.764   -12.381 11.392  1.00 40.39 ? 140  ARG A NH1 1 
ATOM   349  N  NH2 . ARG A 1 50  ? 10.731  -12.105 13.456  1.00 43.44 ? 140  ARG A NH2 1 
ATOM   350  N  N   . PRO A 1 51  ? 14.107  -11.987 5.886   1.00 17.67 ? 141  PRO A N   1 
ATOM   351  C  CA  . PRO A 1 51  ? 14.812  -10.699 5.728   1.00 17.31 ? 141  PRO A CA  1 
ATOM   352  C  C   . PRO A 1 51  ? 14.392  -10.034 4.457   1.00 16.24 ? 141  PRO A C   1 
ATOM   353  O  O   . PRO A 1 51  ? 13.735  -10.675 3.610   1.00 17.03 ? 141  PRO A O   1 
ATOM   354  C  CB  . PRO A 1 51  ? 16.261  -11.150 5.622   1.00 17.79 ? 141  PRO A CB  1 
ATOM   355  C  CG  . PRO A 1 51  ? 16.129  -12.451 4.805   1.00 16.77 ? 141  PRO A CG  1 
ATOM   356  C  CD  . PRO A 1 51  ? 14.898  -13.117 5.355   1.00 18.48 ? 141  PRO A CD  1 
ATOM   357  N  N   . THR A 1 52  ? 14.759  -8.768  4.309   1.00 16.32 ? 142  THR A N   1 
ATOM   358  C  CA  . THR A 1 52  ? 14.424  -8.025  3.098   1.00 15.51 ? 142  THR A CA  1 
ATOM   359  C  C   . THR A 1 52  ? 15.612  -7.358  2.424   1.00 14.81 ? 142  THR A C   1 
ATOM   360  O  O   . THR A 1 52  ? 16.545  -6.873  3.083   1.00 14.62 ? 142  THR A O   1 
ATOM   361  C  CB  . THR A 1 52  ? 13.335  -6.937  3.357   1.00 15.91 ? 142  THR A CB  1 
ATOM   362  O  OG1 . THR A 1 52  ? 13.852  -5.871  4.182   1.00 15.92 ? 142  THR A OG1 1 
ATOM   363  C  CG2 . THR A 1 52  ? 12.136  -7.542  4.107   1.00 17.27 ? 142  THR A CG2 1 
ATOM   364  N  N   . THR A 1 53  ? 15.513  -7.346  1.108   1.00 14.57 ? 143  THR A N   1 
ATOM   365  C  CA  . THR A 1 53  ? 16.394  -6.548  0.224   1.00 14.89 ? 143  THR A CA  1 
ATOM   366  C  C   . THR A 1 53  ? 15.450  -5.743  -0.678  1.00 14.81 ? 143  THR A C   1 
ATOM   367  O  O   . THR A 1 53  ? 15.251  -6.061  -1.863  1.00 15.49 ? 143  THR A O   1 
ATOM   368  C  CB  . THR A 1 53  ? 17.324  -7.434  -0.577  1.00 14.57 ? 143  THR A CB  1 
ATOM   369  O  OG1 . THR A 1 53  ? 18.166  -8.171  0.334   1.00 15.09 ? 143  THR A OG1 1 
ATOM   370  C  CG2 . THR A 1 53  ? 18.284  -6.610  -1.425  1.00 15.53 ? 143  THR A CG2 1 
ATOM   371  N  N   . LEU A 1 54  ? 14.824  -4.752  -0.042  1.00 14.56 ? 144  LEU A N   1 
ATOM   372  C  CA  . LEU A 1 54  ? 13.792  -3.922  -0.685  1.00 14.49 ? 144  LEU A CA  1 
ATOM   373  C  C   . LEU A 1 54  ? 14.247  -2.568  -1.239  1.00 14.93 ? 144  LEU A C   1 
ATOM   374  O  O   . LEU A 1 54  ? 13.464  -1.888  -1.904  1.00 14.37 ? 144  LEU A O   1 
ATOM   375  C  CB  . LEU A 1 54  ? 12.585  -3.752  0.261   1.00 14.92 ? 144  LEU A CB  1 
ATOM   376  C  CG  . LEU A 1 54  ? 11.634  -4.926  0.302   1.00 13.35 ? 144  LEU A CG  1 
ATOM   377  C  CD1 . LEU A 1 54  ? 10.706  -4.801  1.541   1.00 13.85 ? 144  LEU A CD1 1 
ATOM   378  C  CD2 . LEU A 1 54  ? 10.818  -5.103  -0.982  1.00 16.32 ? 144  LEU A CD2 1 
ATOM   379  N  N   . GLU A 1 55  ? 15.505  -2.195  -1.031  1.00 15.69 ? 145  GLU A N   1 
ATOM   380  C  CA  . GLU A 1 55  ? 15.970  -0.918  -1.600  1.00 16.26 ? 145  GLU A CA  1 
ATOM   381  C  C   . GLU A 1 55  ? 15.956  -1.020  -3.121  1.00 16.85 ? 145  GLU A C   1 
ATOM   382  O  O   . GLU A 1 55  ? 16.374  -2.041  -3.679  1.00 17.26 ? 145  GLU A O   1 
ATOM   383  C  CB  . GLU A 1 55  ? 17.361  -0.549  -1.074  1.00 16.47 ? 145  GLU A CB  1 
ATOM   384  C  CG  . GLU A 1 55  ? 17.382  -0.140  0.386   1.00 17.33 ? 145  GLU A CG  1 
ATOM   385  C  CD  . GLU A 1 55  ? 16.654  1.184   0.648   1.00 17.58 ? 145  GLU A CD  1 
ATOM   386  O  OE1 . GLU A 1 55  ? 16.512  1.990   -0.309  1.00 17.71 ? 145  GLU A OE1 1 
ATOM   387  O  OE2 . GLU A 1 55  ? 16.226  1.396   1.798   1.00 17.80 ? 145  GLU A OE2 1 
ATOM   388  N  N   . ASP A 1 56  ? 15.434  0.027   -3.782  1.00 17.62 ? 146  ASP A N   1 
ATOM   389  C  CA  . ASP A 1 56  ? 15.273  0.090   -5.253  1.00 18.13 ? 146  ASP A CA  1 
ATOM   390  C  C   . ASP A 1 56  ? 14.195  -0.878  -5.804  1.00 17.23 ? 146  ASP A C   1 
ATOM   391  O  O   . ASP A 1 56  ? 14.052  -1.044  -7.011  1.00 17.61 ? 146  ASP A O   1 
ATOM   392  C  CB  . ASP A 1 56  ? 16.627  -0.071  -5.981  1.00 19.38 ? 146  ASP A CB  1 
ATOM   393  C  CG  . ASP A 1 56  ? 17.624  1.020   -5.607  1.00 23.10 ? 146  ASP A CG  1 
ATOM   394  O  OD1 . ASP A 1 56  ? 17.254  2.200   -5.550  1.00 23.76 ? 146  ASP A OD1 1 
ATOM   395  O  OD2 . ASP A 1 56  ? 18.804  0.783   -5.329  1.00 28.64 ? 146  ASP A OD2 1 
ATOM   396  N  N   . ALA A 1 57  ? 13.378  -1.444  -4.916  1.00 15.94 ? 147  ALA A N   1 
ATOM   397  C  CA  . ALA A 1 57  ? 12.259  -2.295  -5.334  1.00 15.98 ? 147  ALA A CA  1 
ATOM   398  C  C   . ALA A 1 57  ? 11.108  -1.415  -5.823  1.00 15.77 ? 147  ALA A C   1 
ATOM   399  O  O   . ALA A 1 57  ? 10.957  -0.279  -5.375  1.00 17.46 ? 147  ALA A O   1 
ATOM   400  C  CB  . ALA A 1 57  ? 11.768  -3.178  -4.191  1.00 15.67 ? 147  ALA A CB  1 
ATOM   401  N  N   . VAL A 1 58  ? 10.321  -1.946  -6.740  1.00 16.44 ? 148  VAL A N   1 
ATOM   402  C  CA  . VAL A 1 58  ? 9.127   -1.268  -7.276  1.00 16.73 ? 148  VAL A CA  1 
ATOM   403  C  C   . VAL A 1 58  ? 7.869   -2.022  -6.864  1.00 15.49 ? 148  VAL A C   1 
ATOM   404  O  O   . VAL A 1 58  ? 7.721   -3.192  -7.195  1.00 15.45 ? 148  VAL A O   1 
ATOM   405  C  CB  . VAL A 1 58  ? 9.164   -1.142  -8.801  1.00 17.48 ? 148  VAL A CB  1 
ATOM   406  C  CG1 . VAL A 1 58  ? 7.925   -0.440  -9.317  1.00 19.68 ? 148  VAL A CG1 1 
ATOM   407  C  CG2 . VAL A 1 58  ? 10.430  -0.382  -9.197  1.00 19.05 ? 148  VAL A CG2 1 
ATOM   408  N  N   . ILE A 1 59  ? 6.986   -1.340  -6.140  1.00 15.20 ? 149  ILE A N   1 
ATOM   409  C  CA  . ILE A 1 59  ? 5.674   -1.869  -5.747  1.00 15.11 ? 149  ILE A CA  1 
ATOM   410  C  C   . ILE A 1 59  ? 4.657   -1.409  -6.784  1.00 15.50 ? 149  ILE A C   1 
ATOM   411  O  O   . ILE A 1 59  ? 4.558   -0.195  -7.055  1.00 17.52 ? 149  ILE A O   1 
ATOM   412  C  CB  . ILE A 1 59  ? 5.263   -1.342  -4.341  1.00 14.75 ? 149  ILE A CB  1 
ATOM   413  C  CG1 . ILE A 1 59  ? 6.334   -1.681  -3.299  1.00 15.56 ? 149  ILE A CG1 1 
ATOM   414  C  CG2 . ILE A 1 59  ? 3.902   -1.891  -3.918  1.00 14.00 ? 149  ILE A CG2 1 
ATOM   415  C  CD1 . ILE A 1 59  ? 6.207   -0.867  -2.040  1.00 19.64 ? 149  ILE A CD1 1 
ATOM   416  N  N   . ALA A 1 60  ? 3.926   -2.343  -7.364  1.00 15.41 ? 150  ALA A N   1 
ATOM   417  C  CA  . ALA A 1 60  ? 2.855   -1.989  -8.318  1.00 15.28 ? 150  ALA A CA  1 
ATOM   418  C  C   . ALA A 1 60  ? 1.540   -2.557  -7.797  1.00 14.95 ? 150  ALA A C   1 
ATOM   419  O  O   . ALA A 1 60  ? 1.437   -3.772  -7.561  1.00 15.21 ? 150  ALA A O   1 
ATOM   420  C  CB  . ALA A 1 60  ? 3.155   -2.523  -9.692  1.00 16.16 ? 150  ALA A CB  1 
ATOM   421  N  N   . MET A 1 61  ? 0.540   -1.689  -7.611  1.00 13.97 ? 151  MET A N   1 
ATOM   422  C  CA  . MET A 1 61  ? -0.781  -2.116  -7.149  1.00 13.65 ? 151  MET A CA  1 
ATOM   423  C  C   . MET A 1 61  ? -1.852  -1.877  -8.201  1.00 13.72 ? 151  MET A C   1 
ATOM   424  O  O   . MET A 1 61  ? -1.915  -0.789  -8.733  1.00 14.90 ? 151  MET A O   1 
ATOM   425  C  CB  . MET A 1 61  ? -1.169  -1.361  -5.867  1.00 13.76 ? 151  MET A CB  1 
ATOM   426  C  CG  . MET A 1 61  ? -0.247  -1.580  -4.733  1.00 13.64 ? 151  MET A CG  1 
ATOM   427  S  SD  . MET A 1 61  ? -1.107  -1.241  -3.147  1.00 14.69 ? 151  MET A SD  1 
ATOM   428  C  CE  . MET A 1 61  ? 0.246   -1.555  -2.054  1.00 15.25 ? 151  MET A CE  1 
ATOM   429  N  N   . VAL A 1 62  ? -2.680  -2.877  -8.497  1.00 13.33 ? 152  VAL A N   1 
ATOM   430  C  CA  . VAL A 1 62  ? -3.851  -2.633  -9.388  1.00 13.91 ? 152  VAL A CA  1 
ATOM   431  C  C   . VAL A 1 62  ? -4.987  -2.345  -8.417  1.00 14.33 ? 152  VAL A C   1 
ATOM   432  O  O   . VAL A 1 62  ? -5.291  -3.199  -7.564  1.00 13.35 ? 152  VAL A O   1 
ATOM   433  C  CB  . VAL A 1 62  ? -4.212  -3.806  -10.279 1.00 13.96 ? 152  VAL A CB  1 
ATOM   434  C  CG1 . VAL A 1 62  ? -5.512  -3.514  -11.064 1.00 15.83 ? 152  VAL A CG1 1 
ATOM   435  C  CG2 . VAL A 1 62  ? -3.079  -4.108  -11.268 1.00 15.41 ? 152  VAL A CG2 1 
ATOM   436  N  N   . VAL A 1 63  ? -5.616  -1.181  -8.549  1.00 13.48 ? 153  VAL A N   1 
ATOM   437  C  CA  . VAL A 1 63  ? -6.691  -0.760  -7.628  1.00 13.77 ? 153  VAL A CA  1 
ATOM   438  C  C   . VAL A 1 63  ? -7.951  -0.299  -8.334  1.00 15.08 ? 153  VAL A C   1 
ATOM   439  O  O   . VAL A 1 63  ? -7.911  0.005   -9.515  1.00 14.95 ? 153  VAL A O   1 
ATOM   440  C  CB  . VAL A 1 63  ? -6.243  0.369   -6.660  1.00 13.64 ? 153  VAL A CB  1 
ATOM   441  C  CG1 . VAL A 1 63  ? -4.999  -0.046  -5.900  1.00 14.23 ? 153  VAL A CG1 1 
ATOM   442  C  CG2 . VAL A 1 63  ? -5.973  1.698   -7.415  1.00 15.87 ? 153  VAL A CG2 1 
ATOM   443  N  N   . ASN A 1 64  ? -9.061  -0.308  -7.609  1.00 15.43 ? 154  ASN A N   1 
ATOM   444  C  CA  . ASN A 1 64  ? -10.302 0.306   -8.082  1.00 16.32 ? 154  ASN A CA  1 
ATOM   445  C  C   . ASN A 1 64  ? -10.818 1.208   -6.994  1.00 16.99 ? 154  ASN A C   1 
ATOM   446  O  O   . ASN A 1 64  ? -10.951 0.788   -5.819  1.00 16.30 ? 154  ASN A O   1 
ATOM   447  C  CB  . ASN A 1 64  ? -11.351 -0.700  -8.473  1.00 17.57 ? 154  ASN A CB  1 
ATOM   448  C  CG  . ASN A 1 64  ? -12.526 -0.039  -9.195  1.00 18.25 ? 154  ASN A CG  1 
ATOM   449  O  OD1 . ASN A 1 64  ? -13.414 0.511   -8.565  1.00 16.46 ? 154  ASN A OD1 1 
ATOM   450  N  ND2 . ASN A 1 64  ? -12.485 -0.031  -10.550 1.00 21.21 ? 154  ASN A ND2 1 
ATOM   451  N  N   . VAL A 1 65  ? -11.086 2.459   -7.357  1.00 16.47 ? 155  VAL A N   1 
ATOM   452  C  CA  . VAL A 1 65  ? -11.548 3.468   -6.387  1.00 18.02 ? 155  VAL A CA  1 
ATOM   453  C  C   . VAL A 1 65  ? -13.043 3.775   -6.582  1.00 17.13 ? 155  VAL A C   1 
ATOM   454  O  O   . VAL A 1 65  ? -13.509 3.873   -7.708  1.00 16.38 ? 155  VAL A O   1 
ATOM   455  C  CB  . VAL A 1 65  ? -10.632 4.724   -6.300  1.00 19.77 ? 155  VAL A CB  1 
ATOM   456  C  CG1 . VAL A 1 65  ? -9.243  4.548   -7.019  1.00 21.78 ? 155  VAL A CG1 1 
ATOM   457  C  CG2 . VAL A 1 65  ? -11.316 6.013   -6.677  1.00 21.04 ? 155  VAL A CG2 1 
ATOM   458  N  N   . SER A 1 66  ? -13.794 3.870   -5.491  1.00 16.41 ? 156  SER A N   1 
ATOM   459  C  CA  . SER A 1 66  ? -15.243 4.123   -5.599  1.00 17.14 ? 156  SER A CA  1 
ATOM   460  C  C   . SER A 1 66  ? -15.533 5.578   -5.962  1.00 16.61 ? 156  SER A C   1 
ATOM   461  O  O   . SER A 1 66  ? -14.710 6.494   -5.778  1.00 15.79 ? 156  SER A O   1 
ATOM   462  C  CB  . SER A 1 66  ? -16.005 3.776   -4.309  1.00 18.26 ? 156  SER A CB  1 
ATOM   463  O  OG  . SER A 1 66  ? -15.829 4.767   -3.315  1.00 18.85 ? 156  SER A OG  1 
ATOM   464  N  N   . ALA A 1 67  ? -16.744 5.785   -6.457  1.00 16.97 ? 157  ALA A N   1 
ATOM   465  C  CA  . ALA A 1 67  ? -17.198 7.135   -6.839  1.00 17.32 ? 157  ALA A CA  1 
ATOM   466  C  C   . ALA A 1 67  ? -17.158 8.120   -5.657  1.00 16.92 ? 157  ALA A C   1 
ATOM   467  O  O   . ALA A 1 67  ? -16.729 9.278   -5.796  1.00 16.79 ? 157  ALA A O   1 
ATOM   468  C  CB  . ALA A 1 67  ? -18.612 7.052   -7.425  1.00 17.86 ? 157  ALA A CB  1 
ATOM   469  N  N   . GLU A 1 68  ? -17.596 7.656   -4.485  1.00 17.01 ? 158  GLU A N   1 
ATOM   470  C  CA  . GLU A 1 68  ? -17.544 8.491   -3.286  1.00 17.46 ? 158  GLU A CA  1 
ATOM   471  C  C   . GLU A 1 68  ? -16.103 8.872   -2.910  1.00 16.52 ? 158  GLU A C   1 
ATOM   472  O  O   . GLU A 1 68  ? -15.856 9.981   -2.432  1.00 16.82 ? 158  GLU A O   1 
ATOM   473  C  CB  . GLU A 1 68  ? -18.223 7.788   -2.099  1.00 18.50 ? 158  GLU A CB  1 
ATOM   474  C  CG  . GLU A 1 68  ? -19.742 7.846   -2.135  1.00 23.97 ? 158  GLU A CG  1 
ATOM   475  C  CD  . GLU A 1 68  ? -20.391 6.993   -1.044  1.00 31.72 ? 158  GLU A CD  1 
ATOM   476  O  OE1 . GLU A 1 68  ? -19.737 6.080   -0.490  1.00 36.75 ? 158  GLU A OE1 1 
ATOM   477  O  OE2 . GLU A 1 68  ? -21.574 7.236   -0.716  1.00 38.33 ? 158  GLU A OE2 1 
ATOM   478  N  N   . PHE A 1 69  ? -15.154 7.946   -3.109  1.00 15.50 ? 159  PHE A N   1 
ATOM   479  C  CA  . PHE A 1 69  ? -13.743 8.269   -2.833  1.00 14.40 ? 159  PHE A CA  1 
ATOM   480  C  C   . PHE A 1 69  ? -13.259 9.352   -3.808  1.00 14.53 ? 159  PHE A C   1 
ATOM   481  O  O   . PHE A 1 69  ? -12.598 10.313  -3.405  1.00 14.00 ? 159  PHE A O   1 
ATOM   482  C  CB  . PHE A 1 69  ? -12.814 7.048   -2.885  1.00 14.19 ? 159  PHE A CB  1 
ATOM   483  C  CG  . PHE A 1 69  ? -11.393 7.343   -2.426  1.00 13.84 ? 159  PHE A CG  1 
ATOM   484  C  CD1 . PHE A 1 69  ? -10.439 7.928   -3.283  1.00 15.41 ? 159  PHE A CD1 1 
ATOM   485  C  CD2 . PHE A 1 69  ? -11.011 7.092   -1.131  1.00 14.55 ? 159  PHE A CD2 1 
ATOM   486  C  CE1 . PHE A 1 69  ? -9.162  8.218   -2.824  1.00 13.45 ? 159  PHE A CE1 1 
ATOM   487  C  CE2 . PHE A 1 69  ? -9.737  7.407   -0.682  1.00 13.60 ? 159  PHE A CE2 1 
ATOM   488  C  CZ  . PHE A 1 69  ? -8.827  7.974   -1.527  1.00 12.69 ? 159  PHE A CZ  1 
ATOM   489  N  N   . LYS A 1 70  ? -13.542 9.157   -5.087  1.00 15.38 ? 160  LYS A N   1 
ATOM   490  C  CA  . LYS A 1 70  ? -13.133 10.180  -6.075  1.00 15.42 ? 160  LYS A CA  1 
ATOM   491  C  C   . LYS A 1 70  ? -13.765 11.560  -5.722  1.00 16.35 ? 160  LYS A C   1 
ATOM   492  O  O   . LYS A 1 70  ? -13.061 12.600  -5.759  1.00 16.29 ? 160  LYS A O   1 
ATOM   493  C  CB  . LYS A 1 70  ? -13.489 9.739   -7.497  1.00 15.27 ? 160  LYS A CB  1 
ATOM   494  C  CG  . LYS A 1 70  ? -13.287 10.816  -8.584  1.00 15.32 ? 160  LYS A CG  1 
ATOM   495  C  CD  . LYS A 1 70  ? -11.861 11.223  -8.765  1.00 14.63 ? 160  LYS A CD  1 
ATOM   496  C  CE  . LYS A 1 70  ? -11.731 12.215  -9.946  1.00 16.79 ? 160  LYS A CE  1 
ATOM   497  N  NZ  . LYS A 1 70  ? -10.313 12.706  -10.160 1.00 16.62 ? 160  LYS A NZ  1 
ATOM   498  N  N   . ALA A 1 71  ? -15.045 11.559  -5.345  1.00 16.23 ? 161  ALA A N   1 
ATOM   499  C  CA  . ALA A 1 71  ? -15.753 12.814  -4.965  1.00 17.54 ? 161  ALA A CA  1 
ATOM   500  C  C   . ALA A 1 71  ? -15.166 13.529  -3.731  1.00 17.57 ? 161  ALA A C   1 
ATOM   501  O  O   . ALA A 1 71  ? -15.182 14.771  -3.638  1.00 18.32 ? 161  ALA A O   1 
ATOM   502  C  CB  . ALA A 1 71  ? -17.258 12.574  -4.754  1.00 17.80 ? 161  ALA A CB  1 
ATOM   503  N  N   . SER A 1 72  ? -14.569 12.751  -2.823  1.00 16.55 ? 162  SER A N   1 
ATOM   504  C  CA  . SER A 1 72  ? -14.011 13.278  -1.577  1.00 17.37 ? 162  SER A CA  1 
ATOM   505  C  C   . SER A 1 72  ? -12.725 14.087  -1.782  1.00 17.04 ? 162  SER A C   1 
ATOM   506  O  O   . SER A 1 72  ? -12.272 14.771  -0.873  1.00 18.16 ? 162  SER A O   1 
ATOM   507  C  CB  . SER A 1 72  ? -13.724 12.144  -0.593  1.00 17.52 ? 162  SER A CB  1 
ATOM   508  O  OG  . SER A 1 72  ? -12.509 11.482  -0.938  1.00 16.89 ? 162  SER A OG  1 
ATOM   509  N  N   . GLU A 1 73  ? -12.097 13.916  -2.937  1.00 17.17 ? 163  GLU A N   1 
ATOM   510  C  CA  . GLU A 1 73  ? -10.842 14.581  -3.308  1.00 17.82 ? 163  GLU A CA  1 
ATOM   511  C  C   . GLU A 1 73  ? -9.620  14.135  -2.517  1.00 17.18 ? 163  GLU A C   1 
ATOM   512  O  O   . GLU A 1 73  ? -8.600  14.795  -2.521  1.00 17.23 ? 163  GLU A O   1 
ATOM   513  C  CB  . GLU A 1 73  ? -10.986 16.110  -3.324  1.00 18.96 ? 163  GLU A CB  1 
ATOM   514  C  CG  . GLU A 1 73  ? -11.875 16.574  -4.458  1.00 23.04 ? 163  GLU A CG  1 
ATOM   515  C  CD  . GLU A 1 73  ? -11.870 18.104  -4.570  1.00 29.14 ? 163  GLU A CD  1 
ATOM   516  O  OE1 . GLU A 1 73  ? -12.532 18.745  -3.747  1.00 33.32 ? 163  GLU A OE1 1 
ATOM   517  O  OE2 . GLU A 1 73  ? -11.155 18.651  -5.444  1.00 35.53 ? 163  GLU A OE2 1 
ATOM   518  N  N   . ALA A 1 74  ? -9.721  12.982  -1.858  1.00 16.50 ? 164  ALA A N   1 
ATOM   519  C  CA  . ALA A 1 74  ? -8.590  12.441  -1.090  1.00 15.51 ? 164  ALA A CA  1 
ATOM   520  C  C   . ALA A 1 74  ? -7.531  11.815  -2.007  1.00 14.30 ? 164  ALA A C   1 
ATOM   521  O  O   . ALA A 1 74  ? -7.803  11.432  -3.137  1.00 14.81 ? 164  ALA A O   1 
ATOM   522  C  CB  . ALA A 1 74  ? -9.065  11.411  -0.070  1.00 15.20 ? 164  ALA A CB  1 
ATOM   523  N  N   . ASN A 1 75  ? -6.309  11.733  -1.497  1.00 13.21 ? 165  ASN A N   1 
ATOM   524  C  CA  . ASN A 1 75  ? -5.195  11.160  -2.233  1.00 13.63 ? 165  ASN A CA  1 
ATOM   525  C  C   . ASN A 1 75  ? -4.924  9.713   -1.775  1.00 13.12 ? 165  ASN A C   1 
ATOM   526  O  O   . ASN A 1 75  ? -5.480  9.311   -0.741  1.00 13.52 ? 165  ASN A O   1 
ATOM   527  C  CB  . ASN A 1 75  ? -3.911  11.962  -2.021  1.00 14.19 ? 165  ASN A CB  1 
ATOM   528  C  CG  . ASN A 1 75  ? -4.057  13.432  -2.413  1.00 16.03 ? 165  ASN A CG  1 
ATOM   529  O  OD1 . ASN A 1 75  ? -4.734  13.789  -3.391  1.00 17.26 ? 165  ASN A OD1 1 
ATOM   530  N  ND2 . ASN A 1 75  ? -3.455  14.306  -1.601  1.00 17.16 ? 165  ASN A ND2 1 
ATOM   531  N  N   . LEU A 1 76  ? -4.126  8.991   -2.539  1.00 13.82 ? 166  LEU A N   1 
ATOM   532  C  CA  . LEU A 1 76  ? -3.740  7.591   -2.159  1.00 14.06 ? 166  LEU A CA  1 
ATOM   533  C  C   . LEU A 1 76  ? -2.238  7.509   -2.032  1.00 15.09 ? 166  LEU A C   1 
ATOM   534  O  O   . LEU A 1 76  ? -1.470  7.890   -2.973  1.00 16.15 ? 166  LEU A O   1 
ATOM   535  C  CB  . LEU A 1 76  ? -4.231  6.564   -3.175  1.00 14.36 ? 166  LEU A CB  1 
ATOM   536  C  CG  . LEU A 1 76  ? -5.708  6.194   -3.138  1.00 14.45 ? 166  LEU A CG  1 
ATOM   537  C  CD1 . LEU A 1 76  ? -6.043  5.290   -4.325  1.00 14.04 ? 166  LEU A CD1 1 
ATOM   538  C  CD2 . LEU A 1 76  ? -6.103  5.547   -1.805  1.00 15.83 ? 166  LEU A CD2 1 
ATOM   539  N  N   . GLN A 1 77  ? -1.810  6.931   -0.918  1.00 14.10 ? 167  GLN A N   1 
ATOM   540  C  CA  . GLN A 1 77  ? -0.388  6.765   -0.618  1.00 14.17 ? 167  GLN A CA  1 
ATOM   541  C  C   . GLN A 1 77  ? -0.012  5.308   -0.391  1.00 14.07 ? 167  GLN A C   1 
ATOM   542  O  O   . GLN A 1 77  ? -0.458  4.716   0.587   1.00 13.14 ? 167  GLN A O   1 
ATOM   543  C  CB  . GLN A 1 77  ? 0.007   7.567   0.630   1.00 14.59 ? 167  GLN A CB  1 
ATOM   544  C  CG  . GLN A 1 77  ? 1.470   7.362   1.058   1.00 16.69 ? 167  GLN A CG  1 
ATOM   545  C  CD  . GLN A 1 77  ? 1.880   8.210   2.249   1.00 17.74 ? 167  GLN A CD  1 
ATOM   546  O  OE1 . GLN A 1 77  ? 1.060   8.576   3.102   1.00 19.18 ? 167  GLN A OE1 1 
ATOM   547  N  NE2 . GLN A 1 77  ? 3.167   8.510   2.316   1.00 22.20 ? 167  GLN A NE2 1 
ATOM   548  N  N   . ILE A 1 78  ? 0.755   4.754   -1.313  1.00 14.56 ? 168  ILE A N   1 
ATOM   549  C  CA  . ILE A 1 78  ? 1.435   3.450   -1.108  1.00 14.37 ? 168  ILE A CA  1 
ATOM   550  C  C   . ILE A 1 78  ? 2.591   3.777   -0.152  1.00 14.25 ? 168  ILE A C   1 
ATOM   551  O  O   . ILE A 1 78  ? 3.308   4.734   -0.369  1.00 13.81 ? 168  ILE A O   1 
ATOM   552  C  CB  . ILE A 1 78  ? 1.943   2.815   -2.427  1.00 13.39 ? 168  ILE A CB  1 
ATOM   553  C  CG1 . ILE A 1 78  ? 0.773   2.414   -3.332  1.00 14.90 ? 168  ILE A CG1 1 
ATOM   554  C  CG2 . ILE A 1 78  ? 2.852   1.613   -2.139  1.00 14.88 ? 168  ILE A CG2 1 
ATOM   555  C  CD1 . ILE A 1 78  ? 1.176   2.083   -4.743  1.00 16.65 ? 168  ILE A CD1 1 
ATOM   556  N  N   . PHE A 1 79  ? 2.843   2.925   0.832   1.00 13.82 ? 169  PHE A N   1 
ATOM   557  C  CA  . PHE A 1 79  ? 3.934   3.132   1.790   1.00 13.77 ? 169  PHE A CA  1 
ATOM   558  C  C   . PHE A 1 79  ? 4.513   1.806   2.263   1.00 13.12 ? 169  PHE A C   1 
ATOM   559  O  O   . PHE A 1 79  ? 3.908   0.771   2.073   1.00 12.91 ? 169  PHE A O   1 
ATOM   560  C  CB  . PHE A 1 79  ? 3.448   3.968   2.992   1.00 14.74 ? 169  PHE A CB  1 
ATOM   561  C  CG  . PHE A 1 79  ? 2.388   3.291   3.829   1.00 12.83 ? 169  PHE A CG  1 
ATOM   562  C  CD1 . PHE A 1 79  ? 1.059   3.231   3.416   1.00 12.73 ? 169  PHE A CD1 1 
ATOM   563  C  CD2 . PHE A 1 79  ? 2.733   2.673   5.027   1.00 13.39 ? 169  PHE A CD2 1 
ATOM   564  C  CE1 . PHE A 1 79  ? 0.083   2.598   4.185   1.00 14.73 ? 169  PHE A CE1 1 
ATOM   565  C  CE2 . PHE A 1 79  ? 1.786   2.011   5.771   1.00 12.50 ? 169  PHE A CE2 1 
ATOM   566  C  CZ  . PHE A 1 79  ? 0.441   1.984   5.368   1.00 13.46 ? 169  PHE A CZ  1 
ATOM   567  N  N   . ALA A 1 80  ? 5.671   1.859   2.913   1.00 13.00 ? 170  ALA A N   1 
ATOM   568  C  CA  . ALA A 1 80  ? 6.299   0.700   3.515   1.00 12.85 ? 170  ALA A CA  1 
ATOM   569  C  C   . ALA A 1 80  ? 7.032   1.183   4.774   1.00 14.03 ? 170  ALA A C   1 
ATOM   570  O  O   . ALA A 1 80  ? 7.488   2.315   4.830   1.00 14.51 ? 170  ALA A O   1 
ATOM   571  C  CB  . ALA A 1 80  ? 7.256   0.035   2.536   1.00 13.27 ? 170  ALA A CB  1 
ATOM   572  N  N   . GLN A 1 81  ? 7.110   0.352   5.798   1.00 13.16 ? 171  GLN A N   1 
ATOM   573  C  CA  . GLN A 1 81  ? 7.801   0.745   7.055   1.00 13.48 ? 171  GLN A CA  1 
ATOM   574  C  C   . GLN A 1 81  ? 8.248   -0.517  7.808   1.00 14.25 ? 171  GLN A C   1 
ATOM   575  O  O   . GLN A 1 81  ? 7.697   -1.613  7.647   1.00 14.82 ? 171  GLN A O   1 
ATOM   576  C  CB  . GLN A 1 81  ? 6.875   1.611   7.971   1.00 13.77 ? 171  GLN A CB  1 
ATOM   577  C  CG  . GLN A 1 81  ? 5.572   0.897   8.343   1.00 14.83 ? 171  GLN A CG  1 
ATOM   578  C  CD  . GLN A 1 81  ? 4.457   1.764   8.970   1.00 14.79 ? 171  GLN A CD  1 
ATOM   579  O  OE1 . GLN A 1 81  ? 3.277   1.442   8.786   1.00 14.85 ? 171  GLN A OE1 1 
ATOM   580  N  NE2 . GLN A 1 81  ? 4.824   2.778   9.792   1.00 14.79 ? 171  GLN A NE2 1 
ATOM   581  N  N   . LEU A 1 82  ? 9.235   -0.333  8.652   1.00 15.72 ? 172  LEU A N   1 
ATOM   582  C  CA  . LEU A 1 82  ? 9.758   -1.412  9.489   1.00 16.79 ? 172  LEU A CA  1 
ATOM   583  C  C   . LEU A 1 82  ? 8.781   -1.743  10.613  1.00 17.74 ? 172  LEU A C   1 
ATOM   584  O  O   . LEU A 1 82  ? 8.380   -0.861  11.338  1.00 18.87 ? 172  LEU A O   1 
ATOM   585  C  CB  . LEU A 1 82  ? 11.109  -0.981  10.062  1.00 16.55 ? 172  LEU A CB  1 
ATOM   586  C  CG  . LEU A 1 82  ? 12.196  -0.687  9.029   1.00 18.54 ? 172  LEU A CG  1 
ATOM   587  C  CD1 . LEU A 1 82  ? 13.498  -0.267  9.755   1.00 21.59 ? 172  LEU A CD1 1 
ATOM   588  C  CD2 . LEU A 1 82  ? 12.475  -1.881  8.127   1.00 19.99 ? 172  LEU A CD2 1 
ATOM   589  N  N   . LYS A 1 83  ? 8.362   -2.993  10.706  1.00 20.34 ? 173  LYS A N   1 
ATOM   590  C  CA  . LYS A 1 83  ? 7.375   -3.410  11.710  1.00 23.32 ? 173  LYS A CA  1 
ATOM   591  C  C   . LYS A 1 83  ? 7.974   -3.302  13.072  1.00 26.20 ? 173  LYS A C   1 
ATOM   592  O  O   . LYS A 1 83  ? 9.071   -3.788  13.327  1.00 26.91 ? 173  LYS A O   1 
ATOM   593  C  CB  . LYS A 1 83  ? 6.901   -4.831  11.527  1.00 23.58 ? 173  LYS A CB  1 
ATOM   594  C  CG  . LYS A 1 83  ? 5.789   -5.001  10.628  1.00 23.74 ? 173  LYS A CG  1 
ATOM   595  C  CD  . LYS A 1 83  ? 5.070   -6.340  10.889  1.00 25.88 ? 173  LYS A CD  1 
ATOM   596  C  CE  . LYS A 1 83  ? 3.783   -6.223  11.655  1.00 25.29 ? 173  LYS A CE  1 
ATOM   597  N  NZ  . LYS A 1 83  ? 3.133   -7.542  11.769  1.00 25.28 ? 173  LYS A NZ  1 
ATOM   598  N  N   . GLU A 1 84  ? 7.256   -2.614  13.935  1.00 28.41 ? 174  GLU A N   1 
ATOM   599  C  CA  . GLU A 1 84  ? 7.700   -2.314  15.292  1.00 30.14 ? 174  GLU A CA  1 
ATOM   600  C  C   . GLU A 1 84  ? 8.787   -1.221  15.399  1.00 29.70 ? 174  GLU A C   1 
ATOM   601  O  O   . GLU A 1 84  ? 9.290   -0.986  16.489  1.00 31.12 ? 174  GLU A O   1 
ATOM   602  C  CB  . GLU A 1 84  ? 8.135   -3.594  16.007  1.00 31.54 ? 174  GLU A CB  1 
ATOM   603  C  CG  . GLU A 1 84  ? 7.417   -3.817  17.301  1.00 36.90 ? 174  GLU A CG  1 
ATOM   604  C  CD  . GLU A 1 84  ? 5.941   -4.072  17.074  1.00 42.69 ? 174  GLU A CD  1 
ATOM   605  O  OE1 . GLU A 1 84  ? 5.595   -5.128  16.501  1.00 46.84 ? 174  GLU A OE1 1 
ATOM   606  O  OE2 . GLU A 1 84  ? 5.139   -3.180  17.428  1.00 46.34 ? 174  GLU A OE2 1 
ATOM   607  N  N   . ASP A 1 85  ? 9.186   -0.611  14.280  1.00 28.24 ? 175  ASP A N   1 
ATOM   608  C  CA  . ASP A 1 85  ? 10.063  0.590   14.266  1.00 26.70 ? 175  ASP A CA  1 
ATOM   609  C  C   . ASP A 1 85  ? 9.421   1.522   13.246  1.00 24.31 ? 175  ASP A C   1 
ATOM   610  O  O   . ASP A 1 85  ? 10.038  1.961   12.275  1.00 22.90 ? 175  ASP A O   1 
ATOM   611  C  CB  . ASP A 1 85  ? 11.536  0.275   13.912  1.00 28.06 ? 175  ASP A CB  1 
ATOM   612  C  CG  . ASP A 1 85  ? 12.519  1.395   14.343  1.00 30.97 ? 175  ASP A CG  1 
ATOM   613  O  OD1 . ASP A 1 85  ? 12.115  2.470   14.855  1.00 33.46 ? 175  ASP A OD1 1 
ATOM   614  O  OD2 . ASP A 1 85  ? 13.750  1.308   14.173  1.00 38.65 ? 175  ASP A OD2 1 
ATOM   615  N  N   . TRP A 1 86  ? 8.166   1.843   13.551  1.00 22.06 ? 176  TRP A N   1 
ATOM   616  C  CA  . TRP A 1 86  ? 7.216   2.464   12.609  1.00 20.55 ? 176  TRP A CA  1 
ATOM   617  C  C   . TRP A 1 86  ? 7.586   3.742   11.857  1.00 19.92 ? 176  TRP A C   1 
ATOM   618  O  O   . TRP A 1 86  ? 7.173   3.903   10.731  1.00 18.64 ? 176  TRP A O   1 
ATOM   619  C  CB  . TRP A 1 86  ? 5.877   2.678   13.303  1.00 20.55 ? 176  TRP A CB  1 
ATOM   620  C  CG  . TRP A 1 86  ? 5.337   1.484   14.063  1.00 18.98 ? 176  TRP A CG  1 
ATOM   621  C  CD1 . TRP A 1 86  ? 5.232   1.363   15.409  1.00 18.26 ? 176  TRP A CD1 1 
ATOM   622  C  CD2 . TRP A 1 86  ? 4.806   0.276   13.510  1.00 17.06 ? 176  TRP A CD2 1 
ATOM   623  N  NE1 . TRP A 1 86  ? 4.627   0.175   15.742  1.00 20.66 ? 176  TRP A NE1 1 
ATOM   624  C  CE2 . TRP A 1 86  ? 4.378   -0.528  14.593  1.00 19.11 ? 176  TRP A CE2 1 
ATOM   625  C  CE3 . TRP A 1 86  ? 4.645   -0.211  12.209  1.00 16.00 ? 176  TRP A CE3 1 
ATOM   626  C  CZ2 . TRP A 1 86  ? 3.802   -1.788  14.416  1.00 18.92 ? 176  TRP A CZ2 1 
ATOM   627  C  CZ3 . TRP A 1 86  ? 4.074   -1.446  12.035  1.00 16.44 ? 176  TRP A CZ3 1 
ATOM   628  C  CH2 . TRP A 1 86  ? 3.663   -2.230  13.132  1.00 17.80 ? 176  TRP A CH2 1 
ATOM   629  N  N   . SER A 1 87  ? 8.384   4.617   12.457  1.00 19.59 ? 177  SER A N   1 
ATOM   630  C  CA  . SER A 1 87  ? 8.773   5.900   11.807  1.00 19.96 ? 177  SER A CA  1 
ATOM   631  C  C   . SER A 1 87  ? 9.767   5.757   10.636  1.00 19.62 ? 177  SER A C   1 
ATOM   632  O  O   . SER A 1 87  ? 9.865   6.654   9.792   1.00 20.00 ? 177  SER A O   1 
ATOM   633  C  CB  . SER A 1 87  ? 9.389   6.858   12.814  1.00 21.26 ? 177  SER A CB  1 
ATOM   634  O  OG  . SER A 1 87  ? 10.720  6.462   13.028  1.00 23.69 ? 177  SER A OG  1 
ATOM   635  N  N   . LYS A 1 88  ? 10.460  4.639   10.622  1.00 19.43 ? 178  LYS A N   1 
ATOM   636  C  CA  . LYS A 1 88  ? 11.426  4.333   9.597   1.00 19.66 ? 178  LYS A CA  1 
ATOM   637  C  C   . LYS A 1 88  ? 10.693  3.707   8.404   1.00 18.77 ? 178  LYS A C   1 
ATOM   638  O  O   . LYS A 1 88  ? 10.232  2.558   8.483   1.00 18.94 ? 178  LYS A O   1 
ATOM   639  C  CB  . LYS A 1 88  ? 12.473  3.368   10.162  1.00 20.53 ? 178  LYS A CB  1 
ATOM   640  C  CG  . LYS A 1 88  ? 13.144  3.803   11.488  1.00 22.10 ? 178  LYS A CG  1 
ATOM   641  C  CD  . LYS A 1 88  ? 13.777  5.190   11.395  1.00 22.94 ? 178  LYS A CD  1 
ATOM   642  C  CE  . LYS A 1 88  ? 14.340  5.688   12.738  1.00 22.64 ? 178  LYS A CE  1 
ATOM   643  N  NZ  . LYS A 1 88  ? 15.330  4.743   13.302  1.00 23.50 ? 178  LYS A NZ  1 
ATOM   644  N  N   . GLY A 1 89  ? 10.588  4.466   7.330   1.00 18.90 ? 179  GLY A N   1 
ATOM   645  C  CA  . GLY A 1 89  ? 9.847   4.010   6.154   1.00 18.80 ? 179  GLY A CA  1 
ATOM   646  C  C   . GLY A 1 89  ? 10.042  4.761   4.870   1.00 19.45 ? 179  GLY A C   1 
ATOM   647  O  O   . GLY A 1 89  ? 10.935  5.593   4.738   1.00 18.28 ? 179  GLY A O   1 
ATOM   648  N  N   . GLU A 1 90  ? 9.202   4.391   3.909   1.00 19.32 ? 180  GLU A N   1 
ATOM   649  C  CA  . GLU A 1 90  ? 9.159   5.012   2.582   1.00 19.17 ? 180  GLU A CA  1 
ATOM   650  C  C   . GLU A 1 90  ? 7.855   5.810   2.552   1.00 19.55 ? 180  GLU A C   1 
ATOM   651  O  O   . GLU A 1 90  ? 6.770   5.248   2.443   1.00 17.53 ? 180  GLU A O   1 
ATOM   652  C  CB  . GLU A 1 90  ? 9.157   3.986   1.431   1.00 19.71 ? 180  GLU A CB  1 
ATOM   653  C  CG  . GLU A 1 90  ? 9.061   4.629   0.034   1.00 20.64 ? 180  GLU A CG  1 
ATOM   654  C  CD  . GLU A 1 90  ? 10.120  5.707   -0.213  1.00 22.86 ? 180  GLU A CD  1 
ATOM   655  O  OE1 . GLU A 1 90  ? 11.311  5.363   -0.340  1.00 20.97 ? 180  GLU A OE1 1 
ATOM   656  O  OE2 . GLU A 1 90  ? 9.760   6.911   -0.251  1.00 24.90 ? 180  GLU A OE2 1 
ATOM   657  N  N   . TRP A 1 91  ? 7.996   7.128   2.615   1.00 19.41 ? 181  TRP A N   1 
ATOM   658  C  CA  . TRP A 1 91  ? 6.875   8.065   2.725   1.00 20.14 ? 181  TRP A CA  1 
ATOM   659  C  C   . TRP A 1 91  ? 6.736   9.030   1.525   1.00 20.38 ? 181  TRP A C   1 
ATOM   660  O  O   . TRP A 1 91  ? 5.918   9.940   1.559   1.00 20.41 ? 181  TRP A O   1 
ATOM   661  C  CB  . TRP A 1 91  ? 7.120   8.902   4.006   1.00 20.58 ? 181  TRP A CB  1 
ATOM   662  C  CG  . TRP A 1 91  ? 7.307   8.024   5.223   1.00 21.10 ? 181  TRP A CG  1 
ATOM   663  C  CD1 . TRP A 1 91  ? 8.444   7.837   5.968   1.00 21.30 ? 181  TRP A CD1 1 
ATOM   664  C  CD2 . TRP A 1 91  ? 6.308   7.202   5.811   1.00 20.05 ? 181  TRP A CD2 1 
ATOM   665  N  NE1 . TRP A 1 91  ? 8.196   6.945   6.986   1.00 19.91 ? 181  TRP A NE1 1 
ATOM   666  C  CE2 . TRP A 1 91  ? 6.893   6.546   6.917   1.00 21.35 ? 181  TRP A CE2 1 
ATOM   667  C  CE3 . TRP A 1 91  ? 4.946   6.988   5.538   1.00 20.91 ? 181  TRP A CE3 1 
ATOM   668  C  CZ2 . TRP A 1 91  ? 6.171   5.667   7.735   1.00 20.95 ? 181  TRP A CZ2 1 
ATOM   669  C  CZ3 . TRP A 1 91  ? 4.232   6.117   6.355   1.00 19.18 ? 181  TRP A CZ3 1 
ATOM   670  C  CH2 . TRP A 1 91  ? 4.851   5.463   7.426   1.00 22.04 ? 181  TRP A CH2 1 
ATOM   671  N  N   . ASP A 1 92  ? 7.495   8.814   0.469   1.00 20.87 ? 182  ASP A N   1 
ATOM   672  C  CA  . ASP A 1 92  ? 7.530   9.786   -0.661  1.00 22.05 ? 182  ASP A CA  1 
ATOM   673  C  C   . ASP A 1 92  ? 6.654   9.452   -1.895  1.00 21.49 ? 182  ASP A C   1 
ATOM   674  O  O   . ASP A 1 92  ? 6.706   10.176  -2.918  1.00 22.53 ? 182  ASP A O   1 
ATOM   675  C  CB  . ASP A 1 92  ? 8.988   10.039  -1.103  1.00 23.64 ? 182  ASP A CB  1 
ATOM   676  C  CG  . ASP A 1 92  ? 9.859   10.648  0.009   1.00 28.13 ? 182  ASP A CG  1 
ATOM   677  O  OD1 . ASP A 1 92  ? 9.354   11.404  0.880   1.00 34.75 ? 182  ASP A OD1 1 
ATOM   678  O  OD2 . ASP A 1 92  ? 11.084  10.392  0.089   1.00 35.54 ? 182  ASP A OD2 1 
ATOM   679  N  N   . CYS A 1 93  ? 5.837   8.410   -1.797  1.00 19.91 ? 183  CYS A N   1 
ATOM   680  C  CA  . CYS A 1 93  ? 4.955   8.016   -2.892  1.00 19.25 ? 183  CYS A CA  1 
ATOM   681  C  C   . CYS A 1 93  ? 3.583   8.625   -2.671  1.00 18.96 ? 183  CYS A C   1 
ATOM   682  O  O   . CYS A 1 93  ? 3.104   8.671   -1.544  1.00 20.02 ? 183  CYS A O   1 
ATOM   683  C  CB  . CYS A 1 93  ? 4.851   6.500   -2.978  1.00 19.76 ? 183  CYS A CB  1 
ATOM   684  S  SG  . CYS A 1 93  ? 6.434   5.699   -3.343  1.00 19.23 ? 183  CYS A SG  1 
ATOM   685  N  N   . LEU A 1 94  ? 2.981   9.129   -3.739  1.00 19.09 ? 184  LEU A N   1 
ATOM   686  C  CA  . LEU A 1 94  ? 1.625   9.683   -3.661  1.00 19.18 ? 184  LEU A CA  1 
ATOM   687  C  C   . LEU A 1 94  ? 0.968   9.711   -5.016  1.00 18.96 ? 184  LEU A C   1 
ATOM   688  O  O   . LEU A 1 94  ? 1.623   10.004  -6.023  1.00 19.08 ? 184  LEU A O   1 
ATOM   689  C  CB  . LEU A 1 94  ? 1.635   11.103  -3.093  1.00 20.60 ? 184  LEU A CB  1 
ATOM   690  C  CG  . LEU A 1 94  ? 0.259   11.672  -2.741  1.00 22.40 ? 184  LEU A CG  1 
ATOM   691  C  CD1 . LEU A 1 94  ? -0.313  10.938  -1.543  1.00 23.50 ? 184  LEU A CD1 1 
ATOM   692  C  CD2 . LEU A 1 94  ? 0.384   13.145  -2.470  1.00 25.52 ? 184  LEU A CD2 1 
ATOM   693  N  N   . ALA A 1 95  ? -0.315  9.379   -5.023  1.00 16.79 ? 185  ALA A N   1 
ATOM   694  C  CA  . ALA A 1 95  ? -1.183  9.472   -6.187  1.00 16.99 ? 185  ALA A CA  1 
ATOM   695  C  C   . ALA A 1 95  ? -2.233  10.492  -5.810  1.00 16.86 ? 185  ALA A C   1 
ATOM   696  O  O   . ALA A 1 95  ? -3.091  10.264  -4.956  1.00 16.51 ? 185  ALA A O   1 
ATOM   697  C  CB  . ALA A 1 95  ? -1.826  8.139   -6.505  1.00 17.66 ? 185  ALA A CB  1 
ATOM   698  N  N   . GLY A 1 96  ? -2.212  11.649  -6.453  1.00 15.94 ? 186  GLY A N   1 
ATOM   699  C  CA  . GLY A 1 96  ? -3.195  12.620  -6.088  1.00 15.81 ? 186  GLY A CA  1 
ATOM   700  C  C   . GLY A 1 96  ? -4.559  12.421  -6.744  1.00 15.08 ? 186  GLY A C   1 
ATOM   701  O  O   . GLY A 1 96  ? -4.649  11.803  -7.783  1.00 15.10 ? 186  GLY A O   1 
ATOM   702  N  N   . SER A 1 97  ? -5.585  12.942  -6.098  1.00 15.36 ? 187  SER A N   1 
ATOM   703  C  CA  . SER A 1 97  ? -6.996  12.800  -6.517  1.00 16.41 ? 187  SER A CA  1 
ATOM   704  C  C   . SER A 1 97  ? -7.212  13.106  -8.010  1.00 17.99 ? 187  SER A C   1 
ATOM   705  O  O   . SER A 1 97  ? -7.943  12.389  -8.721  1.00 16.99 ? 187  SER A O   1 
ATOM   706  C  CB  . SER A 1 97  ? -7.928  13.661  -5.663  1.00 16.54 ? 187  SER A CB  1 
ATOM   707  O  OG  . SER A 1 97  ? -9.301  13.436  -6.037  1.00 18.06 ? 187  SER A OG  1 
ATOM   708  N  N   . SER A 1 98  ? -6.523  14.140  -8.473  1.00 18.84 ? 188  SER A N   1 
ATOM   709  C  CA  . SER A 1 98  ? -6.590  14.561  -9.903  1.00 20.91 ? 188  SER A CA  1 
ATOM   710  C  C   . SER A 1 98  ? -6.175  13.469  -10.910 1.00 21.36 ? 188  SER A C   1 
ATOM   711  O  O   . SER A 1 98  ? -6.668  13.437  -12.048 1.00 22.36 ? 188  SER A O   1 
ATOM   712  C  CB  . SER A 1 98  ? -5.777  15.845  -10.134 1.00 21.04 ? 188  SER A CB  1 
ATOM   713  O  OG  . SER A 1 98  ? -4.413  15.655  -9.857  1.00 24.10 ? 188  SER A OG  1 
ATOM   714  N  N   . GLU A 1 99  ? -5.346  12.539  -10.465 1.00 20.28 ? 189  GLU A N   1 
ATOM   715  C  CA  . GLU A 1 99  ? -4.878  11.454  -11.302 1.00 21.92 ? 189  GLU A CA  1 
ATOM   716  C  C   . GLU A 1 99  ? -5.678  10.174  -11.109 1.00 20.17 ? 189  GLU A C   1 
ATOM   717  O  O   . GLU A 1 99  ? -5.409  9.167   -11.767 1.00 20.76 ? 189  GLU A O   1 
ATOM   718  C  CB  . GLU A 1 99  ? -3.406  11.231  -11.039 1.00 23.49 ? 189  GLU A CB  1 
ATOM   719  C  CG  . GLU A 1 99  ? -2.617  12.554  -10.977 1.00 29.15 ? 189  GLU A CG  1 
ATOM   720  C  CD  . GLU A 1 99  ? -2.715  13.380  -12.249 1.00 35.25 ? 189  GLU A CD  1 
ATOM   721  O  OE1 . GLU A 1 99  ? -2.203  12.918  -13.294 1.00 42.44 ? 189  GLU A OE1 1 
ATOM   722  O  OE2 . GLU A 1 99  ? -3.299  14.488  -12.215 1.00 38.64 ? 189  GLU A OE2 1 
ATOM   723  N  N   . LEU A 1 100 ? -6.628  10.183  -10.200 1.00 18.22 ? 190  LEU A N   1 
ATOM   724  C  CA  . LEU A 1 100 ? -7.505  9.013   -10.002 1.00 17.08 ? 190  LEU A CA  1 
ATOM   725  C  C   . LEU A 1 100 ? -8.828  9.163   -10.756 1.00 18.28 ? 190  LEU A C   1 
ATOM   726  O  O   . LEU A 1 100 ? -9.262  10.267  -11.125 1.00 17.54 ? 190  LEU A O   1 
ATOM   727  C  CB  . LEU A 1 100 ? -7.777  8.836   -8.516  1.00 16.92 ? 190  LEU A CB  1 
ATOM   728  C  CG  . LEU A 1 100 ? -6.556  8.774   -7.559  1.00 15.80 ? 190  LEU A CG  1 
ATOM   729  C  CD1 . LEU A 1 100 ? -7.041  8.802   -6.096  1.00 15.98 ? 190  LEU A CD1 1 
ATOM   730  C  CD2 . LEU A 1 100 ? -5.721  7.564   -7.854  1.00 14.82 ? 190  LEU A CD2 1 
ATOM   731  N  N   . THR A 1 101 ? -9.499  8.030   -10.904 1.00 17.81 ? 191  THR A N   1 
ATOM   732  C  CA  . THR A 1 101 ? -10.834 7.945   -11.491 1.00 18.06 ? 191  THR A CA  1 
ATOM   733  C  C   . THR A 1 101 ? -11.558 6.754   -10.866 1.00 17.84 ? 191  THR A C   1 
ATOM   734  O  O   . THR A 1 101 ? -10.924 5.761   -10.459 1.00 16.44 ? 191  THR A O   1 
ATOM   735  C  CB  . THR A 1 101 ? -10.786 7.747   -13.027 1.00 18.75 ? 191  THR A CB  1 
ATOM   736  O  OG1 . THR A 1 101 ? -12.129 7.675   -13.553 1.00 20.29 ? 191  THR A OG1 1 
ATOM   737  C  CG2 . THR A 1 101 ? -10.147 6.440   -13.421 1.00 19.18 ? 191  THR A CG2 1 
ATOM   738  N  N   . ALA A 1 102 ? -12.868 6.868   -10.799 1.00 17.42 ? 192  ALA A N   1 
ATOM   739  C  CA  . ALA A 1 102 ? -13.697 5.738   -10.383 1.00 18.28 ? 192  ALA A CA  1 
ATOM   740  C  C   . ALA A 1 102 ? -14.183 4.920   -11.589 1.00 18.49 ? 192  ALA A C   1 
ATOM   741  O  O   . ALA A 1 102 ? -14.847 3.869   -11.410 1.00 19.08 ? 192  ALA A O   1 
ATOM   742  C  CB  . ALA A 1 102 ? -14.884 6.242   -9.606  1.00 19.12 ? 192  ALA A CB  1 
ATOM   743  N  N   . ASP A 1 103 ? -13.871 5.360   -12.798 1.00 18.16 ? 193  ASP A N   1 
ATOM   744  C  CA  . ASP A 1 103 ? -14.442 4.761   -14.020 1.00 19.01 ? 193  ASP A CA  1 
ATOM   745  C  C   . ASP A 1 103 ? -13.783 3.468   -14.516 1.00 19.02 ? 193  ASP A C   1 
ATOM   746  O  O   . ASP A 1 103 ? -14.399 2.699   -15.272 1.00 20.51 ? 193  ASP A O   1 
ATOM   747  C  CB  . ASP A 1 103 ? -14.369 5.763   -15.172 1.00 18.94 ? 193  ASP A CB  1 
ATOM   748  C  CG  . ASP A 1 103 ? -15.148 7.004   -14.919 1.00 21.23 ? 193  ASP A CG  1 
ATOM   749  O  OD1 . ASP A 1 103 ? -16.214 6.922   -14.274 1.00 24.39 ? 193  ASP A OD1 1 
ATOM   750  O  OD2 . ASP A 1 103 ? -14.797 8.117   -15.351 1.00 24.22 ? 193  ASP A OD2 1 
ATOM   751  N  N   . THR A 1 104 ? -12.498 3.290   -14.192 1.00 18.66 ? 194  THR A N   1 
ATOM   752  C  CA  . THR A 1 104 ? -11.724 2.113   -14.584 1.00 19.21 ? 194  THR A CA  1 
ATOM   753  C  C   . THR A 1 104 ? -10.761 1.744   -13.471 1.00 18.69 ? 194  THR A C   1 
ATOM   754  O  O   . THR A 1 104 ? -10.480 2.523   -12.558 1.00 18.30 ? 194  THR A O   1 
ATOM   755  C  CB  . THR A 1 104 ? -10.891 2.364   -15.881 1.00 20.06 ? 194  THR A CB  1 
ATOM   756  O  OG1 . THR A 1 104 ? -9.767  3.207   -15.598 1.00 20.22 ? 194  THR A OG1 1 
ATOM   757  C  CG2 . THR A 1 104 ? -11.659 3.098   -16.978 1.00 20.98 ? 194  THR A CG2 1 
ATOM   758  N  N   . ASP A 1 105 ? -10.258 0.525   -13.559 1.00 17.92 ? 195  ASP A N   1 
ATOM   759  C  CA  . ASP A 1 105 ? -9.134  0.108   -12.713 1.00 17.41 ? 195  ASP A CA  1 
ATOM   760  C  C   . ASP A 1 105 ? -7.894  0.944   -13.077 1.00 17.58 ? 195  ASP A C   1 
ATOM   761  O  O   . ASP A 1 105 ? -7.756  1.443   -14.213 1.00 18.11 ? 195  ASP A O   1 
ATOM   762  C  CB  . ASP A 1 105 ? -8.731  -1.357  -12.926 1.00 18.12 ? 195  ASP A CB  1 
ATOM   763  C  CG  . ASP A 1 105 ? -9.770  -2.345  -12.453 1.00 17.21 ? 195  ASP A CG  1 
ATOM   764  O  OD1 . ASP A 1 105 ? -10.717 -1.943  -11.742 1.00 19.95 ? 195  ASP A OD1 1 
ATOM   765  O  OD2 . ASP A 1 105 ? -9.724  -3.558  -12.767 1.00 19.73 ? 195  ASP A OD2 1 
ATOM   766  N  N   . LEU A 1 106 ? -6.984  1.066   -12.119 1.00 15.82 ? 196  LEU A N   1 
ATOM   767  C  CA  . LEU A 1 106 ? -5.721  1.809   -12.276 1.00 17.17 ? 196  LEU A CA  1 
ATOM   768  C  C   . LEU A 1 106 ? -4.552  1.043   -11.693 1.00 17.69 ? 196  LEU A C   1 
ATOM   769  O  O   . LEU A 1 106 ? -4.718  0.258   -10.753 1.00 16.62 ? 196  LEU A O   1 
ATOM   770  C  CB  . LEU A 1 106 ? -5.770  3.122   -11.501 1.00 17.86 ? 196  LEU A CB  1 
ATOM   771  C  CG  . LEU A 1 106 ? -6.861  4.102   -11.865 1.00 22.39 ? 196  LEU A CG  1 
ATOM   772  C  CD1 . LEU A 1 106 ? -7.084  5.075   -10.706 1.00 26.15 ? 196  LEU A CD1 1 
ATOM   773  C  CD2 . LEU A 1 106 ? -6.505  4.798   -13.188 1.00 26.17 ? 196  LEU A CD2 1 
ATOM   774  N  N   . THR A 1 107 ? -3.366  1.319   -12.224 1.00 17.92 ? 197  THR A N   1 
ATOM   775  C  CA  . THR A 1 107 ? -2.121  0.769   -11.687 1.00 18.09 ? 197  THR A CA  1 
ATOM   776  C  C   . THR A 1 107 ? -1.340  1.914   -11.060 1.00 18.56 ? 197  THR A C   1 
ATOM   777  O  O   . THR A 1 107 ? -0.970  2.910   -11.742 1.00 18.67 ? 197  THR A O   1 
ATOM   778  C  CB  . THR A 1 107 ? -1.260  0.087   -12.756 1.00 18.56 ? 197  THR A CB  1 
ATOM   779  O  OG1 . THR A 1 107 ? -1.963  -1.049  -13.286 1.00 19.57 ? 197  THR A OG1 1 
ATOM   780  C  CG2 . THR A 1 107 ? 0.000   -0.503  -12.158 1.00 19.22 ? 197  THR A CG2 1 
ATOM   781  N  N   . LEU A 1 108 ? -1.082  1.782   -9.767  1.00 18.09 ? 198  LEU A N   1 
ATOM   782  C  CA  . LEU A 1 108 ? -0.289  2.742   -9.010  1.00 17.87 ? 198  LEU A CA  1 
ATOM   783  C  C   . LEU A 1 108 ? 1.040   2.111   -8.623  1.00 18.83 ? 198  LEU A C   1 
ATOM   784  O  O   . LEU A 1 108 ? 1.097   0.947   -8.265  1.00 17.65 ? 198  LEU A O   1 
ATOM   785  C  CB  . LEU A 1 108 ? -1.025  3.169   -7.749  1.00 18.21 ? 198  LEU A CB  1 
ATOM   786  C  CG  . LEU A 1 108 ? -2.406  3.787   -7.978  1.00 19.21 ? 198  LEU A CG  1 
ATOM   787  C  CD1 . LEU A 1 108 ? -3.038  4.158   -6.665  1.00 22.22 ? 198  LEU A CD1 1 
ATOM   788  C  CD2 . LEU A 1 108 ? -2.349  5.008   -8.886  1.00 20.97 ? 198  LEU A CD2 1 
ATOM   789  N  N   . THR A 1 109 ? 2.111   2.888   -8.735  1.00 18.89 ? 199  THR A N   1 
ATOM   790  C  CA  . THR A 1 109 ? 3.446   2.379   -8.449  1.00 19.46 ? 199  THR A CA  1 
ATOM   791  C  C   . THR A 1 109 ? 4.202   3.232   -7.436  1.00 19.17 ? 199  THR A C   1 
ATOM   792  O  O   . THR A 1 109 ? 3.935   4.443   -7.253  1.00 19.62 ? 199  THR A O   1 
ATOM   793  C  CB  . THR A 1 109 ? 4.296   2.160   -9.719  1.00 20.27 ? 199  THR A CB  1 
ATOM   794  O  OG1 . THR A 1 109 ? 4.662   3.427   -10.277 1.00 23.24 ? 199  THR A OG1 1 
ATOM   795  C  CG2 . THR A 1 109 ? 3.565   1.435   -10.815 1.00 20.77 ? 199  THR A CG2 1 
ATOM   796  N  N   . CYS A 1 110 ? 5.161   2.579   -6.779  1.00 17.53 ? 200  CYS A N   1 
ATOM   797  C  CA  . CYS A 1 110 ? 5.954   3.201   -5.739  1.00 17.77 ? 200  CYS A CA  1 
ATOM   798  C  C   . CYS A 1 110 ? 7.324   2.583   -5.701  1.00 18.43 ? 200  CYS A C   1 
ATOM   799  O  O   . CYS A 1 110 ? 7.444   1.371   -5.561  1.00 18.50 ? 200  CYS A O   1 
ATOM   800  C  CB  . CYS A 1 110 ? 5.296   3.005   -4.366  1.00 18.53 ? 200  CYS A CB  1 
ATOM   801  S  SG  . CYS A 1 110 ? 6.203   3.718   -2.985  1.00 19.28 ? 200  CYS A SG  1 
ATOM   802  N  N   . THR A 1 111 ? 8.352   3.403   -5.870  1.00 18.15 ? 201  THR A N   1 
ATOM   803  C  CA  . THR A 1 111 ? 9.746   2.923   -5.773  1.00 19.09 ? 201  THR A CA  1 
ATOM   804  C  C   . THR A 1 111 ? 10.295  3.181   -4.359  1.00 18.78 ? 201  THR A C   1 
ATOM   805  O  O   . THR A 1 111 ? 10.259  4.310   -3.855  1.00 19.42 ? 201  THR A O   1 
ATOM   806  C  CB  . THR A 1 111 ? 10.665  3.600   -6.796  1.00 19.24 ? 201  THR A CB  1 
ATOM   807  O  OG1 . THR A 1 111 ? 10.267  3.243   -8.117  1.00 19.37 ? 201  THR A OG1 1 
ATOM   808  C  CG2 . THR A 1 111 ? 12.079  3.079   -6.714  1.00 21.45 ? 201  THR A CG2 1 
ATOM   809  N  N   . ILE A 1 112 ? 10.809  2.131   -3.735  1.00 18.57 ? 202  ILE A N   1 
ATOM   810  C  CA  . ILE A 1 112 ? 11.447  2.255   -2.419  1.00 18.96 ? 202  ILE A CA  1 
ATOM   811  C  C   . ILE A 1 112 ? 12.896  2.702   -2.640  1.00 19.71 ? 202  ILE A C   1 
ATOM   812  O  O   . ILE A 1 112 ? 13.658  2.030   -3.318  1.00 19.71 ? 202  ILE A O   1 
ATOM   813  C  CB  . ILE A 1 112 ? 11.418  0.908   -1.629  1.00 18.92 ? 202  ILE A CB  1 
ATOM   814  C  CG1 . ILE A 1 112 ? 9.973   0.495   -1.307  1.00 19.09 ? 202  ILE A CG1 1 
ATOM   815  C  CG2 . ILE A 1 112 ? 12.275  1.017   -0.367  1.00 19.18 ? 202  ILE A CG2 1 
ATOM   816  C  CD1 . ILE A 1 112 ? 9.807   -0.969  -0.759  1.00 21.90 ? 202  ILE A CD1 1 
ATOM   817  N  N   . ASP A 1 113 ? 13.264  3.840   -2.072  1.00 21.73 ? 203  ASP A N   1 
ATOM   818  C  CA  . ASP A 1 113 ? 14.621  4.384   -2.209  1.00 22.88 ? 203  ASP A CA  1 
ATOM   819  C  C   . ASP A 1 113 ? 14.949  5.313   -1.017  1.00 24.07 ? 203  ASP A C   1 
ATOM   820  O  O   . ASP A 1 113 ? 14.608  6.499   -1.033  1.00 24.91 ? 203  ASP A O   1 
ATOM   821  C  CB  . ASP A 1 113 ? 14.739  5.138   -3.530  1.00 24.12 ? 203  ASP A CB  1 
ATOM   822  C  CG  . ASP A 1 113 ? 16.141  5.699   -3.787  1.00 26.41 ? 203  ASP A CG  1 
ATOM   823  O  OD1 . ASP A 1 113 ? 17.116  5.322   -3.099  1.00 26.62 ? 203  ASP A OD1 1 
ATOM   824  O  OD2 . ASP A 1 113 ? 16.342  6.554   -4.679  1.00 31.62 ? 203  ASP A OD2 1 
ATOM   825  N  N   . GLU A 1 114 ? 15.584  4.743   0.001   1.00 23.67 ? 204  GLU A N   1 
ATOM   826  C  CA  . GLU A 1 114 ? 16.024  5.474   1.196   1.00 24.32 ? 204  GLU A CA  1 
ATOM   827  C  C   . GLU A 1 114 ? 17.546  5.646   1.180   1.00 25.30 ? 204  GLU A C   1 
ATOM   828  O  O   . GLU A 1 114 ? 18.298  4.723   0.877   1.00 24.08 ? 204  GLU A O   1 
ATOM   829  C  CB  . GLU A 1 114 ? 15.564  4.789   2.482   1.00 24.41 ? 204  GLU A CB  1 
ATOM   830  C  CG  . GLU A 1 114 ? 14.043  4.844   2.696   1.00 23.48 ? 204  GLU A CG  1 
ATOM   831  C  CD  . GLU A 1 114 ? 13.553  6.250   3.021   1.00 25.55 ? 204  GLU A CD  1 
ATOM   832  O  OE1 . GLU A 1 114 ? 13.833  6.752   4.126   1.00 24.79 ? 204  GLU A OE1 1 
ATOM   833  O  OE2 . GLU A 1 114 ? 12.904  6.866   2.149   1.00 26.39 ? 204  GLU A OE2 1 
ATOM   834  N  N   . ASP A 1 115 ? 17.987  6.854   1.512   1.00 27.31 ? 205  ASP A N   1 
ATOM   835  C  CA  . ASP A 1 115 ? 19.425  7.190   1.460   1.00 28.93 ? 205  ASP A CA  1 
ATOM   836  C  C   . ASP A 1 115 ? 20.290  6.336   2.409   1.00 28.85 ? 205  ASP A C   1 
ATOM   837  O  O   . ASP A 1 115 ? 21.415  5.983   2.057   1.00 29.95 ? 205  ASP A O   1 
ATOM   838  C  CB  . ASP A 1 115 ? 19.657  8.678   1.730   1.00 30.14 ? 205  ASP A CB  1 
ATOM   839  C  CG  . ASP A 1 115 ? 19.158  9.579   0.609   1.00 33.60 ? 205  ASP A CG  1 
ATOM   840  O  OD1 . ASP A 1 115 ? 19.047  9.148   -0.567  1.00 38.42 ? 205  ASP A OD1 1 
ATOM   841  O  OD2 . ASP A 1 115 ? 18.853  10.773  0.825   1.00 38.79 ? 205  ASP A OD2 1 
ATOM   842  N  N   . ASP A 1 116 ? 19.739  5.955   3.556   1.00 27.68 ? 206  ASP A N   1 
ATOM   843  C  CA  . ASP A 1 116 ? 20.427  5.094   4.552   1.00 27.13 ? 206  ASP A CA  1 
ATOM   844  C  C   . ASP A 1 116 ? 20.291  3.575   4.343   1.00 25.73 ? 206  ASP A C   1 
ATOM   845  O  O   . ASP A 1 116 ? 20.689  2.805   5.196   1.00 25.20 ? 206  ASP A O   1 
ATOM   846  C  CB  . ASP A 1 116 ? 20.033  5.462   5.991   1.00 27.95 ? 206  ASP A CB  1 
ATOM   847  C  CG  . ASP A 1 116 ? 18.583  5.127   6.333   1.00 29.65 ? 206  ASP A CG  1 
ATOM   848  O  OD1 . ASP A 1 116 ? 17.821  4.637   5.469   1.00 29.36 ? 206  ASP A OD1 1 
ATOM   849  O  OD2 . ASP A 1 116 ? 18.127  5.331   7.471   1.00 32.00 ? 206  ASP A OD2 1 
ATOM   850  N  N   . ASP A 1 117 ? 19.680  3.174   3.233   1.00 24.53 ? 207  ASP A N   1 
ATOM   851  C  CA  . ASP A 1 117 ? 19.451  1.739   2.893   1.00 23.60 ? 207  ASP A CA  1 
ATOM   852  C  C   . ASP A 1 117 ? 18.743  0.938   4.003   1.00 21.55 ? 207  ASP A C   1 
ATOM   853  O  O   . ASP A 1 117 ? 18.977  -0.261  4.167   1.00 20.87 ? 207  ASP A O   1 
ATOM   854  C  CB  . ASP A 1 117 ? 20.764  1.033   2.476   1.00 24.25 ? 207  ASP A CB  1 
ATOM   855  C  CG  . ASP A 1 117 ? 21.320  1.530   1.135   1.00 28.15 ? 207  ASP A CG  1 
ATOM   856  O  OD1 . ASP A 1 117 ? 20.617  2.211   0.337   1.00 29.45 ? 207  ASP A OD1 1 
ATOM   857  O  OD2 . ASP A 1 117 ? 22.495  1.257   0.791   1.00 34.26 ? 207  ASP A OD2 1 
ATOM   858  N  N   . LYS A 1 118 ? 17.846  1.607   4.735   1.00 19.81 ? 208  LYS A N   1 
ATOM   859  C  CA  . LYS A 1 118 ? 17.057  0.965   5.823   1.00 19.04 ? 208  LYS A CA  1 
ATOM   860  C  C   . LYS A 1 118 ? 16.256  -0.285  5.421   1.00 17.64 ? 208  LYS A C   1 
ATOM   861  O  O   . LYS A 1 118 ? 15.957  -1.112  6.272   1.00 17.70 ? 208  LYS A O   1 
ATOM   862  C  CB  . LYS A 1 118 ? 16.110  1.976   6.513   1.00 18.96 ? 208  LYS A CB  1 
ATOM   863  C  CG  . LYS A 1 118 ? 15.104  2.668   5.620   1.00 20.72 ? 208  LYS A CG  1 
ATOM   864  C  CD  . LYS A 1 118 ? 14.067  3.462   6.436   1.00 22.09 ? 208  LYS A CD  1 
ATOM   865  C  CE  . LYS A 1 118 ? 14.673  4.699   7.142   1.00 22.55 ? 208  LYS A CE  1 
ATOM   866  N  NZ  . LYS A 1 118 ? 15.292  5.687   6.200   1.00 21.86 ? 208  LYS A NZ  1 
ATOM   867  N  N   . PHE A 1 119 ? 15.917  -0.409  4.132   1.00 17.63 ? 209  PHE A N   1 
ATOM   868  C  CA  . PHE A 1 119 ? 15.098  -1.547  3.639   1.00 16.77 ? 209  PHE A CA  1 
ATOM   869  C  C   . PHE A 1 119 ? 15.909  -2.798  3.213   1.00 17.31 ? 209  PHE A C   1 
ATOM   870  O  O   . PHE A 1 119 ? 15.305  -3.821  2.807   1.00 16.25 ? 209  PHE A O   1 
ATOM   871  C  CB  . PHE A 1 119 ? 14.111  -1.120  2.563   1.00 16.93 ? 209  PHE A CB  1 
ATOM   872  C  CG  . PHE A 1 119 ? 12.930  -0.332  3.088   1.00 14.78 ? 209  PHE A CG  1 
ATOM   873  C  CD1 . PHE A 1 119 ? 11.850  -0.986  3.647   1.00 15.71 ? 209  PHE A CD1 1 
ATOM   874  C  CD2 . PHE A 1 119 ? 12.867  1.052   2.953   1.00 14.31 ? 209  PHE A CD2 1 
ATOM   875  C  CE1 . PHE A 1 119 ? 10.764  -0.291  4.128   1.00 15.07 ? 209  PHE A CE1 1 
ATOM   876  C  CE2 . PHE A 1 119 ? 11.777  1.757   3.446   1.00 13.34 ? 209  PHE A CE2 1 
ATOM   877  C  CZ  . PHE A 1 119 ? 10.724  1.104   4.017   1.00 16.40 ? 209  PHE A CZ  1 
ATOM   878  N  N   . ASN A 1 120 ? 17.247  -2.710  3.304   1.00 17.36 ? 210  ASN A N   1 
ATOM   879  C  CA  . ASN A 1 120 ? 18.142  -3.881  3.145   1.00 17.33 ? 210  ASN A CA  1 
ATOM   880  C  C   . ASN A 1 120 ? 18.594  -4.277  4.552   1.00 17.67 ? 210  ASN A C   1 
ATOM   881  O  O   . ASN A 1 120 ? 19.454  -3.622  5.110   1.00 17.55 ? 210  ASN A O   1 
ATOM   882  C  CB  . ASN A 1 120 ? 19.331  -3.585  2.219   1.00 17.86 ? 210  ASN A CB  1 
ATOM   883  C  CG  . ASN A 1 120 ? 18.905  -3.415  0.765   1.00 19.08 ? 210  ASN A CG  1 
ATOM   884  O  OD1 . ASN A 1 120 ? 17.710  -3.551  0.424   1.00 16.58 ? 210  ASN A OD1 1 
ATOM   885  N  ND2 . ASN A 1 120 ? 19.869  -3.087  -0.107  1.00 19.62 ? 210  ASN A ND2 1 
ATOM   886  N  N   . GLN A 1 121 ? 17.962  -5.314  5.112   1.00 17.27 ? 211  GLN A N   1 
ATOM   887  C  CA  . GLN A 1 121 ? 18.034  -5.637  6.550   1.00 18.39 ? 211  GLN A CA  1 
ATOM   888  C  C   . GLN A 1 121 ? 17.462  -6.998  6.863   1.00 18.42 ? 211  GLN A C   1 
ATOM   889  O  O   . GLN A 1 121 ? 16.687  -7.547  6.074   1.00 20.10 ? 211  GLN A O   1 
ATOM   890  C  CB  . GLN A 1 121 ? 17.304  -4.565  7.389   1.00 18.27 ? 211  GLN A CB  1 
ATOM   891  C  CG  . GLN A 1 121 ? 15.811  -4.369  7.070   1.00 19.09 ? 211  GLN A CG  1 
ATOM   892  C  CD  . GLN A 1 121 ? 14.895  -5.262  7.870   1.00 19.09 ? 211  GLN A CD  1 
ATOM   893  O  OE1 . GLN A 1 121 ? 15.006  -5.356  9.098   1.00 19.67 ? 211  GLN A OE1 1 
ATOM   894  N  NE2 . GLN A 1 121 ? 13.963  -5.930  7.170   1.00 18.79 ? 211  GLN A NE2 1 
ATOM   895  N  N   . THR A 1 122 ? 17.831  -7.525  8.036   1.00 20.00 ? 212  THR A N   1 
ATOM   896  C  CA  . THR A 1 122 ? 17.420  -8.885  8.464   1.00 20.33 ? 212  THR A CA  1 
ATOM   897  C  C   . THR A 1 122 ? 16.526  -8.997  9.697   1.00 21.16 ? 212  THR A C   1 
ATOM   898  O  O   . THR A 1 122 ? 15.858  -10.021 9.888   1.00 22.15 ? 212  THR A O   1 
ATOM   899  C  CB  . THR A 1 122 ? 18.666  -9.761  8.754   1.00 19.81 ? 212  THR A CB  1 
ATOM   900  O  OG1 . THR A 1 122 ? 19.473  -9.112  9.740   1.00 22.28 ? 212  THR A OG1 1 
ATOM   901  C  CG2 . THR A 1 122 ? 19.562  -9.908  7.524   1.00 20.76 ? 212  THR A CG2 1 
ATOM   902  N  N   . ALA A 1 123 ? 16.539  -7.967  10.521  1.00 20.90 ? 213  ALA A N   1 
ATOM   903  C  CA  . ALA A 1 123 ? 15.854  -7.970  11.824  1.00 21.45 ? 213  ALA A CA  1 
ATOM   904  C  C   . ALA A 1 123 ? 14.314  -7.972  11.826  1.00 21.50 ? 213  ALA A C   1 
ATOM   905  O  O   . ALA A 1 123 ? 13.686  -8.617  12.662  1.00 21.49 ? 213  ALA A O   1 
ATOM   906  C  CB  . ALA A 1 123 ? 16.364  -6.779  12.646  1.00 21.65 ? 213  ALA A CB  1 
ATOM   907  N  N   . ARG A 1 124 ? 13.711  -7.239  10.906  1.00 21.15 ? 214  ARG A N   1 
ATOM   908  C  CA  . ARG A 1 124 ? 12.256  -6.990  10.968  1.00 21.19 ? 214  ARG A CA  1 
ATOM   909  C  C   . ARG A 1 124 ? 11.466  -7.374  9.733   1.00 19.83 ? 214  ARG A C   1 
ATOM   910  O  O   . ARG A 1 124 ? 11.978  -7.334  8.626   1.00 18.91 ? 214  ARG A O   1 
ATOM   911  C  CB  . ARG A 1 124 ? 12.044  -5.505  11.208  1.00 22.38 ? 214  ARG A CB  1 
ATOM   912  C  CG  . ARG A 1 124 ? 12.696  -5.008  12.487  1.00 24.96 ? 214  ARG A CG  1 
ATOM   913  C  CD  . ARG A 1 124 ? 12.560  -3.504  12.695  1.00 30.52 ? 214  ARG A CD  1 
ATOM   914  N  NE  . ARG A 1 124 ? 13.169  -3.029  13.939  1.00 32.47 ? 214  ARG A NE  1 
ATOM   915  C  CZ  . ARG A 1 124 ? 12.716  -3.254  15.175  1.00 37.89 ? 214  ARG A CZ  1 
ATOM   916  N  NH1 . ARG A 1 124 ? 11.589  -3.943  15.399  1.00 39.96 ? 214  ARG A NH1 1 
ATOM   917  N  NH2 . ARG A 1 124 ? 13.381  -2.750  16.223  1.00 38.68 ? 214  ARG A NH2 1 
ATOM   918  N  N   . ASP A 1 125 ? 10.205  -7.725  9.945   1.00 19.04 ? 215  ASP A N   1 
ATOM   919  C  CA  . ASP A 1 125 ? 9.279   -7.856  8.831   1.00 18.27 ? 215  ASP A CA  1 
ATOM   920  C  C   . ASP A 1 125 ? 9.012   -6.406  8.392   1.00 17.33 ? 215  ASP A C   1 
ATOM   921  O  O   . ASP A 1 125 ? 9.188   -5.461  9.172   1.00 17.87 ? 215  ASP A O   1 
ATOM   922  C  CB  . ASP A 1 125 ? 7.953   -8.471  9.248   1.00 18.36 ? 215  ASP A CB  1 
ATOM   923  C  CG  . ASP A 1 125 ? 8.056   -9.936  9.664   1.00 22.83 ? 215  ASP A CG  1 
ATOM   924  O  OD1 . ASP A 1 125 ? 8.914   -10.682 9.136   1.00 19.31 ? 215  ASP A OD1 1 
ATOM   925  O  OD2 . ASP A 1 125 ? 7.236   -10.435 10.497  1.00 26.41 ? 215  ASP A OD2 1 
ATOM   926  N  N   . VAL A 1 126 ? 8.612   -6.266  7.144   1.00 15.83 ? 216  VAL A N   1 
ATOM   927  C  CA  . VAL A 1 126 ? 8.288   -4.944  6.577   1.00 15.07 ? 216  VAL A CA  1 
ATOM   928  C  C   . VAL A 1 126 ? 6.790   -4.920  6.292   1.00 15.26 ? 216  VAL A C   1 
ATOM   929  O  O   . VAL A 1 126 ? 6.272   -5.773  5.543   1.00 16.43 ? 216  VAL A O   1 
ATOM   930  C  CB  . VAL A 1 126 ? 9.109   -4.664  5.335   1.00 14.42 ? 216  VAL A CB  1 
ATOM   931  C  CG1 . VAL A 1 126 ? 8.663   -3.383  4.624   1.00 14.35 ? 216  VAL A CG1 1 
ATOM   932  C  CG2 . VAL A 1 126 ? 10.564  -4.525  5.726   1.00 14.31 ? 216  VAL A CG2 1 
ATOM   933  N  N   . GLN A 1 127 ? 6.128   -3.913  6.862   1.00 13.37 ? 217  GLN A N   1 
ATOM   934  C  CA  . GLN A 1 127 ? 4.703   -3.679  6.632   1.00 12.49 ? 217  GLN A CA  1 
ATOM   935  C  C   . GLN A 1 127 ? 4.534   -2.806  5.418   1.00 12.46 ? 217  GLN A C   1 
ATOM   936  O  O   . GLN A 1 127 ? 5.124   -1.722  5.372   1.00 12.80 ? 217  GLN A O   1 
ATOM   937  C  CB  . GLN A 1 127 ? 4.046   -3.016  7.832   1.00 12.60 ? 217  GLN A CB  1 
ATOM   938  C  CG  . GLN A 1 127 ? 2.542   -2.760  7.714   1.00 13.02 ? 217  GLN A CG  1 
ATOM   939  C  CD  . GLN A 1 127 ? 1.961   -2.284  9.032   1.00 14.13 ? 217  GLN A CD  1 
ATOM   940  O  OE1 . GLN A 1 127 ? 1.501   -3.114  9.833   1.00 14.67 ? 217  GLN A OE1 1 
ATOM   941  N  NE2 . GLN A 1 127 ? 1.934   -0.965  9.235   1.00 15.37 ? 217  GLN A NE2 1 
ATOM   942  N  N   . VAL A 1 128 ? 3.751   -3.276  4.457   1.00 12.72 ? 218  VAL A N   1 
ATOM   943  C  CA  . VAL A 1 128 ? 3.518   -2.576  3.187   1.00 11.85 ? 218  VAL A CA  1 
ATOM   944  C  C   . VAL A 1 128 ? 2.024   -2.370  2.999   1.00 12.07 ? 218  VAL A C   1 
ATOM   945  O  O   . VAL A 1 128 ? 1.223   -3.248  3.342   1.00 12.04 ? 218  VAL A O   1 
ATOM   946  C  CB  . VAL A 1 128 ? 4.085   -3.391  1.969   1.00 12.10 ? 218  VAL A CB  1 
ATOM   947  C  CG1 . VAL A 1 128 ? 3.850   -2.640  0.639   1.00 12.91 ? 218  VAL A CG1 1 
ATOM   948  C  CG2 . VAL A 1 128 ? 5.552   -3.712  2.166   1.00 12.99 ? 218  VAL A CG2 1 
ATOM   949  N  N   . GLY A 1 129 ? 1.610   -1.230  2.472   1.00 11.85 ? 219  GLY A N   1 
ATOM   950  C  CA  . GLY A 1 129 ? 0.197   -1.046  2.199   1.00 12.16 ? 219  GLY A CA  1 
ATOM   951  C  C   . GLY A 1 129 ? -0.148  0.198   1.429   1.00 12.49 ? 219  GLY A C   1 
ATOM   952  O  O   . GLY A 1 129 ? 0.754   0.772   0.793   1.00 12.39 ? 219  GLY A O   1 
ATOM   953  N  N   . ILE A 1 130 ? -1.429  0.534   1.451   1.00 11.47 ? 220  ILE A N   1 
ATOM   954  C  CA  . ILE A 1 130 ? -1.966  1.747   0.795   1.00 11.91 ? 220  ILE A CA  1 
ATOM   955  C  C   . ILE A 1 130 ? -2.961  2.395   1.737   1.00 12.62 ? 220  ILE A C   1 
ATOM   956  O  O   . ILE A 1 130 ? -3.738  1.703   2.397   1.00 13.29 ? 220  ILE A O   1 
ATOM   957  C  CB  . ILE A 1 130 ? -2.569  1.420   -0.614  1.00 11.24 ? 220  ILE A CB  1 
ATOM   958  C  CG1 . ILE A 1 130 ? -2.828  2.712   -1.410  1.00 13.56 ? 220  ILE A CG1 1 
ATOM   959  C  CG2 . ILE A 1 130 ? -3.761  0.494   -0.508  1.00 12.36 ? 220  ILE A CG2 1 
ATOM   960  C  CD1 . ILE A 1 130 ? -3.241  2.442   -2.886  1.00 14.55 ? 220  ILE A CD1 1 
ATOM   961  N  N   . GLN A 1 131 ? -2.949  3.720   1.799   1.00 12.35 ? 221  GLN A N   1 
ATOM   962  C  CA  . GLN A 1 131 ? -3.813  4.460   2.723   1.00 12.17 ? 221  GLN A CA  1 
ATOM   963  C  C   . GLN A 1 131 ? -4.372  5.735   2.088   1.00 12.98 ? 221  GLN A C   1 
ATOM   964  O  O   . GLN A 1 131 ? -3.739  6.293   1.166   1.00 12.65 ? 221  GLN A O   1 
ATOM   965  C  CB  . GLN A 1 131 ? -3.087  4.807   4.038   1.00 11.49 ? 221  GLN A CB  1 
ATOM   966  C  CG  . GLN A 1 131 ? -1.855  5.725   3.848   1.00 12.46 ? 221  GLN A CG  1 
ATOM   967  C  CD  . GLN A 1 131 ? -1.112  6.001   5.163   1.00 15.95 ? 221  GLN A CD  1 
ATOM   968  O  OE1 . GLN A 1 131 ? -1.472  5.425   6.205   1.00 15.21 ? 221  GLN A OE1 1 
ATOM   969  N  NE2 . GLN A 1 131 ? -0.087  6.898   5.119   1.00 18.42 ? 221  GLN A NE2 1 
ATOM   970  N  N   . ALA A 1 132 ? -5.510  6.161   2.584   1.00 14.60 ? 222  ALA A N   1 
ATOM   971  C  CA  . ALA A 1 132 ? -6.131  7.391   2.131   1.00 14.81 ? 222  ALA A CA  1 
ATOM   972  C  C   . ALA A 1 132 ? -5.489  8.573   2.861   1.00 15.66 ? 222  ALA A C   1 
ATOM   973  O  O   . ALA A 1 132 ? -5.126  8.474   4.032   1.00 14.69 ? 222  ALA A O   1 
ATOM   974  C  CB  . ALA A 1 132 ? -7.612  7.350   2.410   1.00 15.61 ? 222  ALA A CB  1 
ATOM   975  N  N   . LYS A 1 133 ? -5.387  9.697   2.169   1.00 16.29 ? 223  LYS A N   1 
ATOM   976  C  CA  . LYS A 1 133 ? -4.877  10.938  2.765   1.00 17.79 ? 223  LYS A CA  1 
ATOM   977  C  C   . LYS A 1 133 ? -5.807  12.100  2.395   1.00 18.85 ? 223  LYS A C   1 
ATOM   978  O  O   . LYS A 1 133 ? -6.136  12.275  1.226   1.00 20.12 ? 223  LYS A O   1 
ATOM   979  C  CB  . LYS A 1 133 ? -3.468  11.295  2.281   1.00 19.00 ? 223  LYS A CB  1 
ATOM   980  C  CG  . LYS A 1 133 ? -2.359  10.246  2.499   1.00 21.40 ? 223  LYS A CG  1 
ATOM   981  C  CD  . LYS A 1 133 ? -2.016  10.089  3.919   1.00 25.97 ? 223  LYS A CD  1 
ATOM   982  C  CE  . LYS A 1 133 ? -1.049  11.165  4.464   1.00 28.30 ? 223  LYS A CE  1 
ATOM   983  N  NZ  . LYS A 1 133 ? -1.267  11.155  5.994   1.00 32.67 ? 223  LYS A NZ  1 
ATOM   984  N  N   . GLY A 1 134 ? -6.140  12.907  3.387   1.00 18.93 ? 224  GLY A N   1 
ATOM   985  C  CA  . GLY A 1 134 ? -7.001  14.077  3.236   1.00 19.66 ? 224  GLY A CA  1 
ATOM   986  C  C   . GLY A 1 134 ? -8.293  13.939  4.030   1.00 18.88 ? 224  GLY A C   1 
ATOM   987  O  O   . GLY A 1 134 ? -8.246  13.690  5.216   1.00 19.70 ? 224  GLY A O   1 
ATOM   988  N  N   . THR A 1 135 ? -9.438  14.160  3.382   1.00 19.26 ? 225  THR A N   1 
ATOM   989  C  CA  . THR A 1 135 ? -10.743 13.975  3.986   1.00 19.76 ? 225  THR A CA  1 
ATOM   990  C  C   . THR A 1 135 ? -11.561 12.969  3.144   1.00 18.86 ? 225  THR A C   1 
ATOM   991  O  O   . THR A 1 135 ? -12.463 13.342  2.418   1.00 18.60 ? 225  THR A O   1 
ATOM   992  C  CB  . THR A 1 135 ? -11.481 15.366  4.113   1.00 21.26 ? 225  THR A CB  1 
ATOM   993  O  OG1 . THR A 1 135 ? -10.635 16.308  4.814   1.00 24.91 ? 225  THR A OG1 1 
ATOM   994  C  CG2 . THR A 1 135 ? -12.715 15.253  4.953   1.00 22.54 ? 225  THR A CG2 1 
ATOM   995  N  N   . PRO A 1 136 ? -11.214 11.683  3.215   1.00 16.94 ? 226  PRO A N   1 
ATOM   996  C  CA  . PRO A 1 136 ? -11.829 10.680  2.337   1.00 16.49 ? 226  PRO A CA  1 
ATOM   997  C  C   . PRO A 1 136 ? -13.222 10.222  2.704   1.00 15.98 ? 226  PRO A C   1 
ATOM   998  O  O   . PRO A 1 136 ? -13.751 10.490  3.798   1.00 16.59 ? 226  PRO A O   1 
ATOM   999  C  CB  . PRO A 1 136 ? -10.873 9.476   2.482   1.00 16.28 ? 226  PRO A CB  1 
ATOM   1000 C  CG  . PRO A 1 136 ? -10.343 9.609   3.850   1.00 16.22 ? 226  PRO A CG  1 
ATOM   1001 C  CD  . PRO A 1 136 ? -10.206 11.071  4.096   1.00 16.89 ? 226  PRO A CD  1 
ATOM   1002 N  N   . ALA A 1 137 ? -13.807 9.535   1.745   1.00 15.48 ? 227  ALA A N   1 
ATOM   1003 C  CA  . ALA A 1 137 ? -15.068 8.810   1.884   1.00 15.80 ? 227  ALA A CA  1 
ATOM   1004 C  C   . ALA A 1 137 ? -15.030 7.639   0.899   1.00 15.07 ? 227  ALA A C   1 
ATOM   1005 O  O   . ALA A 1 137 ? -14.057 7.462   0.174   1.00 14.97 ? 227  ALA A O   1 
ATOM   1006 C  CB  . ALA A 1 137 ? -16.241 9.703   1.634   1.00 15.96 ? 227  ALA A CB  1 
ATOM   1007 N  N   . GLY A 1 138 ? -16.042 6.788   0.936   1.00 14.96 ? 228  GLY A N   1 
ATOM   1008 C  CA  . GLY A 1 138 ? -16.133 5.676   0.007   1.00 14.37 ? 228  GLY A CA  1 
ATOM   1009 C  C   . GLY A 1 138 ? -15.153 4.534   0.333   1.00 14.49 ? 228  GLY A C   1 
ATOM   1010 O  O   . GLY A 1 138 ? -14.686 4.401   1.452   1.00 13.81 ? 228  GLY A O   1 
ATOM   1011 N  N   . THR A 1 139 ? -14.866 3.749   -0.692  1.00 13.99 ? 229  THR A N   1 
ATOM   1012 C  CA  . THR A 1 139 ? -14.062 2.518   -0.557  1.00 14.11 ? 229  THR A CA  1 
ATOM   1013 C  C   . THR A 1 139 ? -12.948 2.459   -1.563  1.00 13.35 ? 229  THR A C   1 
ATOM   1014 O  O   . THR A 1 139 ? -12.948 3.190   -2.577  1.00 11.77 ? 229  THR A O   1 
ATOM   1015 C  CB  . THR A 1 139 ? -14.935 1.247   -0.696  1.00 14.05 ? 229  THR A CB  1 
ATOM   1016 O  OG1 . THR A 1 139 ? -15.477 1.164   -2.025  1.00 15.29 ? 229  THR A OG1 1 
ATOM   1017 C  CG2 . THR A 1 139 ? -16.127 1.283   0.220   1.00 17.15 ? 229  THR A CG2 1 
ATOM   1018 N  N   . ILE A 1 140 ? -11.979 1.599   -1.239  1.00 12.08 ? 230  ILE A N   1 
ATOM   1019 C  CA  . ILE A 1 140 ? -10.835 1.282   -2.101  1.00 12.34 ? 230  ILE A CA  1 
ATOM   1020 C  C   . ILE A 1 140 ? -10.735 -0.234  -2.203  1.00 12.70 ? 230  ILE A C   1 
ATOM   1021 O  O   . ILE A 1 140 ? -10.812 -0.901  -1.169  1.00 13.06 ? 230  ILE A O   1 
ATOM   1022 C  CB  . ILE A 1 140 ? -9.514  1.845   -1.518  1.00 13.12 ? 230  ILE A CB  1 
ATOM   1023 C  CG1 . ILE A 1 140 ? -9.513  3.385   -1.453  1.00 12.07 ? 230  ILE A CG1 1 
ATOM   1024 C  CG2 . ILE A 1 140 ? -8.307  1.365   -2.337  1.00 12.68 ? 230  ILE A CG2 1 
ATOM   1025 C  CD1 . ILE A 1 140 ? -9.614  4.130   -2.759  1.00 14.88 ? 230  ILE A CD1 1 
ATOM   1026 N  N   . THR A 1 141 ? -10.573 -0.761  -3.423  1.00 12.18 ? 231  THR A N   1 
ATOM   1027 C  CA  . THR A 1 141 ? -10.324 -2.185  -3.668  1.00 12.77 ? 231  THR A CA  1 
ATOM   1028 C  C   . THR A 1 141 ? -8.929  -2.388  -4.250  1.00 13.46 ? 231  THR A C   1 
ATOM   1029 O  O   . THR A 1 141 ? -8.564  -1.742  -5.236  1.00 13.18 ? 231  THR A O   1 
ATOM   1030 C  CB  . THR A 1 141 ? -11.384 -2.835  -4.583  1.00 13.40 ? 231  THR A CB  1 
ATOM   1031 O  OG1 . THR A 1 141 ? -12.678 -2.748  -3.943  1.00 13.85 ? 231  THR A OG1 1 
ATOM   1032 C  CG2 . THR A 1 141 ? -11.082 -4.316  -4.819  1.00 13.64 ? 231  THR A CG2 1 
ATOM   1033 N  N   . ILE A 1 142 ? -8.142  -3.256  -3.606  1.00 12.17 ? 232  ILE A N   1 
ATOM   1034 C  CA  . ILE A 1 142 ? -6.837  -3.710  -4.155  1.00 12.37 ? 232  ILE A CA  1 
ATOM   1035 C  C   . ILE A 1 142 ? -7.034  -5.082  -4.827  1.00 11.98 ? 232  ILE A C   1 
ATOM   1036 O  O   . ILE A 1 142 ? -7.424  -6.050  -4.176  1.00 12.54 ? 232  ILE A O   1 
ATOM   1037 C  CB  . ILE A 1 142 ? -5.701  -3.800  -3.087  1.00 12.39 ? 232  ILE A CB  1 
ATOM   1038 C  CG1 . ILE A 1 142 ? -5.595  -2.507  -2.300  1.00 14.29 ? 232  ILE A CG1 1 
ATOM   1039 C  CG2 . ILE A 1 142 ? -4.361  -4.125  -3.764  1.00 15.02 ? 232  ILE A CG2 1 
ATOM   1040 C  CD1 . ILE A 1 142 ? -6.275  -2.549  -0.971  1.00 14.52 ? 232  ILE A CD1 1 
ATOM   1041 N  N   . LYS A 1 143 ? -6.764  -5.157  -6.125  1.00 12.31 ? 233  LYS A N   1 
ATOM   1042 C  CA  . LYS A 1 143 ? -6.900  -6.423  -6.902  1.00 12.79 ? 233  LYS A CA  1 
ATOM   1043 C  C   . LYS A 1 143 ? -5.616  -7.269  -6.868  1.00 12.75 ? 233  LYS A C   1 
ATOM   1044 O  O   . LYS A 1 143 ? -5.681  -8.510  -6.850  1.00 13.63 ? 233  LYS A O   1 
ATOM   1045 C  CB  . LYS A 1 143 ? -7.307  -6.125  -8.366  1.00 12.71 ? 233  LYS A CB  1 
ATOM   1046 C  CG  . LYS A 1 143 ? -8.661  -5.505  -8.489  1.00 13.82 ? 233  LYS A CG  1 
ATOM   1047 C  CD  . LYS A 1 143 ? -9.176  -5.513  -9.909  1.00 17.01 ? 233  LYS A CD  1 
ATOM   1048 C  CE  . LYS A 1 143 ? -10.685 -5.443  -9.971  1.00 18.06 ? 233  LYS A CE  1 
ATOM   1049 N  NZ  . LYS A 1 143 ? -11.134 -5.442  -11.398 1.00 16.85 ? 233  LYS A NZ  1 
ATOM   1050 N  N   . SER A 1 144 ? -4.470  -6.599  -6.896  1.00 12.40 ? 234  SER A N   1 
ATOM   1051 C  CA  . SER A 1 144 ? -3.156  -7.276  -6.913  1.00 12.72 ? 234  SER A CA  1 
ATOM   1052 C  C   . SER A 1 144 ? -2.041  -6.340  -6.472  1.00 12.16 ? 234  SER A C   1 
ATOM   1053 O  O   . SER A 1 144 ? -2.138  -5.106  -6.636  1.00 12.44 ? 234  SER A O   1 
ATOM   1054 C  CB  . SER A 1 144 ? -2.830  -7.800  -8.324  1.00 13.07 ? 234  SER A CB  1 
ATOM   1055 O  OG  . SER A 1 144 ? -2.600  -6.730  -9.264  1.00 13.07 ? 234  SER A OG  1 
ATOM   1056 N  N   . VAL A 1 145 ? -0.982  -6.949  -5.937  1.00 12.69 ? 235  VAL A N   1 
ATOM   1057 C  CA  . VAL A 1 145 ? 0.234   -6.208  -5.572  1.00 12.70 ? 235  VAL A CA  1 
ATOM   1058 C  C   . VAL A 1 145 ? 1.430   -7.021  -6.053  1.00 13.75 ? 235  VAL A C   1 
ATOM   1059 O  O   . VAL A 1 145 ? 1.547   -8.195  -5.723  1.00 13.25 ? 235  VAL A O   1 
ATOM   1060 C  CB  . VAL A 1 145 ? 0.369   -5.957  -4.061  1.00 13.11 ? 235  VAL A CB  1 
ATOM   1061 C  CG1 . VAL A 1 145 ? 1.643   -5.203  -3.738  1.00 13.78 ? 235  VAL A CG1 1 
ATOM   1062 C  CG2 . VAL A 1 145 ? -0.858  -5.207  -3.519  1.00 14.01 ? 235  VAL A CG2 1 
ATOM   1063 N  N   . THR A 1 146 ? 2.280   -6.416  -6.871  1.00 14.15 ? 236  THR A N   1 
ATOM   1064 C  CA  . THR A 1 146 ? 3.475   -7.120  -7.319  1.00 16.64 ? 236  THR A CA  1 
ATOM   1065 C  C   . THR A 1 146 ? 4.708   -6.283  -7.007  1.00 17.06 ? 236  THR A C   1 
ATOM   1066 O  O   . THR A 1 146 ? 4.730   -5.061  -7.259  1.00 17.61 ? 236  THR A O   1 
ATOM   1067 C  CB  . THR A 1 146 ? 3.401   -7.689  -8.764  1.00 18.79 ? 236  THR A CB  1 
ATOM   1068 O  OG1 . THR A 1 146 ? 4.258   -7.012  -9.659  1.00 27.81 ? 236  THR A OG1 1 
ATOM   1069 C  CG2 . THR A 1 146 ? 2.072   -7.675  -9.349  1.00 13.95 ? 236  THR A CG2 1 
ATOM   1070 N  N   . ILE A 1 147 ? 5.696   -6.929  -6.396  1.00 15.28 ? 237  ILE A N   1 
ATOM   1071 C  CA  . ILE A 1 147 ? 6.925   -6.250  -5.964  1.00 16.06 ? 237  ILE A CA  1 
ATOM   1072 C  C   . ILE A 1 147 ? 8.089   -6.807  -6.779  1.00 15.75 ? 237  ILE A C   1 
ATOM   1073 O  O   . ILE A 1 147 ? 8.360   -7.990  -6.718  1.00 16.41 ? 237  ILE A O   1 
ATOM   1074 C  CB  . ILE A 1 147 ? 7.159   -6.388  -4.455  1.00 15.37 ? 237  ILE A CB  1 
ATOM   1075 C  CG1 . ILE A 1 147 ? 5.939   -5.801  -3.707  1.00 16.33 ? 237  ILE A CG1 1 
ATOM   1076 C  CG2 . ILE A 1 147 ? 8.451   -5.681  -4.031  1.00 17.50 ? 237  ILE A CG2 1 
ATOM   1077 C  CD1 . ILE A 1 147 ? 5.923   -5.999  -2.215  1.00 18.40 ? 237  ILE A CD1 1 
ATOM   1078 N  N   . THR A 1 148 ? 8.773   -5.932  -7.489  1.00 15.35 ? 238  THR A N   1 
ATOM   1079 C  CA  . THR A 1 148 ? 9.931   -6.326  -8.307  1.00 16.13 ? 238  THR A CA  1 
ATOM   1080 C  C   . THR A 1 148 ? 11.201  -5.832  -7.627  1.00 15.54 ? 238  THR A C   1 
ATOM   1081 O  O   . THR A 1 148 ? 11.437  -4.632  -7.546  1.00 15.36 ? 238  THR A O   1 
ATOM   1082 C  CB  . THR A 1 148 ? 9.825   -5.778  -9.726  1.00 16.92 ? 238  THR A CB  1 
ATOM   1083 O  OG1 . THR A 1 148 ? 8.645   -6.298  -10.355 1.00 18.34 ? 238  THR A OG1 1 
ATOM   1084 C  CG2 . THR A 1 148 ? 10.943  -6.304  -10.619 1.00 17.84 ? 238  THR A CG2 1 
ATOM   1085 N  N   . LEU A 1 149 ? 12.027  -6.766  -7.163  1.00 14.24 ? 239  LEU A N   1 
ATOM   1086 C  CA  . LEU A 1 149 ? 13.276  -6.426  -6.455  1.00 14.67 ? 239  LEU A CA  1 
ATOM   1087 C  C   . LEU A 1 149 ? 14.374  -6.051  -7.462  1.00 15.93 ? 239  LEU A C   1 
ATOM   1088 O  O   . LEU A 1 149 ? 14.341  -6.467  -8.628  1.00 17.22 ? 239  LEU A O   1 
ATOM   1089 C  CB  . LEU A 1 149 ? 13.800  -7.607  -5.616  1.00 14.99 ? 239  LEU A CB  1 
ATOM   1090 C  CG  . LEU A 1 149 ? 12.842  -8.295  -4.653  1.00 14.49 ? 239  LEU A CG  1 
ATOM   1091 C  CD1 . LEU A 1 149 ? 13.543  -9.378  -3.893  1.00 15.44 ? 239  LEU A CD1 1 
ATOM   1092 C  CD2 . LEU A 1 149 ? 12.204  -7.284  -3.687  1.00 14.54 ? 239  LEU A CD2 1 
ATOM   1093 N  N   . ALA A 1 150 ? 15.343  -5.306  -6.965  1.00 16.42 ? 240  ALA A N   1 
ATOM   1094 C  CA  . ALA A 1 150 ? 16.596  -4.970  -7.677  1.00 18.63 ? 240  ALA A CA  1 
ATOM   1095 C  C   . ALA A 1 150 ? 17.630  -6.074  -7.421  1.00 19.51 ? 240  ALA A C   1 
ATOM   1096 O  O   . ALA A 1 150 ? 18.755  -5.828  -6.940  1.00 23.39 ? 240  ALA A O   1 
ATOM   1097 C  CB  . ALA A 1 150 ? 17.111  -3.639  -7.177  1.00 18.67 ? 240  ALA A CB  1 
ATOM   1098 N  N   . GLN A 1 151 ? 17.235  -7.289  -7.727  1.00 19.50 ? 241  GLN A N   1 
ATOM   1099 C  CA  . GLN A 1 151 ? 18.049  -8.484  -7.525  1.00 19.62 ? 241  GLN A CA  1 
ATOM   1100 C  C   . GLN A 1 151 ? 17.652  -9.504  -8.545  1.00 20.38 ? 241  GLN A C   1 
ATOM   1101 O  O   . GLN A 1 151 ? 16.465  -9.736  -8.795  1.00 20.18 ? 241  GLN A O   1 
ATOM   1102 C  CB  . GLN A 1 151 ? 17.784  -9.034  -6.120  1.00 19.76 ? 241  GLN A CB  1 
ATOM   1103 C  CG  . GLN A 1 151 ? 18.608  -10.236 -5.766  1.00 18.66 ? 241  GLN A CG  1 
ATOM   1104 C  CD  . GLN A 1 151 ? 18.282  -10.711 -4.380  1.00 19.88 ? 241  GLN A CD  1 
ATOM   1105 O  OE1 . GLN A 1 151 ? 17.596  -11.715 -4.198  1.00 17.03 ? 241  GLN A OE1 1 
ATOM   1106 N  NE2 . GLN A 1 151 ? 18.863  -10.035 -3.397  1.00 17.09 ? 241  GLN A NE2 1 
ATOM   1107 N  N   . GLU A 1 152 ? 18.665  -10.135 -9.111  1.00 22.37 ? 242  GLU A N   1 
ATOM   1108 C  CA  . GLU A 1 152 ? 18.518  -11.179 -10.107 1.00 24.25 ? 242  GLU A CA  1 
ATOM   1109 C  C   . GLU A 1 152 ? 18.018  -12.442 -9.452  1.00 24.71 ? 242  GLU A C   1 
ATOM   1110 O  O   . GLU A 1 152 ? 18.397  -12.855 -8.396  1.00 23.15 ? 242  GLU A O   1 
ATOM   1111 C  CB  . GLU A 1 152 ? 19.880  -11.461 -10.764 1.00 26.31 ? 242  GLU A CB  1 
ATOM   1112 C  CG  . GLU A 1 152 ? 19.978  -12.660 -11.688 1.00 31.19 ? 242  GLU A CG  1 
ATOM   1113 C  CD  . GLU A 1 152 ? 21.386  -12.835 -12.267 1.00 37.91 ? 242  GLU A CD  1 
ATOM   1114 O  OE1 . GLU A 1 152 ? 22.178  -11.852 -12.275 1.00 40.73 ? 242  GLU A OE1 1 
ATOM   1115 O  OE2 . GLU A 1 152 ? 21.700  -13.973 -12.710 1.00 42.86 ? 242  GLU A OE2 1 
ATOM   1116 N  N   . ALA A 1 153 ? 17.148  -13.067 -10.140 1.00 25.16 ? 243  ALA A N   1 
ATOM   1117 C  CA  . ALA A 1 153 ? 16.485  -14.332 -9.870  1.00 26.98 ? 243  ALA A CA  1 
ATOM   1118 C  C   . ALA A 1 153 ? 17.061  -15.452 -10.721 1.00 26.90 ? 243  ALA A C   1 
ATOM   1119 O  O   . ALA A 1 153 ? 17.712  -15.234 -11.704 1.00 29.59 ? 243  ALA A O   1 
ATOM   1120 C  CB  . ALA A 1 153 ? 15.076  -14.165 -10.228 1.00 27.16 ? 243  ALA A CB  1 
ATOM   1121 O  OXT . ALA A 1 153 ? 16.827  -16.617 -10.438 1.00 26.24 ? 243  ALA A OXT 1 
HETATM 1122 O  O1  . XYP B 2 .   ? -0.296  -2.861  18.401  0.50 38.47 ? 1    XYP B O1  1 
HETATM 1123 C  C1  . XYP B 2 .   ? -0.686  -2.162  17.230  1.00 38.79 ? 1    XYP B C1  1 
HETATM 1124 C  C2  . XYP B 2 .   ? -1.235  -0.829  17.621  1.00 36.13 ? 1    XYP B C2  1 
HETATM 1125 C  C3  . XYP B 2 .   ? -1.473  0.042   16.402  1.00 32.31 ? 1    XYP B C3  1 
HETATM 1126 C  C4  . XYP B 2 .   ? -0.257  0.009   15.492  1.00 29.50 ? 1    XYP B C4  1 
HETATM 1127 C  C5  . XYP B 2 .   ? 0.071   -1.433  15.198  1.00 33.11 ? 1    XYP B C5  1 
HETATM 1128 O  O2  . XYP B 2 .   ? -2.474  -1.153  18.188  1.00 38.98 ? 1    XYP B O2  1 
HETATM 1129 O  O3  . XYP B 2 .   ? -1.718  1.385   16.736  1.00 32.76 ? 1    XYP B O3  1 
HETATM 1130 O  O4  . XYP B 2 .   ? -0.569  0.686   14.303  1.00 19.74 ? 1    XYP B O4  1 
HETATM 1131 O  O5  . XYP B 2 .   ? 0.411   -1.992  16.444  1.00 37.14 ? 1    XYP B O5  1 
HETATM 1132 C  C1  . XYP B 2 .   ? 0.618   1.257   13.757  1.00 18.73 ? 2    XYP B C1  1 
HETATM 1133 C  C2  . XYP B 2 .   ? 0.418   1.303   12.251  1.00 15.52 ? 2    XYP B C2  1 
HETATM 1134 C  C3  . XYP B 2 .   ? 1.531   2.103   11.579  1.00 15.12 ? 2    XYP B C3  1 
HETATM 1135 C  C4  . XYP B 2 .   ? 1.751   3.435   12.302  1.00 16.53 ? 2    XYP B C4  1 
HETATM 1136 C  C5  . XYP B 2 .   ? 1.894   3.167   13.787  1.00 17.25 ? 2    XYP B C5  1 
HETATM 1137 O  O2  . XYP B 2 .   ? 0.437   -0.017  11.714  1.00 15.43 ? 2    XYP B O2  1 
HETATM 1138 O  O3  . XYP B 2 .   ? 1.215   2.339   10.215  1.00 13.94 ? 2    XYP B O3  1 
HETATM 1139 O  O4  . XYP B 2 .   ? 2.941   4.004   11.806  1.00 14.99 ? 2    XYP B O4  1 
HETATM 1140 O  O5  . XYP B 2 .   ? 0.768   2.492   14.307  1.00 17.09 ? 2    XYP B O5  1 
HETATM 1141 C  C1  . XYP B 2 .   ? 2.982   5.420   11.598  1.00 14.93 ? 3    XYP B C1  1 
HETATM 1142 C  C2  . XYP B 2 .   ? 4.302   5.925   12.153  1.00 14.96 ? 3    XYP B C2  1 
HETATM 1143 C  C3  . XYP B 2 .   ? 4.376   7.419   11.894  1.00 14.81 ? 3    XYP B C3  1 
HETATM 1144 C  C4  . XYP B 2 .   ? 4.200   7.708   10.418  1.00 17.28 ? 3    XYP B C4  1 
HETATM 1145 C  C5  . XYP B 2 .   ? 2.920   7.049   9.957   1.00 14.77 ? 3    XYP B C5  1 
HETATM 1146 O  O2  . XYP B 2 .   ? 4.369   5.690   13.556  1.00 17.27 ? 3    XYP B O2  1 
HETATM 1147 O  O3  . XYP B 2 .   ? 5.658   7.922   12.225  1.00 19.14 ? 3    XYP B O3  1 
HETATM 1148 O  O4  . XYP B 2 .   ? 4.108   9.119   10.235  1.00 19.52 ? 3    XYP B O4  1 
HETATM 1149 O  O5  . XYP B 2 .   ? 2.902   5.650   10.272  1.00 15.65 ? 3    XYP B O5  1 
HETATM 1150 C  C1  . XYP B 2 .   ? 4.643   9.557   9.014   1.00 23.05 ? 4    XYP B C1  1 
HETATM 1151 C  C2  . XYP B 2 .   ? 3.919   10.831  8.635   1.00 26.80 ? 4    XYP B C2  1 
HETATM 1152 C  C3  . XYP B 2 .   ? 4.545   11.473  7.419   1.00 29.44 ? 4    XYP B C3  1 
HETATM 1153 C  C4  . XYP B 2 .   ? 6.044   11.560  7.601   1.00 27.55 ? 4    XYP B C4  1 
HETATM 1154 C  C5  . XYP B 2 .   ? 6.560   10.182  7.979   1.00 27.29 ? 4    XYP B C5  1 
HETATM 1155 O  O2  . XYP B 2 .   ? 2.545   10.575  8.381   1.00 29.57 ? 4    XYP B O2  1 
HETATM 1156 O  O3  . XYP B 2 .   ? 4.010   12.761  7.173   1.00 31.97 ? 4    XYP B O3  1 
HETATM 1157 O  O4  . XYP B 2 .   ? 6.546   11.955  6.349   1.00 33.75 ? 4    XYP B O4  1 
HETATM 1158 O  O5  . XYP B 2 .   ? 5.955   9.742   9.185   1.00 22.92 ? 4    XYP B O5  1 
HETATM 1159 C  C1  . XYP B 2 .   ? 7.690   12.837  6.405   1.00 38.57 ? 5    XYP B C1  1 
HETATM 1160 C  C2  . XYP B 2 .   ? 8.409   12.886  5.057   1.00 40.91 ? 5    XYP B C2  1 
HETATM 1161 C  C3  . XYP B 2 .   ? 9.384   14.065  4.909   1.00 42.60 ? 5    XYP B C3  1 
HETATM 1162 C  C4  . XYP B 2 .   ? 9.002   15.300  5.709   1.00 40.84 ? 5    XYP B C4  1 
HETATM 1163 C  C5  . XYP B 2 .   ? 8.346   14.947  7.031   1.00 40.06 ? 5    XYP B C5  1 
HETATM 1164 O  O2  . XYP B 2 .   ? 9.191   11.735  4.779   1.00 43.63 ? 5    XYP B O2  1 
HETATM 1165 O  O3  . XYP B 2 .   ? 9.490   14.417  3.540   1.00 44.34 ? 5    XYP B O3  1 
HETATM 1166 O  O4  . XYP B 2 .   ? 10.184  16.032  5.947   1.00 43.15 ? 5    XYP B O4  1 
HETATM 1167 O  O5  . XYP B 2 .   ? 7.269   14.074  6.773   1.00 38.98 ? 5    XYP B O5  1 
HETATM 1168 NA NA  . NA  C 3 .   ? -14.663 2.352   -9.550  1.00 34.18 ? 1244 NA  A NA  1 
HETATM 1169 O  O   . HOH D 4 .   ? 12.562  -8.391  -14.317 1.00 37.86 ? 2001 HOH A O   1 
HETATM 1170 O  O   . HOH D 4 .   ? 19.012  -9.097  -13.397 1.00 48.25 ? 2002 HOH A O   1 
HETATM 1171 O  O   . HOH D 4 .   ? 10.971  -14.255 -9.256  1.00 29.80 ? 2003 HOH A O   1 
HETATM 1172 O  O   . HOH D 4 .   ? 6.798   -14.576 -9.019  1.00 39.33 ? 2004 HOH A O   1 
HETATM 1173 O  O   . HOH D 4 .   ? 5.373   -14.616 -5.778  1.00 24.99 ? 2005 HOH A O   1 
HETATM 1174 O  O   . HOH D 4 .   ? 3.211   -16.319 -5.198  1.00 42.51 ? 2006 HOH A O   1 
HETATM 1175 O  O   . HOH D 4 .   ? 2.449   -16.834 -7.779  1.00 43.99 ? 2007 HOH A O   1 
HETATM 1176 O  O   . HOH D 4 .   ? 0.958   -15.362 -3.789  1.00 46.22 ? 2008 HOH A O   1 
HETATM 1177 O  O   . HOH D 4 .   ? -1.252  -9.971  -6.051  1.00 12.76 ? 2009 HOH A O   1 
HETATM 1178 O  O   . HOH D 4 .   ? 2.083   -12.927 -0.043  1.00 24.13 ? 2010 HOH A O   1 
HETATM 1179 O  O   . HOH D 4 .   ? -0.282  -16.211 2.130   1.00 38.40 ? 2011 HOH A O   1 
HETATM 1180 O  O   . HOH D 4 .   ? -4.241  -17.382 -1.957  1.00 36.26 ? 2012 HOH A O   1 
HETATM 1181 O  O   . HOH D 4 .   ? -1.307  -19.069 -0.864  1.00 52.84 ? 2013 HOH A O   1 
HETATM 1182 O  O   . HOH D 4 .   ? -3.957  -13.992 -4.585  1.00 23.44 ? 2014 HOH A O   1 
HETATM 1183 O  O   . HOH D 4 .   ? -9.459  -12.212 -2.001  1.00 18.63 ? 2015 HOH A O   1 
HETATM 1184 O  O   . HOH D 4 .   ? -10.053 -15.088 1.639   1.00 23.18 ? 2016 HOH A O   1 
HETATM 1185 O  O   . HOH D 4 .   ? -7.835  -15.350 5.288   1.00 44.35 ? 2017 HOH A O   1 
HETATM 1186 O  O   . HOH D 4 .   ? -0.836  -11.165 1.888   1.00 18.94 ? 2018 HOH A O   1 
HETATM 1187 O  O   . HOH D 4 .   ? 0.852   -10.498 5.893   1.00 20.04 ? 2019 HOH A O   1 
HETATM 1188 O  O   . HOH D 4 .   ? -5.257  -14.196 7.018   1.00 35.27 ? 2020 HOH A O   1 
HETATM 1189 O  O   . HOH D 4 .   ? -6.720  -9.522  9.301   1.00 24.74 ? 2021 HOH A O   1 
HETATM 1190 O  O   . HOH D 4 .   ? -4.080  -11.285 8.202   1.00 31.72 ? 2022 HOH A O   1 
HETATM 1191 O  O   . HOH D 4 .   ? -1.959  -10.479 9.421   1.00 27.36 ? 2023 HOH A O   1 
HETATM 1192 O  O   . HOH D 4 .   ? -3.215  -2.624  11.875  1.00 30.42 ? 2024 HOH A O   1 
HETATM 1193 O  O   . HOH D 4 .   ? -3.251  0.238   12.848  1.00 17.77 ? 2025 HOH A O   1 
HETATM 1194 O  O   . HOH D 4 .   ? -0.448  9.056   8.321   1.00 32.05 ? 2026 HOH A O   1 
HETATM 1195 O  O   . HOH D 4 .   ? -2.746  11.790  15.295  1.00 65.76 ? 2027 HOH A O   1 
HETATM 1196 O  O   . HOH D 4 .   ? -12.228 11.067  11.962  1.00 45.13 ? 2028 HOH A O   1 
HETATM 1197 O  O   . HOH D 4 .   ? -7.678  10.865  10.632  1.00 26.04 ? 2029 HOH A O   1 
HETATM 1198 O  O   . HOH D 4 .   ? -13.395 5.481   12.274  1.00 21.94 ? 2030 HOH A O   1 
HETATM 1199 O  O   . HOH D 4 .   ? -11.256 3.437   18.369  1.00 39.79 ? 2031 HOH A O   1 
HETATM 1200 O  O   . HOH D 4 .   ? -10.232 7.366   16.774  1.00 45.62 ? 2032 HOH A O   1 
HETATM 1201 O  O   . HOH D 4 .   ? -8.672  2.548   17.193  1.00 45.79 ? 2033 HOH A O   1 
HETATM 1202 O  O   . HOH D 4 .   ? -6.447  5.585   15.884  1.00 43.75 ? 2034 HOH A O   1 
HETATM 1203 O  O   . HOH D 4 .   ? -11.820 7.134   14.787  1.00 27.70 ? 2035 HOH A O   1 
HETATM 1204 O  O   . HOH D 4 .   ? -10.019 -0.127  14.742  1.00 21.05 ? 2036 HOH A O   1 
HETATM 1205 O  O   . HOH D 4 .   ? -5.177  -2.191  14.199  1.00 40.24 ? 2037 HOH A O   1 
HETATM 1206 O  O   . HOH D 4 .   ? -7.850  1.666   14.583  1.00 18.21 ? 2038 HOH A O   1 
HETATM 1207 O  O   . HOH D 4 .   ? -13.321 1.778   13.780  1.00 21.92 ? 2039 HOH A O   1 
HETATM 1208 O  O   . HOH D 4 .   ? -13.040 -1.444  6.181   1.00 12.75 ? 2040 HOH A O   1 
HETATM 1209 O  O   . HOH D 4 .   ? -13.848 -5.489  8.193   1.00 17.98 ? 2041 HOH A O   1 
HETATM 1210 O  O   . HOH D 4 .   ? -9.072  -0.422  6.973   1.00 12.31 ? 2042 HOH A O   1 
HETATM 1211 O  O   . HOH D 4 .   ? -14.429 -4.027  5.896   1.00 17.40 ? 2043 HOH A O   1 
HETATM 1212 O  O   . HOH D 4 .   ? -15.507 -11.994 3.002   1.00 34.90 ? 2044 HOH A O   1 
HETATM 1213 O  O   . HOH D 4 .   ? -17.133 -10.576 0.520   1.00 33.27 ? 2045 HOH A O   1 
HETATM 1214 O  O   . HOH D 4 .   ? -6.743  -11.869 7.060   1.00 32.46 ? 2046 HOH A O   1 
HETATM 1215 O  O   . HOH D 4 .   ? -15.869 -7.228  -4.607  1.00 32.61 ? 2047 HOH A O   1 
HETATM 1216 O  O   . HOH D 4 .   ? -13.562 -14.053 -1.059  1.00 24.53 ? 2048 HOH A O   1 
HETATM 1217 O  O   . HOH D 4 .   ? -8.726  -12.721 -4.874  1.00 37.11 ? 2049 HOH A O   1 
HETATM 1218 O  O   . HOH D 4 .   ? -16.723 -12.575 -3.651  1.00 26.77 ? 2050 HOH A O   1 
HETATM 1219 O  O   . HOH D 4 .   ? -16.155 -10.134 -9.590  1.00 37.04 ? 2051 HOH A O   1 
HETATM 1220 O  O   . HOH D 4 .   ? -17.643 -8.735  -7.530  1.00 51.74 ? 2052 HOH A O   1 
HETATM 1221 O  O   . HOH D 4 .   ? -14.748 -4.967  -6.616  1.00 40.84 ? 2053 HOH A O   1 
HETATM 1222 O  O   . HOH D 4 .   ? -15.373 -4.682  -3.728  1.00 39.82 ? 2054 HOH A O   1 
HETATM 1223 O  O   . HOH D 4 .   ? -12.812 -7.051  -1.426  1.00 16.33 ? 2055 HOH A O   1 
HETATM 1224 O  O   . HOH D 4 .   ? 10.066  -14.786 -11.581 1.00 52.92 ? 2056 HOH A O   1 
HETATM 1225 O  O   . HOH D 4 .   ? -1.642  -15.600 -4.975  1.00 46.75 ? 2057 HOH A O   1 
HETATM 1226 O  O   . HOH D 4 .   ? -11.325 0.992   7.439   1.00 13.65 ? 2058 HOH A O   1 
HETATM 1227 O  O   . HOH D 4 .   ? 2.096   -15.636 0.652   1.00 45.88 ? 2059 HOH A O   1 
HETATM 1228 O  O   . HOH D 4 .   ? -0.022  -14.591 4.309   1.00 45.68 ? 2060 HOH A O   1 
HETATM 1229 O  O   . HOH D 4 .   ? -1.411  -22.076 -0.305  1.00 58.61 ? 2061 HOH A O   1 
HETATM 1230 O  O   . HOH D 4 .   ? -10.713 -14.266 -0.996  1.00 25.11 ? 2062 HOH A O   1 
HETATM 1231 O  O   . HOH D 4 .   ? -9.826  -17.710 1.493   1.00 42.86 ? 2063 HOH A O   1 
HETATM 1232 O  O   . HOH D 4 .   ? -12.037 -14.873 3.705   1.00 33.89 ? 2064 HOH A O   1 
HETATM 1233 O  O   . HOH D 4 .   ? -9.561  -15.491 7.244   1.00 53.86 ? 2065 HOH A O   1 
HETATM 1234 O  O   . HOH D 4 .   ? -2.556  -14.519 8.252   1.00 53.03 ? 2066 HOH A O   1 
HETATM 1235 O  O   . HOH D 4 .   ? -9.781  12.620  7.868   1.00 27.00 ? 2067 HOH A O   1 
HETATM 1236 O  O   . HOH D 4 .   ? -4.858  12.070  10.643  1.00 28.22 ? 2068 HOH A O   1 
HETATM 1237 O  O   . HOH D 4 .   ? -3.094  14.339  4.956   1.00 31.30 ? 2069 HOH A O   1 
HETATM 1238 O  O   . HOH D 4 .   ? -5.786  7.109   10.703  1.00 15.98 ? 2070 HOH A O   1 
HETATM 1239 O  O   . HOH D 4 .   ? -5.117  0.790   14.834  1.00 31.87 ? 2071 HOH A O   1 
HETATM 1240 O  O   . HOH D 4 .   ? -12.384 9.674   14.327  1.00 43.55 ? 2072 HOH A O   1 
HETATM 1241 O  O   . HOH D 4 .   ? -15.276 3.202   12.543  1.00 32.04 ? 2073 HOH A O   1 
HETATM 1242 O  O   . HOH D 4 .   ? -15.011 7.457   11.333  1.00 33.60 ? 2074 HOH A O   1 
HETATM 1243 O  O   . HOH D 4 .   ? 3.310   -11.208 9.641   1.00 42.95 ? 2075 HOH A O   1 
HETATM 1244 O  O   . HOH D 4 .   ? 1.475   -11.861 2.771   1.00 31.69 ? 2076 HOH A O   1 
HETATM 1245 O  O   . HOH D 4 .   ? 4.255   -12.464 5.461   1.00 37.77 ? 2077 HOH A O   1 
HETATM 1246 O  O   . HOH D 4 .   ? 4.118   -11.483 1.986   1.00 44.07 ? 2078 HOH A O   1 
HETATM 1247 O  O   . HOH D 4 .   ? 4.159   -16.576 2.972   1.00 45.38 ? 2079 HOH A O   1 
HETATM 1248 O  O   . HOH D 4 .   ? 2.229   -17.442 5.677   1.00 46.16 ? 2080 HOH A O   1 
HETATM 1249 O  O   . HOH D 4 .   ? 6.854   -12.496 2.083   1.00 35.25 ? 2081 HOH A O   1 
HETATM 1250 O  O   . HOH D 4 .   ? 9.907   -12.403 2.098   1.00 19.32 ? 2082 HOH A O   1 
HETATM 1251 O  O   . HOH D 4 .   ? 11.328  -14.564 14.362  1.00 58.04 ? 2083 HOH A O   1 
HETATM 1252 O  O   . HOH D 4 .   ? 10.462  -14.636 7.961   1.00 19.65 ? 2084 HOH A O   1 
HETATM 1253 O  O   . HOH D 4 .   ? 7.718   -13.941 11.803  1.00 59.80 ? 2085 HOH A O   1 
HETATM 1254 O  O   . HOH D 4 .   ? 11.896  -10.371 1.506   1.00 22.99 ? 2086 HOH A O   1 
HETATM 1255 O  O   . HOH D 4 .   ? 5.092   -14.187 3.545   1.00 42.28 ? 2087 HOH A O   1 
HETATM 1256 O  O   . HOH D 4 .   ? 13.269  -8.651  -0.108  1.00 19.86 ? 2088 HOH A O   1 
HETATM 1257 O  O   . HOH D 4 .   ? 20.954  -8.092  0.087   1.00 20.14 ? 2089 HOH A O   1 
HETATM 1258 O  O   . HOH D 4 .   ? 15.067  -4.532  -4.194  1.00 15.23 ? 2090 HOH A O   1 
HETATM 1259 O  O   . HOH D 4 .   ? 22.260  -6.846  -1.730  1.00 27.88 ? 2091 HOH A O   1 
HETATM 1260 O  O   . HOH D 4 .   ? 18.244  3.132   -1.895  1.00 30.81 ? 2092 HOH A O   1 
HETATM 1261 O  O   . HOH D 4 .   ? 18.969  -3.227  -3.073  1.00 19.41 ? 2093 HOH A O   1 
HETATM 1262 O  O   . HOH D 4 .   ? -18.544 -1.424  -7.910  1.00 48.32 ? 2094 HOH A O   1 
HETATM 1263 O  O   . HOH D 4 .   ? 15.720  3.324   -7.695  1.00 31.87 ? 2095 HOH A O   1 
HETATM 1264 O  O   . HOH D 4 .   ? 19.046  4.195   -5.694  1.00 42.90 ? 2096 HOH A O   1 
HETATM 1265 O  O   . HOH D 4 .   ? 20.205  1.438   -2.991  1.00 47.82 ? 2097 HOH A O   1 
HETATM 1266 O  O   . HOH D 4 .   ? 14.469  0.963   -8.807  1.00 30.43 ? 2098 HOH A O   1 
HETATM 1267 O  O   . HOH D 4 .   ? 20.247  -1.944  -5.467  1.00 45.68 ? 2099 HOH A O   1 
HETATM 1268 O  O   . HOH D 4 .   ? 13.363  -2.937  -9.031  1.00 25.40 ? 2100 HOH A O   1 
HETATM 1269 O  O   . HOH D 4 .   ? 21.049  2.344   -6.322  1.00 49.52 ? 2101 HOH A O   1 
HETATM 1270 O  O   . HOH D 4 .   ? -17.599 0.917   -6.349  1.00 44.26 ? 2102 HOH A O   1 
HETATM 1271 O  O   . HOH D 4 .   ? -20.008 10.948  -7.572  1.00 38.41 ? 2103 HOH A O   1 
HETATM 1272 O  O   . HOH D 4 .   ? -16.331 13.106  -8.541  1.00 37.69 ? 2104 HOH A O   1 
HETATM 1273 O  O   . HOH D 4 .   ? -20.164 11.487  -3.317  1.00 43.72 ? 2105 HOH A O   1 
HETATM 1274 O  O   . HOH D 4 .   ? -21.556 5.241   -5.299  1.00 49.33 ? 2106 HOH A O   1 
HETATM 1275 O  O   A HOH D 4 .   ? 10.265  9.669   -8.263  0.50 53.13 ? 2107 HOH A O   1 
HETATM 1276 O  O   . HOH D 4 .   ? -14.802 0.463   -6.248  1.00 26.92 ? 2108 HOH A O   1 
HETATM 1277 O  O   . HOH D 4 .   ? 16.598  1.447   10.035  1.00 40.63 ? 2109 HOH A O   1 
HETATM 1278 O  O   . HOH D 4 .   ? -17.226 10.742  -8.153  1.00 24.97 ? 2110 HOH A O   1 
HETATM 1279 O  O   . HOH D 4 .   ? -18.264 3.427   -7.319  1.00 26.34 ? 2111 HOH A O   1 
HETATM 1280 O  O   . HOH D 4 .   ? -19.721 9.775   0.745   1.00 35.00 ? 2112 HOH A O   1 
HETATM 1281 O  O   . HOH D 4 .   ? -19.110 5.277   -4.014  1.00 23.71 ? 2113 HOH A O   1 
HETATM 1282 O  O   . HOH D 4 .   ? -19.193 3.426   0.072   1.00 26.06 ? 2114 HOH A O   1 
HETATM 1283 O  O   . HOH D 4 .   ? -20.410 9.760   -5.282  1.00 34.71 ? 2115 HOH A O   1 
HETATM 1284 O  O   . HOH D 4 .   ? -17.769 11.665  -1.238  1.00 25.53 ? 2116 HOH A O   1 
HETATM 1285 O  O   . HOH D 4 .   ? 16.495  8.326   10.694  1.00 47.66 ? 2117 HOH A O   1 
HETATM 1286 O  O   . HOH D 4 .   ? -13.256 14.825  -7.580  1.00 24.86 ? 2118 HOH A O   1 
HETATM 1287 O  O   . HOH D 4 .   ? -1.001  9.139   -9.935  1.00 38.32 ? 2119 HOH A O   1 
HETATM 1288 O  O   A HOH D 4 .   ? 6.061   11.763  -6.702  0.50 52.55 ? 2120 HOH A O   1 
HETATM 1289 O  O   . HOH D 4 .   ? -14.710 16.918  -6.506  1.00 44.52 ? 2121 HOH A O   1 
HETATM 1290 O  O   . HOH D 4 .   ? -14.930 17.258  -1.604  1.00 42.25 ? 2122 HOH A O   1 
HETATM 1291 O  O   . HOH D 4 .   ? -13.869 15.670  1.331   1.00 27.65 ? 2123 HOH A O   1 
HETATM 1292 O  O   . HOH D 4 .   ? -8.743  17.070  -7.005  1.00 46.37 ? 2124 HOH A O   1 
HETATM 1293 O  O   . HOH D 4 .   ? -7.480  17.060  -3.184  1.00 28.88 ? 2125 HOH A O   1 
HETATM 1294 O  O   . HOH D 4 .   ? -17.037 -0.350  -10.192 1.00 52.38 ? 2126 HOH A O   1 
HETATM 1295 O  O   . HOH D 4 .   ? -5.073  -3.161  -15.061 1.00 38.72 ? 2127 HOH A O   1 
HETATM 1296 O  O   . HOH D 4 .   ? -5.243  3.996   -16.727 1.00 40.77 ? 2128 HOH A O   1 
HETATM 1297 O  O   . HOH D 4 .   ? 0.670   -5.281  -12.003 1.00 33.73 ? 2129 HOH A O   1 
HETATM 1298 O  O   . HOH D 4 .   ? -1.766  13.907  0.805   1.00 24.02 ? 2130 HOH A O   1 
HETATM 1299 O  O   . HOH D 4 .   ? -5.205  16.304  -4.256  1.00 18.55 ? 2131 HOH A O   1 
HETATM 1300 O  O   . HOH D 4 .   ? 11.695  7.306   -7.125  1.00 54.35 ? 2132 HOH A O   1 
HETATM 1301 O  O   . HOH D 4 .   ? 3.698   10.842  4.096   1.00 38.65 ? 2133 HOH A O   1 
HETATM 1302 O  O   . HOH D 4 .   ? 0.880   6.195   -3.908  1.00 18.84 ? 2134 HOH A O   1 
HETATM 1303 O  O   . HOH D 4 .   ? 5.059   6.609   0.550   1.00 19.94 ? 2135 HOH A O   1 
HETATM 1304 O  O   . HOH D 4 .   ? 21.069  -4.162  8.504   1.00 42.79 ? 2136 HOH A O   1 
HETATM 1305 O  O   . HOH D 4 .   ? 18.320  -13.525 10.637  1.00 38.61 ? 2137 HOH A O   1 
HETATM 1306 O  O   . HOH D 4 .   ? 0.669   -7.354  12.926  1.00 34.01 ? 2138 HOH A O   1 
HETATM 1307 O  O   . HOH D 4 .   ? 2.965   -3.604  18.581  1.00 55.45 ? 2139 HOH A O   1 
HETATM 1308 O  O   . HOH D 4 .   ? -17.005 7.034   4.821   1.00 35.13 ? 2140 HOH A O   1 
HETATM 1309 O  O   . HOH D 4 .   ? 15.903  1.388   12.617  1.00 40.30 ? 2141 HOH A O   1 
HETATM 1310 O  O   . HOH D 4 .   ? 10.001  4.641   14.810  1.00 30.50 ? 2142 HOH A O   1 
HETATM 1311 O  O   . HOH D 4 .   ? 8.540   8.970   10.215  1.00 44.13 ? 2143 HOH A O   1 
HETATM 1312 O  O   . HOH D 4 .   ? 16.732  6.178   15.384  1.00 19.09 ? 2144 HOH A O   1 
HETATM 1313 O  O   . HOH D 4 .   ? 18.053  6.520   11.968  1.00 40.03 ? 2145 HOH A O   1 
HETATM 1314 O  O   . HOH D 4 .   ? 11.996  6.995   6.996   1.00 23.92 ? 2146 HOH A O   1 
HETATM 1315 O  O   . HOH D 4 .   ? 22.478  -8.932  -5.887  1.00 35.18 ? 2147 HOH A O   1 
HETATM 1316 O  O   . HOH D 4 .   ? 6.227   12.494  2.338   1.00 51.38 ? 2148 HOH A O   1 
HETATM 1317 O  O   . HOH D 4 .   ? 7.675   13.154  -1.590  1.00 53.99 ? 2149 HOH A O   1 
HETATM 1318 O  O   . HOH D 4 .   ? 12.134  8.362   -2.330  1.00 44.17 ? 2150 HOH A O   1 
HETATM 1319 O  O   . HOH D 4 .   ? 4.907   12.877  -2.063  1.00 37.99 ? 2151 HOH A O   1 
HETATM 1320 O  O   . HOH D 4 .   ? 3.836   10.931  -0.109  1.00 26.89 ? 2152 HOH A O   1 
HETATM 1321 O  O   . HOH D 4 .   ? 4.641   8.851   -6.343  1.00 29.49 ? 2153 HOH A O   1 
HETATM 1322 O  O   . HOH D 4 .   ? 3.071   12.377  -6.840  1.00 41.90 ? 2154 HOH A O   1 
HETATM 1323 O  O   . HOH D 4 .   ? 1.375   7.888   -8.576  1.00 38.15 ? 2155 HOH A O   1 
HETATM 1324 O  O   . HOH D 4 .   ? -0.401  12.018  -8.763  1.00 25.64 ? 2156 HOH A O   1 
HETATM 1325 O  O   . HOH D 4 .   ? -10.377 14.712  -8.123  1.00 21.53 ? 2157 HOH A O   1 
HETATM 1326 O  O   . HOH D 4 .   ? -10.020 11.224  -4.727  1.00 15.23 ? 2158 HOH A O   1 
HETATM 1327 O  O   . HOH D 4 .   ? -6.647  15.273  -14.211 1.00 33.20 ? 2159 HOH A O   1 
HETATM 1328 O  O   . HOH D 4 .   ? -5.839  16.423  -6.815  1.00 22.58 ? 2160 HOH A O   1 
HETATM 1329 O  O   . HOH D 4 .   ? -11.261 3.209   -10.048 1.00 23.57 ? 2161 HOH A O   1 
HETATM 1330 O  O   . HOH D 4 .   ? -14.721 1.148   -12.054 1.00 31.91 ? 2162 HOH A O   1 
HETATM 1331 O  O   . HOH D 4 .   ? -16.538 2.124   -9.068  1.00 36.61 ? 2163 HOH A O   1 
HETATM 1332 O  O   . HOH D 4 .   ? -16.812 3.465   -16.458 1.00 28.27 ? 2164 HOH A O   1 
HETATM 1333 O  O   . HOH D 4 .   ? -15.499 10.647  -15.875 1.00 23.23 ? 2165 HOH A O   1 
HETATM 1334 O  O   . HOH D 4 .   ? -18.119 8.792   -14.507 1.00 39.91 ? 2166 HOH A O   1 
HETATM 1335 O  O   . HOH D 4 .   ? -8.773  5.465   -16.961 1.00 28.02 ? 2167 HOH A O   1 
HETATM 1336 O  O   . HOH D 4 .   ? -13.132 -3.101  -11.976 1.00 39.34 ? 2168 HOH A O   1 
HETATM 1337 O  O   . HOH D 4 .   ? -7.421  -4.618  -14.164 1.00 32.34 ? 2169 HOH A O   1 
HETATM 1338 O  O   . HOH D 4 .   ? -4.166  -0.642  -15.067 1.00 29.58 ? 2170 HOH A O   1 
HETATM 1339 O  O   . HOH D 4 .   ? -2.575  5.409   -12.877 1.00 60.12 ? 2171 HOH A O   1 
HETATM 1340 O  O   . HOH D 4 .   ? -0.614  -3.471  -13.950 1.00 27.35 ? 2172 HOH A O   1 
HETATM 1341 O  O   . HOH D 4 .   ? -3.352  3.021   -14.524 1.00 25.82 ? 2173 HOH A O   1 
HETATM 1342 O  O   . HOH D 4 .   ? -0.019  5.650   -11.752 1.00 47.27 ? 2174 HOH A O   1 
HETATM 1343 O  O   . HOH D 4 .   ? 1.885   5.636   -10.025 1.00 26.48 ? 2175 HOH A O   1 
HETATM 1344 O  O   . HOH D 4 .   ? 1.670   6.055   -6.455  1.00 29.18 ? 2176 HOH A O   1 
HETATM 1345 O  O   . HOH D 4 .   ? 7.967   6.136   -6.993  1.00 30.81 ? 2177 HOH A O   1 
HETATM 1346 O  O   . HOH D 4 .   ? 7.742   4.069   -8.977  1.00 40.03 ? 2178 HOH A O   1 
HETATM 1347 O  O   . HOH D 4 .   ? 11.950  2.878   -10.185 1.00 35.83 ? 2179 HOH A O   1 
HETATM 1348 O  O   . HOH D 4 .   ? 10.406  7.084   -3.875  1.00 37.18 ? 2180 HOH A O   1 
HETATM 1349 O  O   . HOH D 4 .   ? 19.072  6.833   -2.149  1.00 41.74 ? 2181 HOH A O   1 
HETATM 1350 O  O   . HOH D 4 .   ? 14.681  6.132   -7.081  1.00 45.10 ? 2182 HOH A O   1 
HETATM 1351 O  O   . HOH D 4 .   ? 10.685  8.407   3.041   1.00 28.37 ? 2183 HOH A O   1 
HETATM 1352 O  O   . HOH D 4 .   ? 16.118  9.180   2.119   1.00 33.84 ? 2184 HOH A O   1 
HETATM 1353 O  O   . HOH D 4 .   ? 17.181  8.091   4.520   1.00 44.53 ? 2185 HOH A O   1 
HETATM 1354 O  O   . HOH D 4 .   ? 20.146  1.670   8.023   1.00 45.06 ? 2186 HOH A O   1 
HETATM 1355 O  O   . HOH D 4 .   ? 17.011  -1.273  8.784   1.00 18.84 ? 2187 HOH A O   1 
HETATM 1356 O  O   . HOH D 4 .   ? 22.528  -2.547  0.972   1.00 32.29 ? 2188 HOH A O   1 
HETATM 1357 O  O   . HOH D 4 .   ? 20.877  -1.514  5.562   1.00 38.93 ? 2189 HOH A O   1 
HETATM 1358 O  O   . HOH D 4 .   ? 19.688  -1.648  8.067   1.00 44.54 ? 2190 HOH A O   1 
HETATM 1359 O  O   . HOH D 4 .   ? 16.108  -3.285  10.599  1.00 25.17 ? 2191 HOH A O   1 
HETATM 1360 O  O   . HOH D 4 .   ? 16.088  -12.670 9.269   1.00 30.04 ? 2192 HOH A O   1 
HETATM 1361 O  O   . HOH D 4 .   ? 20.876  -7.003  8.553   1.00 52.09 ? 2193 HOH A O   1 
HETATM 1362 O  O   . HOH D 4 .   ? 18.742  -10.258 12.611  1.00 40.55 ? 2194 HOH A O   1 
HETATM 1363 O  O   . HOH D 4 .   ? 22.251  -8.667  10.234  1.00 48.77 ? 2195 HOH A O   1 
HETATM 1364 O  O   . HOH D 4 .   ? 18.594  -5.895  10.490  1.00 33.18 ? 2196 HOH A O   1 
HETATM 1365 O  O   . HOH D 4 .   ? 15.161  -1.488  12.994  1.00 45.14 ? 2197 HOH A O   1 
HETATM 1366 O  O   . HOH D 4 .   ? 8.281   -13.346 9.213   1.00 25.19 ? 2198 HOH A O   1 
HETATM 1367 O  O   . HOH D 4 .   ? 9.257   -7.475  12.757  1.00 36.96 ? 2199 HOH A O   1 
HETATM 1368 O  O   . HOH D 4 .   ? 5.083   -9.724  11.931  1.00 43.12 ? 2200 HOH A O   1 
HETATM 1369 O  O   . HOH D 4 .   ? -0.646  -3.467  11.495  1.00 31.07 ? 2201 HOH A O   1 
HETATM 1370 O  O   . HOH D 4 .   ? -2.800  3.112   7.037   1.00 13.43 ? 2202 HOH A O   1 
HETATM 1371 O  O   . HOH D 4 .   ? -1.000  14.535  6.749   1.00 46.75 ? 2203 HOH A O   1 
HETATM 1372 O  O   . HOH D 4 .   ? -6.359  15.741  6.798   1.00 44.08 ? 2204 HOH A O   1 
HETATM 1373 O  O   . HOH D 4 .   ? -9.823  15.184  0.770   1.00 21.94 ? 2205 HOH A O   1 
HETATM 1374 O  O   . HOH D 4 .   ? -15.687 13.380  2.950   1.00 42.05 ? 2206 HOH A O   1 
HETATM 1375 O  O   . HOH D 4 .   ? -12.778 11.813  6.136   1.00 26.38 ? 2207 HOH A O   1 
HETATM 1376 O  O   . HOH D 4 .   ? -15.760 9.221   5.458   1.00 31.67 ? 2208 HOH A O   1 
HETATM 1377 O  O   . HOH D 4 .   ? -16.351 4.620   3.715   1.00 22.62 ? 2209 HOH A O   1 
HETATM 1378 O  O   . HOH D 4 .   ? -18.667 7.014   2.275   1.00 32.63 ? 2210 HOH A O   1 
HETATM 1379 O  O   . HOH D 4 .   ? -13.939 -0.265  -3.836  1.00 21.78 ? 2211 HOH A O   1 
HETATM 1380 O  O   . HOH D 4 .   ? -18.113 0.986   -2.411  1.00 26.21 ? 2212 HOH A O   1 
HETATM 1381 O  O   . HOH D 4 .   ? -3.400  -10.860 -7.323  1.00 27.48 ? 2213 HOH A O   1 
HETATM 1382 O  O   . HOH D 4 .   ? -14.024 -5.407  -11.061 1.00 33.15 ? 2214 HOH A O   1 
HETATM 1383 O  O   . HOH D 4 .   ? -7.308  -10.816 -6.546  1.00 29.97 ? 2215 HOH A O   1 
HETATM 1384 O  O   . HOH D 4 .   ? -3.976  -7.701  -11.539 1.00 23.35 ? 2216 HOH A O   1 
HETATM 1385 O  O   . HOH D 4 .   ? 0.014   -5.701  -9.336  1.00 18.34 ? 2217 HOH A O   1 
HETATM 1386 O  O   . HOH D 4 .   ? 4.309   -5.157  -11.965 1.00 36.25 ? 2218 HOH A O   1 
HETATM 1387 O  O   . HOH D 4 .   ? 6.466   -4.574  -9.678  1.00 19.96 ? 2219 HOH A O   1 
HETATM 1388 O  O   . HOH D 4 .   ? 8.189   -6.920  -13.026 1.00 34.90 ? 2220 HOH A O   1 
HETATM 1389 O  O   . HOH D 4 .   ? 19.717  -5.453  -4.453  1.00 28.29 ? 2221 HOH A O   1 
HETATM 1390 O  O   . HOH D 4 .   ? 21.884  -6.053  -8.014  1.00 52.84 ? 2222 HOH A O   1 
HETATM 1391 O  O   . HOH D 4 .   ? 21.033  -7.975  -3.671  1.00 26.06 ? 2223 HOH A O   1 
HETATM 1392 O  O   . HOH D 4 .   ? 17.479  -13.862 -5.984  1.00 15.75 ? 2224 HOH A O   1 
HETATM 1393 O  O   . HOH D 4 .   ? 21.404  -9.237  -8.543  1.00 27.41 ? 2225 HOH A O   1 
HETATM 1394 O  O   . HOH D 4 .   ? 18.339  -18.148 -12.316 1.00 45.01 ? 2226 HOH A O   1 
HETATM 1395 O  O   . HOH D 4 .   ? -1.544  3.736   15.174  1.00 35.89 ? 2227 HOH A O   1 
HETATM 1396 O  O   . HOH D 4 .   ? 6.851   7.213   14.671  1.00 19.63 ? 2228 HOH A O   1 
HETATM 1397 O  O   . HOH D 4 .   ? 4.875   15.065  8.143   1.00 30.88 ? 2229 HOH A O   1 
HETATM 1398 O  O   . HOH D 4 .   ? 1.424   8.919   6.443   1.00 36.03 ? 2230 HOH A O   1 
HETATM 1399 O  O   . HOH D 4 .   ? 9.450   18.132  4.620   1.00 45.78 ? 2231 HOH A O   1 
# 
